data_2DU9
# 
_entry.id   2DU9 
# 
_audit_conform.dict_name       mmcif_pdbx.dic 
_audit_conform.dict_version    5.399 
_audit_conform.dict_location   http://mmcif.pdb.org/dictionaries/ascii/mmcif_pdbx.dic 
# 
loop_
_database_2.database_id 
_database_2.database_code 
_database_2.pdbx_database_accession 
_database_2.pdbx_DOI 
PDB   2DU9         pdb_00002du9 10.2210/pdb2du9/pdb 
RCSB  RCSB025850   ?            ?                   
WWPDB D_1000025850 ?            ?                   
# 
loop_
_pdbx_audit_revision_history.ordinal 
_pdbx_audit_revision_history.data_content_type 
_pdbx_audit_revision_history.major_revision 
_pdbx_audit_revision_history.minor_revision 
_pdbx_audit_revision_history.revision_date 
1 'Structure model' 1 0 2007-07-24 
2 'Structure model' 1 1 2008-04-30 
3 'Structure model' 1 2 2011-07-13 
4 'Structure model' 1 3 2024-11-20 
# 
_pdbx_audit_revision_details.ordinal             1 
_pdbx_audit_revision_details.revision_ordinal    1 
_pdbx_audit_revision_details.data_content_type   'Structure model' 
_pdbx_audit_revision_details.provider            repository 
_pdbx_audit_revision_details.type                'Initial release' 
_pdbx_audit_revision_details.description         ? 
_pdbx_audit_revision_details.details             ? 
# 
loop_
_pdbx_audit_revision_group.ordinal 
_pdbx_audit_revision_group.revision_ordinal 
_pdbx_audit_revision_group.data_content_type 
_pdbx_audit_revision_group.group 
1 2 'Structure model' 'Version format compliance' 
2 3 'Structure model' 'Derived calculations'      
3 3 'Structure model' 'Version format compliance' 
4 4 'Structure model' 'Data collection'           
5 4 'Structure model' 'Database references'       
6 4 'Structure model' 'Derived calculations'      
7 4 'Structure model' 'Structure summary'         
# 
loop_
_pdbx_audit_revision_category.ordinal 
_pdbx_audit_revision_category.revision_ordinal 
_pdbx_audit_revision_category.data_content_type 
_pdbx_audit_revision_category.category 
1 4 'Structure model' chem_comp_atom            
2 4 'Structure model' chem_comp_bond            
3 4 'Structure model' database_2                
4 4 'Structure model' pdbx_entry_details        
5 4 'Structure model' pdbx_modification_feature 
6 4 'Structure model' struct_conn               
7 4 'Structure model' struct_ref_seq_dif        
8 4 'Structure model' struct_site               
# 
loop_
_pdbx_audit_revision_item.ordinal 
_pdbx_audit_revision_item.revision_ordinal 
_pdbx_audit_revision_item.data_content_type 
_pdbx_audit_revision_item.item 
1 4 'Structure model' '_database_2.pdbx_DOI'                
2 4 'Structure model' '_database_2.pdbx_database_accession' 
3 4 'Structure model' '_struct_conn.pdbx_leaving_atom_flag' 
4 4 'Structure model' '_struct_ref_seq_dif.details'         
5 4 'Structure model' '_struct_site.pdbx_auth_asym_id'      
6 4 'Structure model' '_struct_site.pdbx_auth_comp_id'      
7 4 'Structure model' '_struct_site.pdbx_auth_seq_id'       
# 
_pdbx_database_status.status_code                     REL 
_pdbx_database_status.entry_id                        2DU9 
_pdbx_database_status.recvd_initial_deposition_date   2006-07-20 
_pdbx_database_status.deposit_site                    PDBJ 
_pdbx_database_status.process_site                    PDBJ 
_pdbx_database_status.status_code_sf                  REL 
_pdbx_database_status.status_code_mr                  ? 
_pdbx_database_status.SG_entry                        ? 
_pdbx_database_status.pdb_format_compatible           Y 
_pdbx_database_status.status_code_cs                  ? 
_pdbx_database_status.status_code_nmr_data            ? 
_pdbx_database_status.methods_development_category    ? 
# 
loop_
_audit_author.name 
_audit_author.pdbx_ordinal 
'Gao, Y.'    1 
'Yao, M.'    2 
'Tanaka, I.' 3 
# 
_citation.id                        primary 
_citation.title                     
;The structures of transcription factor CGL2947 from Corynebacterium glutamicum in two crystal forms: A novel homodimer assembling and the implication for effector-binding mode
;
_citation.journal_abbrev            'Protein Sci.' 
_citation.journal_volume            16 
_citation.page_first                1878 
_citation.page_last                 1886 
_citation.year                      2007 
_citation.journal_id_ASTM           PRCIEI 
_citation.country                   US 
_citation.journal_id_ISSN           0961-8368 
_citation.journal_id_CSD            0795 
_citation.book_publisher            ? 
_citation.pdbx_database_id_PubMed   17766384 
_citation.pdbx_database_id_DOI      10.1110/ps.072976907 
# 
loop_
_citation_author.citation_id 
_citation_author.name 
_citation_author.ordinal 
_citation_author.identifier_ORCID 
primary 'Gao, Y.'    1 ? 
primary 'Yao, M.'    2 ? 
primary 'Itou, H.'   3 ? 
primary 'Zhou, Y.'   4 ? 
primary 'Tanaka, I.' 5 ? 
# 
loop_
_entity.id 
_entity.type 
_entity.src_method 
_entity.pdbx_description 
_entity.formula_weight 
_entity.pdbx_number_of_molecules 
_entity.pdbx_ec 
_entity.pdbx_mutation 
_entity.pdbx_fragment 
_entity.details 
1 polymer     man 'Predicted transcriptional regulators' 14396.361 1  ? ? ? ? 
2 non-polymer syn '(4S)-2-METHYL-2,4-PENTANEDIOL'        118.174   1  ? ? ? ? 
3 water       nat water                                  18.015    47 ? ? ? ? 
# 
_entity_name_com.entity_id   1 
_entity_name_com.name        'Transcription factor, Bacterial regulatory protein, gntR family' 
# 
_entity_poly.entity_id                      1 
_entity_poly.type                           'polypeptide(L)' 
_entity_poly.nstd_linkage                   no 
_entity_poly.nstd_monomer                   yes 
_entity_poly.pdbx_seq_one_letter_code       
;MTVPLYKQIASLIEDSIVDGTLSIDQRVPSTNELAAFHRINPATARNGLTLLVEAGILYKKRGIG(MSE)FVSAQAPALI
RERRDAAFAATYVAPLIDESIHLGFTRARIHALLDQVAESRGLYKLEHHHHHH
;
_entity_poly.pdbx_seq_one_letter_code_can   
;MTVPLYKQIASLIEDSIVDGTLSIDQRVPSTNELAAFHRINPATARNGLTLLVEAGILYKKRGIGMFVSAQAPALIRERR
DAAFAATYVAPLIDESIHLGFTRARIHALLDQVAESRGLYKLEHHHHHH
;
_entity_poly.pdbx_strand_id                 A 
_entity_poly.pdbx_target_identifier         ? 
# 
loop_
_pdbx_entity_nonpoly.entity_id 
_pdbx_entity_nonpoly.name 
_pdbx_entity_nonpoly.comp_id 
2 '(4S)-2-METHYL-2,4-PENTANEDIOL' MPD 
3 water                           HOH 
# 
loop_
_entity_poly_seq.entity_id 
_entity_poly_seq.num 
_entity_poly_seq.mon_id 
_entity_poly_seq.hetero 
1 1   MET n 
1 2   THR n 
1 3   VAL n 
1 4   PRO n 
1 5   LEU n 
1 6   TYR n 
1 7   LYS n 
1 8   GLN n 
1 9   ILE n 
1 10  ALA n 
1 11  SER n 
1 12  LEU n 
1 13  ILE n 
1 14  GLU n 
1 15  ASP n 
1 16  SER n 
1 17  ILE n 
1 18  VAL n 
1 19  ASP n 
1 20  GLY n 
1 21  THR n 
1 22  LEU n 
1 23  SER n 
1 24  ILE n 
1 25  ASP n 
1 26  GLN n 
1 27  ARG n 
1 28  VAL n 
1 29  PRO n 
1 30  SER n 
1 31  THR n 
1 32  ASN n 
1 33  GLU n 
1 34  LEU n 
1 35  ALA n 
1 36  ALA n 
1 37  PHE n 
1 38  HIS n 
1 39  ARG n 
1 40  ILE n 
1 41  ASN n 
1 42  PRO n 
1 43  ALA n 
1 44  THR n 
1 45  ALA n 
1 46  ARG n 
1 47  ASN n 
1 48  GLY n 
1 49  LEU n 
1 50  THR n 
1 51  LEU n 
1 52  LEU n 
1 53  VAL n 
1 54  GLU n 
1 55  ALA n 
1 56  GLY n 
1 57  ILE n 
1 58  LEU n 
1 59  TYR n 
1 60  LYS n 
1 61  LYS n 
1 62  ARG n 
1 63  GLY n 
1 64  ILE n 
1 65  GLY n 
1 66  MSE n 
1 67  PHE n 
1 68  VAL n 
1 69  SER n 
1 70  ALA n 
1 71  GLN n 
1 72  ALA n 
1 73  PRO n 
1 74  ALA n 
1 75  LEU n 
1 76  ILE n 
1 77  ARG n 
1 78  GLU n 
1 79  ARG n 
1 80  ARG n 
1 81  ASP n 
1 82  ALA n 
1 83  ALA n 
1 84  PHE n 
1 85  ALA n 
1 86  ALA n 
1 87  THR n 
1 88  TYR n 
1 89  VAL n 
1 90  ALA n 
1 91  PRO n 
1 92  LEU n 
1 93  ILE n 
1 94  ASP n 
1 95  GLU n 
1 96  SER n 
1 97  ILE n 
1 98  HIS n 
1 99  LEU n 
1 100 GLY n 
1 101 PHE n 
1 102 THR n 
1 103 ARG n 
1 104 ALA n 
1 105 ARG n 
1 106 ILE n 
1 107 HIS n 
1 108 ALA n 
1 109 LEU n 
1 110 LEU n 
1 111 ASP n 
1 112 GLN n 
1 113 VAL n 
1 114 ALA n 
1 115 GLU n 
1 116 SER n 
1 117 ARG n 
1 118 GLY n 
1 119 LEU n 
1 120 TYR n 
1 121 LYS n 
1 122 LEU n 
1 123 GLU n 
1 124 HIS n 
1 125 HIS n 
1 126 HIS n 
1 127 HIS n 
1 128 HIS n 
1 129 HIS n 
# 
_entity_src_gen.entity_id                          1 
_entity_src_gen.pdbx_src_id                        1 
_entity_src_gen.pdbx_alt_source_flag               sample 
_entity_src_gen.pdbx_seq_type                      ? 
_entity_src_gen.pdbx_beg_seq_num                   ? 
_entity_src_gen.pdbx_end_seq_num                   ? 
_entity_src_gen.gene_src_common_name               ? 
_entity_src_gen.gene_src_genus                     Corynebacterium 
_entity_src_gen.pdbx_gene_src_gene                 ? 
_entity_src_gen.gene_src_species                   'Corynebacterium glutamicum' 
_entity_src_gen.gene_src_strain                    ATCC13032 
_entity_src_gen.gene_src_tissue                    ? 
_entity_src_gen.gene_src_tissue_fraction           ? 
_entity_src_gen.gene_src_details                   ? 
_entity_src_gen.pdbx_gene_src_fragment             ? 
_entity_src_gen.pdbx_gene_src_scientific_name      'Corynebacterium glutamicum ATCC 13032' 
_entity_src_gen.pdbx_gene_src_ncbi_taxonomy_id     196627 
_entity_src_gen.pdbx_gene_src_variant              ? 
_entity_src_gen.pdbx_gene_src_cell_line            ? 
_entity_src_gen.pdbx_gene_src_atcc                 ? 
_entity_src_gen.pdbx_gene_src_organ                ? 
_entity_src_gen.pdbx_gene_src_organelle            ? 
_entity_src_gen.pdbx_gene_src_cell                 ? 
_entity_src_gen.pdbx_gene_src_cellular_location    ? 
_entity_src_gen.host_org_common_name               ? 
_entity_src_gen.pdbx_host_org_scientific_name      'Escherichia coli' 
_entity_src_gen.pdbx_host_org_ncbi_taxonomy_id     562 
_entity_src_gen.host_org_genus                     Escherichia 
_entity_src_gen.pdbx_host_org_gene                 ? 
_entity_src_gen.pdbx_host_org_organ                ? 
_entity_src_gen.host_org_species                   ? 
_entity_src_gen.pdbx_host_org_tissue               ? 
_entity_src_gen.pdbx_host_org_tissue_fraction      ? 
_entity_src_gen.pdbx_host_org_strain               'B834(DE3)' 
_entity_src_gen.pdbx_host_org_variant              ? 
_entity_src_gen.pdbx_host_org_cell_line            ? 
_entity_src_gen.pdbx_host_org_atcc                 ? 
_entity_src_gen.pdbx_host_org_culture_collection   ? 
_entity_src_gen.pdbx_host_org_cell                 ? 
_entity_src_gen.pdbx_host_org_organelle            ? 
_entity_src_gen.pdbx_host_org_cellular_location    ? 
_entity_src_gen.pdbx_host_org_vector_type          PLASMID 
_entity_src_gen.pdbx_host_org_vector               ? 
_entity_src_gen.host_org_details                   ? 
_entity_src_gen.expression_system_id               ? 
_entity_src_gen.plasmid_name                       pET26 
_entity_src_gen.plasmid_details                    ? 
_entity_src_gen.pdbx_description                   ? 
# 
loop_
_chem_comp.id 
_chem_comp.type 
_chem_comp.mon_nstd_flag 
_chem_comp.name 
_chem_comp.pdbx_synonyms 
_chem_comp.formula 
_chem_comp.formula_weight 
ALA 'L-peptide linking' y ALANINE                         ? 'C3 H7 N O2'     89.093  
ARG 'L-peptide linking' y ARGININE                        ? 'C6 H15 N4 O2 1' 175.209 
ASN 'L-peptide linking' y ASPARAGINE                      ? 'C4 H8 N2 O3'    132.118 
ASP 'L-peptide linking' y 'ASPARTIC ACID'                 ? 'C4 H7 N O4'     133.103 
GLN 'L-peptide linking' y GLUTAMINE                       ? 'C5 H10 N2 O3'   146.144 
GLU 'L-peptide linking' y 'GLUTAMIC ACID'                 ? 'C5 H9 N O4'     147.129 
GLY 'peptide linking'   y GLYCINE                         ? 'C2 H5 N O2'     75.067  
HIS 'L-peptide linking' y HISTIDINE                       ? 'C6 H10 N3 O2 1' 156.162 
HOH non-polymer         . WATER                           ? 'H2 O'           18.015  
ILE 'L-peptide linking' y ISOLEUCINE                      ? 'C6 H13 N O2'    131.173 
LEU 'L-peptide linking' y LEUCINE                         ? 'C6 H13 N O2'    131.173 
LYS 'L-peptide linking' y LYSINE                          ? 'C6 H15 N2 O2 1' 147.195 
MET 'L-peptide linking' y METHIONINE                      ? 'C5 H11 N O2 S'  149.211 
MPD non-polymer         . '(4S)-2-METHYL-2,4-PENTANEDIOL' ? 'C6 H14 O2'      118.174 
MSE 'L-peptide linking' n SELENOMETHIONINE                ? 'C5 H11 N O2 Se' 196.106 
PHE 'L-peptide linking' y PHENYLALANINE                   ? 'C9 H11 N O2'    165.189 
PRO 'L-peptide linking' y PROLINE                         ? 'C5 H9 N O2'     115.130 
SER 'L-peptide linking' y SERINE                          ? 'C3 H7 N O3'     105.093 
THR 'L-peptide linking' y THREONINE                       ? 'C4 H9 N O3'     119.119 
TYR 'L-peptide linking' y TYROSINE                        ? 'C9 H11 N O3'    181.189 
VAL 'L-peptide linking' y VALINE                          ? 'C5 H11 N O2'    117.146 
# 
loop_
_pdbx_poly_seq_scheme.asym_id 
_pdbx_poly_seq_scheme.entity_id 
_pdbx_poly_seq_scheme.seq_id 
_pdbx_poly_seq_scheme.mon_id 
_pdbx_poly_seq_scheme.ndb_seq_num 
_pdbx_poly_seq_scheme.pdb_seq_num 
_pdbx_poly_seq_scheme.auth_seq_num 
_pdbx_poly_seq_scheme.pdb_mon_id 
_pdbx_poly_seq_scheme.auth_mon_id 
_pdbx_poly_seq_scheme.pdb_strand_id 
_pdbx_poly_seq_scheme.pdb_ins_code 
_pdbx_poly_seq_scheme.hetero 
A 1 1   MET 1   1   ?   ?   ?   A . n 
A 1 2   THR 2   2   ?   ?   ?   A . n 
A 1 3   VAL 3   3   3   VAL VAL A . n 
A 1 4   PRO 4   4   4   PRO PRO A . n 
A 1 5   LEU 5   5   5   LEU LEU A . n 
A 1 6   TYR 6   6   6   TYR TYR A . n 
A 1 7   LYS 7   7   7   LYS LYS A . n 
A 1 8   GLN 8   8   8   GLN GLN A . n 
A 1 9   ILE 9   9   9   ILE ILE A . n 
A 1 10  ALA 10  10  10  ALA ALA A . n 
A 1 11  SER 11  11  11  SER SER A . n 
A 1 12  LEU 12  12  12  LEU LEU A . n 
A 1 13  ILE 13  13  13  ILE ILE A . n 
A 1 14  GLU 14  14  14  GLU GLU A . n 
A 1 15  ASP 15  15  15  ASP ASP A . n 
A 1 16  SER 16  16  16  SER SER A . n 
A 1 17  ILE 17  17  17  ILE ILE A . n 
A 1 18  VAL 18  18  18  VAL VAL A . n 
A 1 19  ASP 19  19  19  ASP ASP A . n 
A 1 20  GLY 20  20  20  GLY GLY A . n 
A 1 21  THR 21  21  21  THR THR A . n 
A 1 22  LEU 22  22  22  LEU LEU A . n 
A 1 23  SER 23  23  23  SER SER A . n 
A 1 24  ILE 24  24  24  ILE ILE A . n 
A 1 25  ASP 25  25  25  ASP ASP A . n 
A 1 26  GLN 26  26  26  GLN GLN A . n 
A 1 27  ARG 27  27  27  ARG ARG A . n 
A 1 28  VAL 28  28  28  VAL VAL A . n 
A 1 29  PRO 29  29  29  PRO PRO A . n 
A 1 30  SER 30  30  30  SER SER A . n 
A 1 31  THR 31  31  31  THR THR A . n 
A 1 32  ASN 32  32  32  ASN ASN A . n 
A 1 33  GLU 33  33  33  GLU GLU A . n 
A 1 34  LEU 34  34  34  LEU LEU A . n 
A 1 35  ALA 35  35  35  ALA ALA A . n 
A 1 36  ALA 36  36  36  ALA ALA A . n 
A 1 37  PHE 37  37  37  PHE PHE A . n 
A 1 38  HIS 38  38  38  HIS HIS A . n 
A 1 39  ARG 39  39  39  ARG ARG A . n 
A 1 40  ILE 40  40  40  ILE ILE A . n 
A 1 41  ASN 41  41  41  ASN ASN A . n 
A 1 42  PRO 42  42  42  PRO PRO A . n 
A 1 43  ALA 43  43  43  ALA ALA A . n 
A 1 44  THR 44  44  44  THR THR A . n 
A 1 45  ALA 45  45  45  ALA ALA A . n 
A 1 46  ARG 46  46  46  ARG ARG A . n 
A 1 47  ASN 47  47  47  ASN ASN A . n 
A 1 48  GLY 48  48  48  GLY GLY A . n 
A 1 49  LEU 49  49  49  LEU LEU A . n 
A 1 50  THR 50  50  50  THR THR A . n 
A 1 51  LEU 51  51  51  LEU LEU A . n 
A 1 52  LEU 52  52  52  LEU LEU A . n 
A 1 53  VAL 53  53  53  VAL VAL A . n 
A 1 54  GLU 54  54  54  GLU GLU A . n 
A 1 55  ALA 55  55  55  ALA ALA A . n 
A 1 56  GLY 56  56  56  GLY GLY A . n 
A 1 57  ILE 57  57  57  ILE ILE A . n 
A 1 58  LEU 58  58  58  LEU LEU A . n 
A 1 59  TYR 59  59  59  TYR TYR A . n 
A 1 60  LYS 60  60  60  LYS LYS A . n 
A 1 61  LYS 61  61  61  LYS LYS A . n 
A 1 62  ARG 62  62  62  ARG ARG A . n 
A 1 63  GLY 63  63  63  GLY GLY A . n 
A 1 64  ILE 64  64  64  ILE ILE A . n 
A 1 65  GLY 65  65  65  GLY GLY A . n 
A 1 66  MSE 66  66  66  MSE MSE A . n 
A 1 67  PHE 67  67  67  PHE PHE A . n 
A 1 68  VAL 68  68  68  VAL VAL A . n 
A 1 69  SER 69  69  69  SER SER A . n 
A 1 70  ALA 70  70  70  ALA ALA A . n 
A 1 71  GLN 71  71  71  GLN GLN A . n 
A 1 72  ALA 72  72  72  ALA ALA A . n 
A 1 73  PRO 73  73  73  PRO PRO A . n 
A 1 74  ALA 74  74  74  ALA ALA A . n 
A 1 75  LEU 75  75  75  LEU LEU A . n 
A 1 76  ILE 76  76  76  ILE ILE A . n 
A 1 77  ARG 77  77  77  ARG ARG A . n 
A 1 78  GLU 78  78  78  GLU GLU A . n 
A 1 79  ARG 79  79  79  ARG ARG A . n 
A 1 80  ARG 80  80  80  ARG ARG A . n 
A 1 81  ASP 81  81  81  ASP ASP A . n 
A 1 82  ALA 82  82  82  ALA ALA A . n 
A 1 83  ALA 83  83  83  ALA ALA A . n 
A 1 84  PHE 84  84  84  PHE PHE A . n 
A 1 85  ALA 85  85  85  ALA ALA A . n 
A 1 86  ALA 86  86  86  ALA ALA A . n 
A 1 87  THR 87  87  87  THR THR A . n 
A 1 88  TYR 88  88  88  TYR TYR A . n 
A 1 89  VAL 89  89  89  VAL VAL A . n 
A 1 90  ALA 90  90  90  ALA ALA A . n 
A 1 91  PRO 91  91  91  PRO PRO A . n 
A 1 92  LEU 92  92  92  LEU LEU A . n 
A 1 93  ILE 93  93  93  ILE ILE A . n 
A 1 94  ASP 94  94  94  ASP ASP A . n 
A 1 95  GLU 95  95  95  GLU GLU A . n 
A 1 96  SER 96  96  96  SER SER A . n 
A 1 97  ILE 97  97  97  ILE ILE A . n 
A 1 98  HIS 98  98  98  HIS HIS A . n 
A 1 99  LEU 99  99  99  LEU LEU A . n 
A 1 100 GLY 100 100 100 GLY GLY A . n 
A 1 101 PHE 101 101 101 PHE PHE A . n 
A 1 102 THR 102 102 102 THR THR A . n 
A 1 103 ARG 103 103 103 ARG ARG A . n 
A 1 104 ALA 104 104 104 ALA ALA A . n 
A 1 105 ARG 105 105 105 ARG ARG A . n 
A 1 106 ILE 106 106 106 ILE ILE A . n 
A 1 107 HIS 107 107 107 HIS HIS A . n 
A 1 108 ALA 108 108 108 ALA ALA A . n 
A 1 109 LEU 109 109 109 LEU LEU A . n 
A 1 110 LEU 110 110 110 LEU LEU A . n 
A 1 111 ASP 111 111 111 ASP ASP A . n 
A 1 112 GLN 112 112 112 GLN GLN A . n 
A 1 113 VAL 113 113 113 VAL VAL A . n 
A 1 114 ALA 114 114 114 ALA ALA A . n 
A 1 115 GLU 115 115 115 GLU GLU A . n 
A 1 116 SER 116 116 116 SER SER A . n 
A 1 117 ARG 117 117 117 ARG ARG A . n 
A 1 118 GLY 118 118 118 GLY GLY A . n 
A 1 119 LEU 119 119 ?   ?   ?   A . n 
A 1 120 TYR 120 120 ?   ?   ?   A . n 
A 1 121 LYS 121 121 ?   ?   ?   A . n 
A 1 122 LEU 122 122 ?   ?   ?   A . n 
A 1 123 GLU 123 123 ?   ?   ?   A . n 
A 1 124 HIS 124 124 ?   ?   ?   A . n 
A 1 125 HIS 125 125 ?   ?   ?   A . n 
A 1 126 HIS 126 126 ?   ?   ?   A . n 
A 1 127 HIS 127 127 ?   ?   ?   A . n 
A 1 128 HIS 128 128 ?   ?   ?   A . n 
A 1 129 HIS 129 129 ?   ?   ?   A . n 
# 
loop_
_pdbx_nonpoly_scheme.asym_id 
_pdbx_nonpoly_scheme.entity_id 
_pdbx_nonpoly_scheme.mon_id 
_pdbx_nonpoly_scheme.ndb_seq_num 
_pdbx_nonpoly_scheme.pdb_seq_num 
_pdbx_nonpoly_scheme.auth_seq_num 
_pdbx_nonpoly_scheme.pdb_mon_id 
_pdbx_nonpoly_scheme.auth_mon_id 
_pdbx_nonpoly_scheme.pdb_strand_id 
_pdbx_nonpoly_scheme.pdb_ins_code 
B 2 MPD 1  130 101 MPD MPD A . 
C 3 HOH 1  131 1   HOH WAT A . 
C 3 HOH 2  132 2   HOH WAT A . 
C 3 HOH 3  133 3   HOH WAT A . 
C 3 HOH 4  134 4   HOH WAT A . 
C 3 HOH 5  135 5   HOH WAT A . 
C 3 HOH 6  136 6   HOH WAT A . 
C 3 HOH 7  137 7   HOH WAT A . 
C 3 HOH 8  138 8   HOH WAT A . 
C 3 HOH 9  139 9   HOH WAT A . 
C 3 HOH 10 140 10  HOH WAT A . 
C 3 HOH 11 141 11  HOH WAT A . 
C 3 HOH 12 142 12  HOH WAT A . 
C 3 HOH 13 143 13  HOH WAT A . 
C 3 HOH 14 144 14  HOH WAT A . 
C 3 HOH 15 145 15  HOH WAT A . 
C 3 HOH 16 146 16  HOH WAT A . 
C 3 HOH 17 147 17  HOH WAT A . 
C 3 HOH 18 148 18  HOH WAT A . 
C 3 HOH 19 149 19  HOH WAT A . 
C 3 HOH 20 150 20  HOH WAT A . 
C 3 HOH 21 151 21  HOH WAT A . 
C 3 HOH 22 152 22  HOH WAT A . 
C 3 HOH 23 153 23  HOH WAT A . 
C 3 HOH 24 154 24  HOH WAT A . 
C 3 HOH 25 155 25  HOH WAT A . 
C 3 HOH 26 156 26  HOH WAT A . 
C 3 HOH 27 157 27  HOH WAT A . 
C 3 HOH 28 158 28  HOH WAT A . 
C 3 HOH 29 159 29  HOH WAT A . 
C 3 HOH 30 160 30  HOH WAT A . 
C 3 HOH 31 161 31  HOH WAT A . 
C 3 HOH 32 162 32  HOH WAT A . 
C 3 HOH 33 163 33  HOH WAT A . 
C 3 HOH 34 164 34  HOH WAT A . 
C 3 HOH 35 165 35  HOH WAT A . 
C 3 HOH 36 166 36  HOH WAT A . 
C 3 HOH 37 167 37  HOH WAT A . 
C 3 HOH 38 168 38  HOH WAT A . 
C 3 HOH 39 169 39  HOH WAT A . 
C 3 HOH 40 170 40  HOH WAT A . 
C 3 HOH 41 171 41  HOH WAT A . 
C 3 HOH 42 172 42  HOH WAT A . 
C 3 HOH 43 173 43  HOH WAT A . 
C 3 HOH 44 174 44  HOH WAT A . 
C 3 HOH 45 175 45  HOH WAT A . 
C 3 HOH 46 176 46  HOH WAT A . 
C 3 HOH 47 177 47  HOH WAT A . 
# 
loop_
_software.name 
_software.classification 
_software.version 
_software.citation_id 
_software.pdbx_ordinal 
SOLVE    phasing          . ? 1 
CNS      refinement       . ? 2 
HKL-2000 'data reduction' . ? 3 
HKL-2000 'data scaling'   . ? 4 
# 
_cell.entry_id           2DU9 
_cell.length_a           46.95 
_cell.length_b           46.95 
_cell.length_c           152.480 
_cell.angle_alpha        90.00 
_cell.angle_beta         90.00 
_cell.angle_gamma        90.00 
_cell.Z_PDB              8 
_cell.pdbx_unique_axis   ? 
_cell.length_a_esd       ? 
_cell.length_b_esd       ? 
_cell.length_c_esd       ? 
_cell.angle_alpha_esd    ? 
_cell.angle_beta_esd     ? 
_cell.angle_gamma_esd    ? 
# 
_symmetry.entry_id                         2DU9 
_symmetry.space_group_name_H-M             'P 41 21 2' 
_symmetry.pdbx_full_space_group_name_H-M   ? 
_symmetry.cell_setting                     ? 
_symmetry.Int_Tables_number                92 
_symmetry.space_group_name_Hall            ? 
# 
_exptl.entry_id          2DU9 
_exptl.method            'X-RAY DIFFRACTION' 
_exptl.crystals_number   1 
# 
_exptl_crystal.id                    1 
_exptl_crystal.density_meas          ? 
_exptl_crystal.density_Matthews      2.92 
_exptl_crystal.density_percent_sol   57.84 
_exptl_crystal.description           ? 
_exptl_crystal.F_000                 ? 
_exptl_crystal.preparation           ? 
# 
_exptl_crystal_grow.crystal_id      1 
_exptl_crystal_grow.method          'VAPOR DIFFUSION, HANGING DROP' 
_exptl_crystal_grow.temp            293 
_exptl_crystal_grow.temp_details    ? 
_exptl_crystal_grow.pH              8.5 
_exptl_crystal_grow.pdbx_details    
'0.1M Tris-HCl, 12% 2-methyl-2,4 pentanediol, 0.1M Li2SO4, pH 8.5, VAPOR DIFFUSION, HANGING DROP, temperature 293K' 
_exptl_crystal_grow.pdbx_pH_range   . 
# 
_diffrn.id                     1 
_diffrn.ambient_temp           100 
_diffrn.ambient_temp_details   ? 
_diffrn.crystal_id             1 
# 
_diffrn_detector.diffrn_id              1 
_diffrn_detector.detector               CCD 
_diffrn_detector.type                   'ADSC QUANTUM 315' 
_diffrn_detector.pdbx_collection_date   2005-10-05 
_diffrn_detector.details                ? 
# 
_diffrn_radiation.diffrn_id                        1 
_diffrn_radiation.wavelength_id                    1 
_diffrn_radiation.pdbx_monochromatic_or_laue_m_l   M 
_diffrn_radiation.monochromator                    MIRRORS 
_diffrn_radiation.pdbx_diffrn_protocol             MAD 
_diffrn_radiation.pdbx_scattering_type             x-ray 
# 
loop_
_diffrn_radiation_wavelength.id 
_diffrn_radiation_wavelength.wavelength 
_diffrn_radiation_wavelength.wt 
1 0.9790 1.0 
2 0.9793 1.0 
3 0.9000 1.0 
# 
_diffrn_source.diffrn_id                   1 
_diffrn_source.source                      SYNCHROTRON 
_diffrn_source.type                        'SPRING-8 BEAMLINE BL41XU' 
_diffrn_source.pdbx_synchrotron_site       SPring-8 
_diffrn_source.pdbx_synchrotron_beamline   BL41XU 
_diffrn_source.pdbx_wavelength             ? 
_diffrn_source.pdbx_wavelength_list        '0.9790, 0.9793, 0.9000' 
# 
_reflns.entry_id                     2DU9 
_reflns.observed_criterion_sigma_F   -1 
_reflns.observed_criterion_sigma_I   -1 
_reflns.d_resolution_high            2.28 
_reflns.d_resolution_low             50.00 
_reflns.number_all                   8455 
_reflns.number_obs                   8392 
_reflns.percent_possible_obs         99.3 
_reflns.pdbx_Rmerge_I_obs            0.06 
_reflns.pdbx_Rsym_value              0.06 
_reflns.pdbx_netI_over_sigmaI        20.8 
_reflns.B_iso_Wilson_estimate        66.3 
_reflns.pdbx_redundancy              11.7 
_reflns.R_free_details               ? 
_reflns.limit_h_max                  ? 
_reflns.limit_h_min                  ? 
_reflns.limit_k_max                  ? 
_reflns.limit_k_min                  ? 
_reflns.limit_l_max                  ? 
_reflns.limit_l_min                  ? 
_reflns.observed_criterion_F_max     ? 
_reflns.observed_criterion_F_min     ? 
_reflns.pdbx_chi_squared             ? 
_reflns.pdbx_scaling_rejects         ? 
_reflns.pdbx_ordinal                 1 
_reflns.pdbx_diffrn_id               1 
# 
_reflns_shell.d_res_high             2.28 
_reflns_shell.d_res_low              2.36 
_reflns_shell.percent_possible_all   95.6 
_reflns_shell.Rmerge_I_obs           0.398 
_reflns_shell.pdbx_Rsym_value        0.387 
_reflns_shell.meanI_over_sigI_obs    2.3 
_reflns_shell.pdbx_redundancy        5.5 
_reflns_shell.percent_possible_obs   ? 
_reflns_shell.number_unique_all      768 
_reflns_shell.number_measured_all    ? 
_reflns_shell.number_measured_obs    ? 
_reflns_shell.number_unique_obs      ? 
_reflns_shell.pdbx_chi_squared       ? 
_reflns_shell.pdbx_ordinal           1 
_reflns_shell.pdbx_diffrn_id         1 
# 
_refine.entry_id                                 2DU9 
_refine.ls_d_res_high                            2.28 
_refine.ls_d_res_low                             20 
_refine.pdbx_ls_sigma_F                          0 
_refine.pdbx_ls_sigma_I                          0 
_refine.ls_number_reflns_all                     8373 
_refine.ls_number_reflns_obs                     8143 
_refine.ls_number_reflns_R_free                  798 
_refine.ls_percent_reflns_obs                    97.3 
_refine.ls_R_factor_all                          ? 
_refine.ls_R_factor_obs                          ? 
_refine.ls_R_factor_R_work                       0.265 
_refine.ls_R_factor_R_free                       0.283 
_refine.ls_redundancy_reflns_obs                 ? 
_refine.pdbx_data_cutoff_high_absF               ? 
_refine.pdbx_data_cutoff_low_absF                ? 
_refine.ls_number_parameters                     ? 
_refine.ls_number_restraints                     ? 
_refine.ls_percent_reflns_R_free                 ? 
_refine.ls_R_factor_R_free_error                 ? 
_refine.ls_R_factor_R_free_error_details         ? 
_refine.pdbx_method_to_determine_struct          MAD 
_refine.pdbx_starting_model                      ? 
_refine.pdbx_ls_cross_valid_method               THROUGHOUT 
_refine.pdbx_R_Free_selection_details            RANDOM 
_refine.pdbx_stereochem_target_val_spec_case     ? 
_refine.pdbx_stereochemistry_target_values       'Engh & Huber' 
_refine.solvent_model_details                    ? 
_refine.solvent_model_param_bsol                 ? 
_refine.solvent_model_param_ksol                 ? 
_refine.occupancy_max                            ? 
_refine.occupancy_min                            ? 
_refine.pdbx_isotropic_thermal_model             Isotropic 
_refine.B_iso_mean                               48.6114 
_refine.aniso_B[1][1]                            -0.147 
_refine.aniso_B[1][2]                            0.000 
_refine.aniso_B[1][3]                            0.000 
_refine.aniso_B[2][2]                            -0.147 
_refine.aniso_B[2][3]                            0.000 
_refine.aniso_B[3][3]                            0.293 
_refine.details                                  ? 
_refine.B_iso_min                                ? 
_refine.B_iso_max                                ? 
_refine.correlation_coeff_Fo_to_Fc               ? 
_refine.correlation_coeff_Fo_to_Fc_free          ? 
_refine.pdbx_solvent_vdw_probe_radii             ? 
_refine.pdbx_solvent_ion_probe_radii             ? 
_refine.pdbx_solvent_shrinkage_radii             ? 
_refine.overall_SU_R_Cruickshank_DPI             ? 
_refine.overall_SU_R_free                        ? 
_refine.overall_SU_ML                            ? 
_refine.overall_SU_B                             ? 
_refine.pdbx_overall_ESU_R_Free                  ? 
_refine.pdbx_data_cutoff_high_rms_absF           ? 
_refine.pdbx_overall_ESU_R                       ? 
_refine.ls_wR_factor_R_free                      ? 
_refine.ls_wR_factor_R_work                      ? 
_refine.overall_FOM_free_R_set                   ? 
_refine.overall_FOM_work_R_set                   ? 
_refine.pdbx_refine_id                           'X-RAY DIFFRACTION' 
_refine.pdbx_diffrn_id                           1 
_refine.pdbx_TLS_residual_ADP_flag               ? 
_refine.pdbx_overall_phase_error                 ? 
_refine.pdbx_overall_SU_R_free_Cruickshank_DPI   ? 
_refine.pdbx_overall_SU_R_Blow_DPI               ? 
_refine.pdbx_overall_SU_R_free_Blow_DPI          ? 
# 
_refine_analyze.entry_id                        2DU9 
_refine_analyze.Luzzati_coordinate_error_obs    0.36 
_refine_analyze.Luzzati_sigma_a_obs             0.34 
_refine_analyze.Luzzati_d_res_low_obs           5.0 
_refine_analyze.Luzzati_coordinate_error_free   0.42 
_refine_analyze.Luzzati_sigma_a_free            0.39 
_refine_analyze.Luzzati_d_res_low_free          ? 
_refine_analyze.number_disordered_residues      ? 
_refine_analyze.occupancy_sum_non_hydrogen      ? 
_refine_analyze.occupancy_sum_hydrogen          ? 
_refine_analyze.pdbx_Luzzati_d_res_high_obs     ? 
_refine_analyze.pdbx_refine_id                  'X-RAY DIFFRACTION' 
# 
_refine_hist.pdbx_refine_id                   'X-RAY DIFFRACTION' 
_refine_hist.cycle_id                         LAST 
_refine_hist.pdbx_number_atoms_protein        890 
_refine_hist.pdbx_number_atoms_nucleic_acid   0 
_refine_hist.pdbx_number_atoms_ligand         8 
_refine_hist.number_atoms_solvent             47 
_refine_hist.number_atoms_total               945 
_refine_hist.d_res_high                       2.28 
_refine_hist.d_res_low                        20 
# 
loop_
_refine_ls_restr.type 
_refine_ls_restr.dev_ideal 
_refine_ls_restr.dev_ideal_target 
_refine_ls_restr.weight 
_refine_ls_restr.number 
_refine_ls_restr.pdbx_refine_id 
_refine_ls_restr.pdbx_restraint_function 
c_bond_d           0.0116   ? ? ? 'X-RAY DIFFRACTION' ? 
c_angle_deg        1.5692   ? ? ? 'X-RAY DIFFRACTION' ? 
c_dihedral_angle_d 20.69578 ? ? ? 'X-RAY DIFFRACTION' ? 
c_improper_angle_d 0.93347  ? ? ? 'X-RAY DIFFRACTION' ? 
# 
_refine_ls_shell.pdbx_total_number_of_bins_used   ? 
_refine_ls_shell.d_res_high                       2.28 
_refine_ls_shell.d_res_low                        2.36 
_refine_ls_shell.number_reflns_R_work             ? 
_refine_ls_shell.R_factor_R_work                  0.3295 
_refine_ls_shell.percent_reflns_obs               73 
_refine_ls_shell.R_factor_R_free                  0.3817 
_refine_ls_shell.R_factor_R_free_error            ? 
_refine_ls_shell.percent_reflns_R_free            ? 
_refine_ls_shell.number_reflns_R_free             58 
_refine_ls_shell.number_reflns_all                ? 
_refine_ls_shell.R_factor_all                     ? 
_refine_ls_shell.number_reflns_obs                529 
_refine_ls_shell.redundancy_reflns_obs            ? 
_refine_ls_shell.pdbx_refine_id                   'X-RAY DIFFRACTION' 
# 
_struct.entry_id                  2DU9 
_struct.title                     'crystal structure of the transcriptional factor from C.glutamicum' 
_struct.pdbx_model_details        ? 
_struct.pdbx_CASP_flag            ? 
_struct.pdbx_model_type_details   ? 
# 
_struct_keywords.entry_id        2DU9 
_struct_keywords.pdbx_keywords   TRANSCRIPTION 
_struct_keywords.text            'winged Helix-turn-Helix, TRANSCRIPTION' 
# 
loop_
_struct_asym.id 
_struct_asym.pdbx_blank_PDB_chainid_flag 
_struct_asym.pdbx_modified 
_struct_asym.entity_id 
_struct_asym.details 
A N N 1 ? 
B N N 2 ? 
C N N 3 ? 
# 
_struct_ref.id                         1 
_struct_ref.db_name                    UNP 
_struct_ref.db_code                    Q8NLJ5_CORGL 
_struct_ref.pdbx_db_accession          Q8NLJ5 
_struct_ref.entity_id                  1 
_struct_ref.pdbx_seq_one_letter_code   
;MTVPLYKQIASLIEDSIVDGTLSIDQRVPSTNELAAFHRINPATARNGLTLLVEAGILYKKRGIGMFVSAQAPALIRERR
DAAFAATYVAPLIDESIHLGFTRARIHALLDQVAESRGLYK
;
_struct_ref.pdbx_align_begin           1 
_struct_ref.pdbx_db_isoform            ? 
# 
_struct_ref_seq.align_id                      1 
_struct_ref_seq.ref_id                        1 
_struct_ref_seq.pdbx_PDB_id_code              2DU9 
_struct_ref_seq.pdbx_strand_id                A 
_struct_ref_seq.seq_align_beg                 1 
_struct_ref_seq.pdbx_seq_align_beg_ins_code   ? 
_struct_ref_seq.seq_align_end                 121 
_struct_ref_seq.pdbx_seq_align_end_ins_code   ? 
_struct_ref_seq.pdbx_db_accession             Q8NLJ5 
_struct_ref_seq.db_align_beg                  1 
_struct_ref_seq.pdbx_db_align_beg_ins_code    ? 
_struct_ref_seq.db_align_end                  121 
_struct_ref_seq.pdbx_db_align_end_ins_code    ? 
_struct_ref_seq.pdbx_auth_seq_align_beg       1 
_struct_ref_seq.pdbx_auth_seq_align_end       121 
# 
loop_
_struct_ref_seq_dif.align_id 
_struct_ref_seq_dif.pdbx_pdb_id_code 
_struct_ref_seq_dif.mon_id 
_struct_ref_seq_dif.pdbx_pdb_strand_id 
_struct_ref_seq_dif.seq_num 
_struct_ref_seq_dif.pdbx_pdb_ins_code 
_struct_ref_seq_dif.pdbx_seq_db_name 
_struct_ref_seq_dif.pdbx_seq_db_accession_code 
_struct_ref_seq_dif.db_mon_id 
_struct_ref_seq_dif.pdbx_seq_db_seq_num 
_struct_ref_seq_dif.details 
_struct_ref_seq_dif.pdbx_auth_seq_num 
_struct_ref_seq_dif.pdbx_ordinal 
1 2DU9 MSE A 66  ? UNP Q8NLJ5 MET 66 'modified residue' 66  1 
1 2DU9 LEU A 122 ? UNP Q8NLJ5 ?   ?  'expression tag'   122 2 
1 2DU9 GLU A 123 ? UNP Q8NLJ5 ?   ?  'expression tag'   123 3 
1 2DU9 HIS A 124 ? UNP Q8NLJ5 ?   ?  'expression tag'   124 4 
1 2DU9 HIS A 125 ? UNP Q8NLJ5 ?   ?  'expression tag'   125 5 
1 2DU9 HIS A 126 ? UNP Q8NLJ5 ?   ?  'expression tag'   126 6 
1 2DU9 HIS A 127 ? UNP Q8NLJ5 ?   ?  'expression tag'   127 7 
1 2DU9 HIS A 128 ? UNP Q8NLJ5 ?   ?  'expression tag'   128 8 
1 2DU9 HIS A 129 ? UNP Q8NLJ5 ?   ?  'expression tag'   129 9 
# 
_pdbx_struct_assembly.id                   1 
_pdbx_struct_assembly.details              author_and_software_defined_assembly 
_pdbx_struct_assembly.method_details       PISA,PQS 
_pdbx_struct_assembly.oligomeric_details   dimeric 
_pdbx_struct_assembly.oligomeric_count     2 
# 
loop_
_pdbx_struct_assembly_prop.biol_id 
_pdbx_struct_assembly_prop.type 
_pdbx_struct_assembly_prop.value 
_pdbx_struct_assembly_prop.details 
1 'ABSA (A^2)' 3060  ? 
1 MORE         -46   ? 
1 'SSA (A^2)'  13710 ? 
# 
_pdbx_struct_assembly_gen.assembly_id       1 
_pdbx_struct_assembly_gen.oper_expression   1,2 
_pdbx_struct_assembly_gen.asym_id_list      A,B,C 
# 
loop_
_pdbx_struct_oper_list.id 
_pdbx_struct_oper_list.type 
_pdbx_struct_oper_list.name 
_pdbx_struct_oper_list.symmetry_operation 
_pdbx_struct_oper_list.matrix[1][1] 
_pdbx_struct_oper_list.matrix[1][2] 
_pdbx_struct_oper_list.matrix[1][3] 
_pdbx_struct_oper_list.vector[1] 
_pdbx_struct_oper_list.matrix[2][1] 
_pdbx_struct_oper_list.matrix[2][2] 
_pdbx_struct_oper_list.matrix[2][3] 
_pdbx_struct_oper_list.vector[2] 
_pdbx_struct_oper_list.matrix[3][1] 
_pdbx_struct_oper_list.matrix[3][2] 
_pdbx_struct_oper_list.matrix[3][3] 
_pdbx_struct_oper_list.vector[3] 
1 'identity operation'         1_555 x,y,z            1.0000000000  0.0000000000  0.0000000000 0.0000000000  0.0000000000  1.0000000000 0.0000000000  0.0000000000   0.0000000000 0.0000000000  1.0000000000  0.0000000000   
2 'crystal symmetry operation' 8_775 -y+2,-x+2,-z+1/2 -0.6802323861 -0.6268913667 0.3798567035 -2.7828997958 -0.6268913667 0.2289949596 -0.7446935764 -21.1288254222 0.3798567035 -0.7446935764 -0.5487625735 -32.5269948013 
# 
_struct_biol.id        1 
_struct_biol.details   
;The biological assembly is a homodimer generated from the monomer   
 by the two fold axis:-y+2, -x+2, -z+1/2
;
# 
loop_
_struct_conf.conf_type_id 
_struct_conf.id 
_struct_conf.pdbx_PDB_helix_id 
_struct_conf.beg_label_comp_id 
_struct_conf.beg_label_asym_id 
_struct_conf.beg_label_seq_id 
_struct_conf.pdbx_beg_PDB_ins_code 
_struct_conf.end_label_comp_id 
_struct_conf.end_label_asym_id 
_struct_conf.end_label_seq_id 
_struct_conf.pdbx_end_PDB_ins_code 
_struct_conf.beg_auth_comp_id 
_struct_conf.beg_auth_asym_id 
_struct_conf.beg_auth_seq_id 
_struct_conf.end_auth_comp_id 
_struct_conf.end_auth_asym_id 
_struct_conf.end_auth_seq_id 
_struct_conf.pdbx_PDB_helix_class 
_struct_conf.details 
_struct_conf.pdbx_PDB_helix_length 
HELX_P HELX_P1 1 PRO A 4   ? ASP A 19  ? PRO A 4   ASP A 19  1 ? 16 
HELX_P HELX_P2 2 SER A 30  ? HIS A 38  ? SER A 30  HIS A 38  1 ? 9  
HELX_P HELX_P3 3 ASN A 41  ? ALA A 55  ? ASN A 41  ALA A 55  1 ? 15 
HELX_P HELX_P4 4 GLN A 71  ? VAL A 89  ? GLN A 71  VAL A 89  1 ? 19 
HELX_P HELX_P5 5 VAL A 89  ? LEU A 99  ? VAL A 89  LEU A 99  1 ? 11 
HELX_P HELX_P6 6 THR A 102 ? ARG A 117 ? THR A 102 ARG A 117 1 ? 16 
# 
_struct_conf_type.id          HELX_P 
_struct_conf_type.criteria    ? 
_struct_conf_type.reference   ? 
# 
loop_
_struct_conn.id 
_struct_conn.conn_type_id 
_struct_conn.pdbx_leaving_atom_flag 
_struct_conn.pdbx_PDB_id 
_struct_conn.ptnr1_label_asym_id 
_struct_conn.ptnr1_label_comp_id 
_struct_conn.ptnr1_label_seq_id 
_struct_conn.ptnr1_label_atom_id 
_struct_conn.pdbx_ptnr1_label_alt_id 
_struct_conn.pdbx_ptnr1_PDB_ins_code 
_struct_conn.pdbx_ptnr1_standard_comp_id 
_struct_conn.ptnr1_symmetry 
_struct_conn.ptnr2_label_asym_id 
_struct_conn.ptnr2_label_comp_id 
_struct_conn.ptnr2_label_seq_id 
_struct_conn.ptnr2_label_atom_id 
_struct_conn.pdbx_ptnr2_label_alt_id 
_struct_conn.pdbx_ptnr2_PDB_ins_code 
_struct_conn.ptnr1_auth_asym_id 
_struct_conn.ptnr1_auth_comp_id 
_struct_conn.ptnr1_auth_seq_id 
_struct_conn.ptnr2_auth_asym_id 
_struct_conn.ptnr2_auth_comp_id 
_struct_conn.ptnr2_auth_seq_id 
_struct_conn.ptnr2_symmetry 
_struct_conn.pdbx_ptnr3_label_atom_id 
_struct_conn.pdbx_ptnr3_label_seq_id 
_struct_conn.pdbx_ptnr3_label_comp_id 
_struct_conn.pdbx_ptnr3_label_asym_id 
_struct_conn.pdbx_ptnr3_label_alt_id 
_struct_conn.pdbx_ptnr3_PDB_ins_code 
_struct_conn.details 
_struct_conn.pdbx_dist_value 
_struct_conn.pdbx_value_order 
_struct_conn.pdbx_role 
covale1 covale both ? A GLY 65 C ? ? ? 1_555 A MSE 66 N ? ? A GLY 65 A MSE 66 1_555 ? ? ? ? ? ? ? 1.325 ? ? 
covale2 covale both ? A MSE 66 C ? ? ? 1_555 A PHE 67 N ? ? A MSE 66 A PHE 67 1_555 ? ? ? ? ? ? ? 1.322 ? ? 
# 
_struct_conn_type.id          covale 
_struct_conn_type.criteria    ? 
_struct_conn_type.reference   ? 
# 
_pdbx_modification_feature.ordinal                            1 
_pdbx_modification_feature.label_comp_id                      MSE 
_pdbx_modification_feature.label_asym_id                      A 
_pdbx_modification_feature.label_seq_id                       66 
_pdbx_modification_feature.label_alt_id                       ? 
_pdbx_modification_feature.modified_residue_label_comp_id     . 
_pdbx_modification_feature.modified_residue_label_asym_id     . 
_pdbx_modification_feature.modified_residue_label_seq_id      . 
_pdbx_modification_feature.modified_residue_label_alt_id      . 
_pdbx_modification_feature.auth_comp_id                       MSE 
_pdbx_modification_feature.auth_asym_id                       A 
_pdbx_modification_feature.auth_seq_id                        66 
_pdbx_modification_feature.PDB_ins_code                       ? 
_pdbx_modification_feature.symmetry                           1_555 
_pdbx_modification_feature.modified_residue_auth_comp_id      . 
_pdbx_modification_feature.modified_residue_auth_asym_id      . 
_pdbx_modification_feature.modified_residue_auth_seq_id       . 
_pdbx_modification_feature.modified_residue_PDB_ins_code      . 
_pdbx_modification_feature.modified_residue_symmetry          . 
_pdbx_modification_feature.comp_id_linking_atom               . 
_pdbx_modification_feature.modified_residue_id_linking_atom   . 
_pdbx_modification_feature.modified_residue_id                MET 
_pdbx_modification_feature.ref_pcm_id                         1 
_pdbx_modification_feature.ref_comp_id                        MSE 
_pdbx_modification_feature.type                               Selenomethionine 
_pdbx_modification_feature.category                           'Named protein modification' 
# 
_struct_sheet.id               A 
_struct_sheet.type             ? 
_struct_sheet.number_strands   3 
_struct_sheet.details          ? 
# 
loop_
_struct_sheet_order.sheet_id 
_struct_sheet_order.range_id_1 
_struct_sheet_order.range_id_2 
_struct_sheet_order.offset 
_struct_sheet_order.sense 
A 1 2 ? anti-parallel 
A 2 3 ? anti-parallel 
# 
loop_
_struct_sheet_range.sheet_id 
_struct_sheet_range.id 
_struct_sheet_range.beg_label_comp_id 
_struct_sheet_range.beg_label_asym_id 
_struct_sheet_range.beg_label_seq_id 
_struct_sheet_range.pdbx_beg_PDB_ins_code 
_struct_sheet_range.end_label_comp_id 
_struct_sheet_range.end_label_asym_id 
_struct_sheet_range.end_label_seq_id 
_struct_sheet_range.pdbx_end_PDB_ins_code 
_struct_sheet_range.beg_auth_comp_id 
_struct_sheet_range.beg_auth_asym_id 
_struct_sheet_range.beg_auth_seq_id 
_struct_sheet_range.end_auth_comp_id 
_struct_sheet_range.end_auth_asym_id 
_struct_sheet_range.end_auth_seq_id 
A 1 ARG A 27 ? VAL A 28 ? ARG A 27 VAL A 28 
A 2 GLY A 65 ? VAL A 68 ? GLY A 65 VAL A 68 
A 3 LEU A 58 ? LYS A 61 ? LEU A 58 LYS A 61 
# 
loop_
_pdbx_struct_sheet_hbond.sheet_id 
_pdbx_struct_sheet_hbond.range_id_1 
_pdbx_struct_sheet_hbond.range_id_2 
_pdbx_struct_sheet_hbond.range_1_label_atom_id 
_pdbx_struct_sheet_hbond.range_1_label_comp_id 
_pdbx_struct_sheet_hbond.range_1_label_asym_id 
_pdbx_struct_sheet_hbond.range_1_label_seq_id 
_pdbx_struct_sheet_hbond.range_1_PDB_ins_code 
_pdbx_struct_sheet_hbond.range_1_auth_atom_id 
_pdbx_struct_sheet_hbond.range_1_auth_comp_id 
_pdbx_struct_sheet_hbond.range_1_auth_asym_id 
_pdbx_struct_sheet_hbond.range_1_auth_seq_id 
_pdbx_struct_sheet_hbond.range_2_label_atom_id 
_pdbx_struct_sheet_hbond.range_2_label_comp_id 
_pdbx_struct_sheet_hbond.range_2_label_asym_id 
_pdbx_struct_sheet_hbond.range_2_label_seq_id 
_pdbx_struct_sheet_hbond.range_2_PDB_ins_code 
_pdbx_struct_sheet_hbond.range_2_auth_atom_id 
_pdbx_struct_sheet_hbond.range_2_auth_comp_id 
_pdbx_struct_sheet_hbond.range_2_auth_asym_id 
_pdbx_struct_sheet_hbond.range_2_auth_seq_id 
A 1 2 N VAL A 28 ? N VAL A 28 O MSE A 66 ? O MSE A 66 
A 2 3 O PHE A 67 ? O PHE A 67 N TYR A 59 ? N TYR A 59 
# 
_struct_site.id                   AC1 
_struct_site.pdbx_evidence_code   Software 
_struct_site.pdbx_auth_asym_id    A 
_struct_site.pdbx_auth_comp_id    MPD 
_struct_site.pdbx_auth_seq_id     130 
_struct_site.pdbx_auth_ins_code   ? 
_struct_site.pdbx_num_residues    6 
_struct_site.details              'BINDING SITE FOR RESIDUE MPD A 130' 
# 
loop_
_struct_site_gen.id 
_struct_site_gen.site_id 
_struct_site_gen.pdbx_num_res 
_struct_site_gen.label_comp_id 
_struct_site_gen.label_asym_id 
_struct_site_gen.label_seq_id 
_struct_site_gen.pdbx_auth_ins_code 
_struct_site_gen.auth_comp_id 
_struct_site_gen.auth_asym_id 
_struct_site_gen.auth_seq_id 
_struct_site_gen.label_atom_id 
_struct_site_gen.label_alt_id 
_struct_site_gen.symmetry 
_struct_site_gen.details 
1 AC1 6 ILE A 93  ? ILE A 93  . ? 1_555 ? 
2 AC1 6 SER A 96  ? SER A 96  . ? 1_555 ? 
3 AC1 6 PHE A 101 ? PHE A 101 . ? 1_555 ? 
4 AC1 6 ARG A 103 ? ARG A 103 . ? 1_555 ? 
5 AC1 6 LEU A 110 ? LEU A 110 . ? 8_775 ? 
6 AC1 6 ALA A 114 ? ALA A 114 . ? 8_775 ? 
# 
_pdbx_entry_details.entry_id                   2DU9 
_pdbx_entry_details.compound_details           ? 
_pdbx_entry_details.source_details             ? 
_pdbx_entry_details.nonpolymer_details         ? 
_pdbx_entry_details.sequence_details           ? 
_pdbx_entry_details.has_ligand_of_interest     ? 
_pdbx_entry_details.has_protein_modification   Y 
# 
loop_
_pdbx_validate_torsion.id 
_pdbx_validate_torsion.PDB_model_num 
_pdbx_validate_torsion.auth_comp_id 
_pdbx_validate_torsion.auth_asym_id 
_pdbx_validate_torsion.auth_seq_id 
_pdbx_validate_torsion.PDB_ins_code 
_pdbx_validate_torsion.label_alt_id 
_pdbx_validate_torsion.phi 
_pdbx_validate_torsion.psi 
1 1 PHE A 37 ? ? -54.20  -81.24 
2 1 ARG A 39 ? ? -111.43 70.56  
# 
_pdbx_struct_mod_residue.id               1 
_pdbx_struct_mod_residue.label_asym_id    A 
_pdbx_struct_mod_residue.label_comp_id    MSE 
_pdbx_struct_mod_residue.label_seq_id     66 
_pdbx_struct_mod_residue.auth_asym_id     A 
_pdbx_struct_mod_residue.auth_comp_id     MSE 
_pdbx_struct_mod_residue.auth_seq_id      66 
_pdbx_struct_mod_residue.PDB_ins_code     ? 
_pdbx_struct_mod_residue.parent_comp_id   MET 
_pdbx_struct_mod_residue.details          SELENOMETHIONINE 
# 
loop_
_pdbx_unobs_or_zero_occ_residues.id 
_pdbx_unobs_or_zero_occ_residues.PDB_model_num 
_pdbx_unobs_or_zero_occ_residues.polymer_flag 
_pdbx_unobs_or_zero_occ_residues.occupancy_flag 
_pdbx_unobs_or_zero_occ_residues.auth_asym_id 
_pdbx_unobs_or_zero_occ_residues.auth_comp_id 
_pdbx_unobs_or_zero_occ_residues.auth_seq_id 
_pdbx_unobs_or_zero_occ_residues.PDB_ins_code 
_pdbx_unobs_or_zero_occ_residues.label_asym_id 
_pdbx_unobs_or_zero_occ_residues.label_comp_id 
_pdbx_unobs_or_zero_occ_residues.label_seq_id 
1  1 Y 1 A MET 1   ? A MET 1   
2  1 Y 1 A THR 2   ? A THR 2   
3  1 Y 1 A LEU 119 ? A LEU 119 
4  1 Y 1 A TYR 120 ? A TYR 120 
5  1 Y 1 A LYS 121 ? A LYS 121 
6  1 Y 1 A LEU 122 ? A LEU 122 
7  1 Y 1 A GLU 123 ? A GLU 123 
8  1 Y 1 A HIS 124 ? A HIS 124 
9  1 Y 1 A HIS 125 ? A HIS 125 
10 1 Y 1 A HIS 126 ? A HIS 126 
11 1 Y 1 A HIS 127 ? A HIS 127 
12 1 Y 1 A HIS 128 ? A HIS 128 
13 1 Y 1 A HIS 129 ? A HIS 129 
# 
loop_
_chem_comp_atom.comp_id 
_chem_comp_atom.atom_id 
_chem_comp_atom.type_symbol 
_chem_comp_atom.pdbx_aromatic_flag 
_chem_comp_atom.pdbx_stereo_config 
_chem_comp_atom.pdbx_ordinal 
ALA N    N  N N 1   
ALA CA   C  N S 2   
ALA C    C  N N 3   
ALA O    O  N N 4   
ALA CB   C  N N 5   
ALA OXT  O  N N 6   
ALA H    H  N N 7   
ALA H2   H  N N 8   
ALA HA   H  N N 9   
ALA HB1  H  N N 10  
ALA HB2  H  N N 11  
ALA HB3  H  N N 12  
ALA HXT  H  N N 13  
ARG N    N  N N 14  
ARG CA   C  N S 15  
ARG C    C  N N 16  
ARG O    O  N N 17  
ARG CB   C  N N 18  
ARG CG   C  N N 19  
ARG CD   C  N N 20  
ARG NE   N  N N 21  
ARG CZ   C  N N 22  
ARG NH1  N  N N 23  
ARG NH2  N  N N 24  
ARG OXT  O  N N 25  
ARG H    H  N N 26  
ARG H2   H  N N 27  
ARG HA   H  N N 28  
ARG HB2  H  N N 29  
ARG HB3  H  N N 30  
ARG HG2  H  N N 31  
ARG HG3  H  N N 32  
ARG HD2  H  N N 33  
ARG HD3  H  N N 34  
ARG HE   H  N N 35  
ARG HH11 H  N N 36  
ARG HH12 H  N N 37  
ARG HH21 H  N N 38  
ARG HH22 H  N N 39  
ARG HXT  H  N N 40  
ASN N    N  N N 41  
ASN CA   C  N S 42  
ASN C    C  N N 43  
ASN O    O  N N 44  
ASN CB   C  N N 45  
ASN CG   C  N N 46  
ASN OD1  O  N N 47  
ASN ND2  N  N N 48  
ASN OXT  O  N N 49  
ASN H    H  N N 50  
ASN H2   H  N N 51  
ASN HA   H  N N 52  
ASN HB2  H  N N 53  
ASN HB3  H  N N 54  
ASN HD21 H  N N 55  
ASN HD22 H  N N 56  
ASN HXT  H  N N 57  
ASP N    N  N N 58  
ASP CA   C  N S 59  
ASP C    C  N N 60  
ASP O    O  N N 61  
ASP CB   C  N N 62  
ASP CG   C  N N 63  
ASP OD1  O  N N 64  
ASP OD2  O  N N 65  
ASP OXT  O  N N 66  
ASP H    H  N N 67  
ASP H2   H  N N 68  
ASP HA   H  N N 69  
ASP HB2  H  N N 70  
ASP HB3  H  N N 71  
ASP HD2  H  N N 72  
ASP HXT  H  N N 73  
GLN N    N  N N 74  
GLN CA   C  N S 75  
GLN C    C  N N 76  
GLN O    O  N N 77  
GLN CB   C  N N 78  
GLN CG   C  N N 79  
GLN CD   C  N N 80  
GLN OE1  O  N N 81  
GLN NE2  N  N N 82  
GLN OXT  O  N N 83  
GLN H    H  N N 84  
GLN H2   H  N N 85  
GLN HA   H  N N 86  
GLN HB2  H  N N 87  
GLN HB3  H  N N 88  
GLN HG2  H  N N 89  
GLN HG3  H  N N 90  
GLN HE21 H  N N 91  
GLN HE22 H  N N 92  
GLN HXT  H  N N 93  
GLU N    N  N N 94  
GLU CA   C  N S 95  
GLU C    C  N N 96  
GLU O    O  N N 97  
GLU CB   C  N N 98  
GLU CG   C  N N 99  
GLU CD   C  N N 100 
GLU OE1  O  N N 101 
GLU OE2  O  N N 102 
GLU OXT  O  N N 103 
GLU H    H  N N 104 
GLU H2   H  N N 105 
GLU HA   H  N N 106 
GLU HB2  H  N N 107 
GLU HB3  H  N N 108 
GLU HG2  H  N N 109 
GLU HG3  H  N N 110 
GLU HE2  H  N N 111 
GLU HXT  H  N N 112 
GLY N    N  N N 113 
GLY CA   C  N N 114 
GLY C    C  N N 115 
GLY O    O  N N 116 
GLY OXT  O  N N 117 
GLY H    H  N N 118 
GLY H2   H  N N 119 
GLY HA2  H  N N 120 
GLY HA3  H  N N 121 
GLY HXT  H  N N 122 
HIS N    N  N N 123 
HIS CA   C  N S 124 
HIS C    C  N N 125 
HIS O    O  N N 126 
HIS CB   C  N N 127 
HIS CG   C  Y N 128 
HIS ND1  N  Y N 129 
HIS CD2  C  Y N 130 
HIS CE1  C  Y N 131 
HIS NE2  N  Y N 132 
HIS OXT  O  N N 133 
HIS H    H  N N 134 
HIS H2   H  N N 135 
HIS HA   H  N N 136 
HIS HB2  H  N N 137 
HIS HB3  H  N N 138 
HIS HD1  H  N N 139 
HIS HD2  H  N N 140 
HIS HE1  H  N N 141 
HIS HE2  H  N N 142 
HIS HXT  H  N N 143 
HOH O    O  N N 144 
HOH H1   H  N N 145 
HOH H2   H  N N 146 
ILE N    N  N N 147 
ILE CA   C  N S 148 
ILE C    C  N N 149 
ILE O    O  N N 150 
ILE CB   C  N S 151 
ILE CG1  C  N N 152 
ILE CG2  C  N N 153 
ILE CD1  C  N N 154 
ILE OXT  O  N N 155 
ILE H    H  N N 156 
ILE H2   H  N N 157 
ILE HA   H  N N 158 
ILE HB   H  N N 159 
ILE HG12 H  N N 160 
ILE HG13 H  N N 161 
ILE HG21 H  N N 162 
ILE HG22 H  N N 163 
ILE HG23 H  N N 164 
ILE HD11 H  N N 165 
ILE HD12 H  N N 166 
ILE HD13 H  N N 167 
ILE HXT  H  N N 168 
LEU N    N  N N 169 
LEU CA   C  N S 170 
LEU C    C  N N 171 
LEU O    O  N N 172 
LEU CB   C  N N 173 
LEU CG   C  N N 174 
LEU CD1  C  N N 175 
LEU CD2  C  N N 176 
LEU OXT  O  N N 177 
LEU H    H  N N 178 
LEU H2   H  N N 179 
LEU HA   H  N N 180 
LEU HB2  H  N N 181 
LEU HB3  H  N N 182 
LEU HG   H  N N 183 
LEU HD11 H  N N 184 
LEU HD12 H  N N 185 
LEU HD13 H  N N 186 
LEU HD21 H  N N 187 
LEU HD22 H  N N 188 
LEU HD23 H  N N 189 
LEU HXT  H  N N 190 
LYS N    N  N N 191 
LYS CA   C  N S 192 
LYS C    C  N N 193 
LYS O    O  N N 194 
LYS CB   C  N N 195 
LYS CG   C  N N 196 
LYS CD   C  N N 197 
LYS CE   C  N N 198 
LYS NZ   N  N N 199 
LYS OXT  O  N N 200 
LYS H    H  N N 201 
LYS H2   H  N N 202 
LYS HA   H  N N 203 
LYS HB2  H  N N 204 
LYS HB3  H  N N 205 
LYS HG2  H  N N 206 
LYS HG3  H  N N 207 
LYS HD2  H  N N 208 
LYS HD3  H  N N 209 
LYS HE2  H  N N 210 
LYS HE3  H  N N 211 
LYS HZ1  H  N N 212 
LYS HZ2  H  N N 213 
LYS HZ3  H  N N 214 
LYS HXT  H  N N 215 
MET N    N  N N 216 
MET CA   C  N S 217 
MET C    C  N N 218 
MET O    O  N N 219 
MET CB   C  N N 220 
MET CG   C  N N 221 
MET SD   S  N N 222 
MET CE   C  N N 223 
MET OXT  O  N N 224 
MET H    H  N N 225 
MET H2   H  N N 226 
MET HA   H  N N 227 
MET HB2  H  N N 228 
MET HB3  H  N N 229 
MET HG2  H  N N 230 
MET HG3  H  N N 231 
MET HE1  H  N N 232 
MET HE2  H  N N 233 
MET HE3  H  N N 234 
MET HXT  H  N N 235 
MPD C1   C  N N 236 
MPD C2   C  N N 237 
MPD O2   O  N N 238 
MPD CM   C  N N 239 
MPD C3   C  N N 240 
MPD C4   C  N S 241 
MPD O4   O  N N 242 
MPD C5   C  N N 243 
MPD H11  H  N N 244 
MPD H12  H  N N 245 
MPD H13  H  N N 246 
MPD HO2  H  N N 247 
MPD HM1  H  N N 248 
MPD HM2  H  N N 249 
MPD HM3  H  N N 250 
MPD H31  H  N N 251 
MPD H32  H  N N 252 
MPD H4   H  N N 253 
MPD HO4  H  N N 254 
MPD H51  H  N N 255 
MPD H52  H  N N 256 
MPD H53  H  N N 257 
MSE N    N  N N 258 
MSE CA   C  N S 259 
MSE C    C  N N 260 
MSE O    O  N N 261 
MSE OXT  O  N N 262 
MSE CB   C  N N 263 
MSE CG   C  N N 264 
MSE SE   SE N N 265 
MSE CE   C  N N 266 
MSE H    H  N N 267 
MSE H2   H  N N 268 
MSE HA   H  N N 269 
MSE HXT  H  N N 270 
MSE HB2  H  N N 271 
MSE HB3  H  N N 272 
MSE HG2  H  N N 273 
MSE HG3  H  N N 274 
MSE HE1  H  N N 275 
MSE HE2  H  N N 276 
MSE HE3  H  N N 277 
PHE N    N  N N 278 
PHE CA   C  N S 279 
PHE C    C  N N 280 
PHE O    O  N N 281 
PHE CB   C  N N 282 
PHE CG   C  Y N 283 
PHE CD1  C  Y N 284 
PHE CD2  C  Y N 285 
PHE CE1  C  Y N 286 
PHE CE2  C  Y N 287 
PHE CZ   C  Y N 288 
PHE OXT  O  N N 289 
PHE H    H  N N 290 
PHE H2   H  N N 291 
PHE HA   H  N N 292 
PHE HB2  H  N N 293 
PHE HB3  H  N N 294 
PHE HD1  H  N N 295 
PHE HD2  H  N N 296 
PHE HE1  H  N N 297 
PHE HE2  H  N N 298 
PHE HZ   H  N N 299 
PHE HXT  H  N N 300 
PRO N    N  N N 301 
PRO CA   C  N S 302 
PRO C    C  N N 303 
PRO O    O  N N 304 
PRO CB   C  N N 305 
PRO CG   C  N N 306 
PRO CD   C  N N 307 
PRO OXT  O  N N 308 
PRO H    H  N N 309 
PRO HA   H  N N 310 
PRO HB2  H  N N 311 
PRO HB3  H  N N 312 
PRO HG2  H  N N 313 
PRO HG3  H  N N 314 
PRO HD2  H  N N 315 
PRO HD3  H  N N 316 
PRO HXT  H  N N 317 
SER N    N  N N 318 
SER CA   C  N S 319 
SER C    C  N N 320 
SER O    O  N N 321 
SER CB   C  N N 322 
SER OG   O  N N 323 
SER OXT  O  N N 324 
SER H    H  N N 325 
SER H2   H  N N 326 
SER HA   H  N N 327 
SER HB2  H  N N 328 
SER HB3  H  N N 329 
SER HG   H  N N 330 
SER HXT  H  N N 331 
THR N    N  N N 332 
THR CA   C  N S 333 
THR C    C  N N 334 
THR O    O  N N 335 
THR CB   C  N R 336 
THR OG1  O  N N 337 
THR CG2  C  N N 338 
THR OXT  O  N N 339 
THR H    H  N N 340 
THR H2   H  N N 341 
THR HA   H  N N 342 
THR HB   H  N N 343 
THR HG1  H  N N 344 
THR HG21 H  N N 345 
THR HG22 H  N N 346 
THR HG23 H  N N 347 
THR HXT  H  N N 348 
TYR N    N  N N 349 
TYR CA   C  N S 350 
TYR C    C  N N 351 
TYR O    O  N N 352 
TYR CB   C  N N 353 
TYR CG   C  Y N 354 
TYR CD1  C  Y N 355 
TYR CD2  C  Y N 356 
TYR CE1  C  Y N 357 
TYR CE2  C  Y N 358 
TYR CZ   C  Y N 359 
TYR OH   O  N N 360 
TYR OXT  O  N N 361 
TYR H    H  N N 362 
TYR H2   H  N N 363 
TYR HA   H  N N 364 
TYR HB2  H  N N 365 
TYR HB3  H  N N 366 
TYR HD1  H  N N 367 
TYR HD2  H  N N 368 
TYR HE1  H  N N 369 
TYR HE2  H  N N 370 
TYR HH   H  N N 371 
TYR HXT  H  N N 372 
VAL N    N  N N 373 
VAL CA   C  N S 374 
VAL C    C  N N 375 
VAL O    O  N N 376 
VAL CB   C  N N 377 
VAL CG1  C  N N 378 
VAL CG2  C  N N 379 
VAL OXT  O  N N 380 
VAL H    H  N N 381 
VAL H2   H  N N 382 
VAL HA   H  N N 383 
VAL HB   H  N N 384 
VAL HG11 H  N N 385 
VAL HG12 H  N N 386 
VAL HG13 H  N N 387 
VAL HG21 H  N N 388 
VAL HG22 H  N N 389 
VAL HG23 H  N N 390 
VAL HXT  H  N N 391 
# 
loop_
_chem_comp_bond.comp_id 
_chem_comp_bond.atom_id_1 
_chem_comp_bond.atom_id_2 
_chem_comp_bond.value_order 
_chem_comp_bond.pdbx_aromatic_flag 
_chem_comp_bond.pdbx_stereo_config 
_chem_comp_bond.pdbx_ordinal 
ALA N   CA   sing N N 1   
ALA N   H    sing N N 2   
ALA N   H2   sing N N 3   
ALA CA  C    sing N N 4   
ALA CA  CB   sing N N 5   
ALA CA  HA   sing N N 6   
ALA C   O    doub N N 7   
ALA C   OXT  sing N N 8   
ALA CB  HB1  sing N N 9   
ALA CB  HB2  sing N N 10  
ALA CB  HB3  sing N N 11  
ALA OXT HXT  sing N N 12  
ARG N   CA   sing N N 13  
ARG N   H    sing N N 14  
ARG N   H2   sing N N 15  
ARG CA  C    sing N N 16  
ARG CA  CB   sing N N 17  
ARG CA  HA   sing N N 18  
ARG C   O    doub N N 19  
ARG C   OXT  sing N N 20  
ARG CB  CG   sing N N 21  
ARG CB  HB2  sing N N 22  
ARG CB  HB3  sing N N 23  
ARG CG  CD   sing N N 24  
ARG CG  HG2  sing N N 25  
ARG CG  HG3  sing N N 26  
ARG CD  NE   sing N N 27  
ARG CD  HD2  sing N N 28  
ARG CD  HD3  sing N N 29  
ARG NE  CZ   sing N N 30  
ARG NE  HE   sing N N 31  
ARG CZ  NH1  sing N N 32  
ARG CZ  NH2  doub N N 33  
ARG NH1 HH11 sing N N 34  
ARG NH1 HH12 sing N N 35  
ARG NH2 HH21 sing N N 36  
ARG NH2 HH22 sing N N 37  
ARG OXT HXT  sing N N 38  
ASN N   CA   sing N N 39  
ASN N   H    sing N N 40  
ASN N   H2   sing N N 41  
ASN CA  C    sing N N 42  
ASN CA  CB   sing N N 43  
ASN CA  HA   sing N N 44  
ASN C   O    doub N N 45  
ASN C   OXT  sing N N 46  
ASN CB  CG   sing N N 47  
ASN CB  HB2  sing N N 48  
ASN CB  HB3  sing N N 49  
ASN CG  OD1  doub N N 50  
ASN CG  ND2  sing N N 51  
ASN ND2 HD21 sing N N 52  
ASN ND2 HD22 sing N N 53  
ASN OXT HXT  sing N N 54  
ASP N   CA   sing N N 55  
ASP N   H    sing N N 56  
ASP N   H2   sing N N 57  
ASP CA  C    sing N N 58  
ASP CA  CB   sing N N 59  
ASP CA  HA   sing N N 60  
ASP C   O    doub N N 61  
ASP C   OXT  sing N N 62  
ASP CB  CG   sing N N 63  
ASP CB  HB2  sing N N 64  
ASP CB  HB3  sing N N 65  
ASP CG  OD1  doub N N 66  
ASP CG  OD2  sing N N 67  
ASP OD2 HD2  sing N N 68  
ASP OXT HXT  sing N N 69  
GLN N   CA   sing N N 70  
GLN N   H    sing N N 71  
GLN N   H2   sing N N 72  
GLN CA  C    sing N N 73  
GLN CA  CB   sing N N 74  
GLN CA  HA   sing N N 75  
GLN C   O    doub N N 76  
GLN C   OXT  sing N N 77  
GLN CB  CG   sing N N 78  
GLN CB  HB2  sing N N 79  
GLN CB  HB3  sing N N 80  
GLN CG  CD   sing N N 81  
GLN CG  HG2  sing N N 82  
GLN CG  HG3  sing N N 83  
GLN CD  OE1  doub N N 84  
GLN CD  NE2  sing N N 85  
GLN NE2 HE21 sing N N 86  
GLN NE2 HE22 sing N N 87  
GLN OXT HXT  sing N N 88  
GLU N   CA   sing N N 89  
GLU N   H    sing N N 90  
GLU N   H2   sing N N 91  
GLU CA  C    sing N N 92  
GLU CA  CB   sing N N 93  
GLU CA  HA   sing N N 94  
GLU C   O    doub N N 95  
GLU C   OXT  sing N N 96  
GLU CB  CG   sing N N 97  
GLU CB  HB2  sing N N 98  
GLU CB  HB3  sing N N 99  
GLU CG  CD   sing N N 100 
GLU CG  HG2  sing N N 101 
GLU CG  HG3  sing N N 102 
GLU CD  OE1  doub N N 103 
GLU CD  OE2  sing N N 104 
GLU OE2 HE2  sing N N 105 
GLU OXT HXT  sing N N 106 
GLY N   CA   sing N N 107 
GLY N   H    sing N N 108 
GLY N   H2   sing N N 109 
GLY CA  C    sing N N 110 
GLY CA  HA2  sing N N 111 
GLY CA  HA3  sing N N 112 
GLY C   O    doub N N 113 
GLY C   OXT  sing N N 114 
GLY OXT HXT  sing N N 115 
HIS N   CA   sing N N 116 
HIS N   H    sing N N 117 
HIS N   H2   sing N N 118 
HIS CA  C    sing N N 119 
HIS CA  CB   sing N N 120 
HIS CA  HA   sing N N 121 
HIS C   O    doub N N 122 
HIS C   OXT  sing N N 123 
HIS CB  CG   sing N N 124 
HIS CB  HB2  sing N N 125 
HIS CB  HB3  sing N N 126 
HIS CG  ND1  sing Y N 127 
HIS CG  CD2  doub Y N 128 
HIS ND1 CE1  doub Y N 129 
HIS ND1 HD1  sing N N 130 
HIS CD2 NE2  sing Y N 131 
HIS CD2 HD2  sing N N 132 
HIS CE1 NE2  sing Y N 133 
HIS CE1 HE1  sing N N 134 
HIS NE2 HE2  sing N N 135 
HIS OXT HXT  sing N N 136 
HOH O   H1   sing N N 137 
HOH O   H2   sing N N 138 
ILE N   CA   sing N N 139 
ILE N   H    sing N N 140 
ILE N   H2   sing N N 141 
ILE CA  C    sing N N 142 
ILE CA  CB   sing N N 143 
ILE CA  HA   sing N N 144 
ILE C   O    doub N N 145 
ILE C   OXT  sing N N 146 
ILE CB  CG1  sing N N 147 
ILE CB  CG2  sing N N 148 
ILE CB  HB   sing N N 149 
ILE CG1 CD1  sing N N 150 
ILE CG1 HG12 sing N N 151 
ILE CG1 HG13 sing N N 152 
ILE CG2 HG21 sing N N 153 
ILE CG2 HG22 sing N N 154 
ILE CG2 HG23 sing N N 155 
ILE CD1 HD11 sing N N 156 
ILE CD1 HD12 sing N N 157 
ILE CD1 HD13 sing N N 158 
ILE OXT HXT  sing N N 159 
LEU N   CA   sing N N 160 
LEU N   H    sing N N 161 
LEU N   H2   sing N N 162 
LEU CA  C    sing N N 163 
LEU CA  CB   sing N N 164 
LEU CA  HA   sing N N 165 
LEU C   O    doub N N 166 
LEU C   OXT  sing N N 167 
LEU CB  CG   sing N N 168 
LEU CB  HB2  sing N N 169 
LEU CB  HB3  sing N N 170 
LEU CG  CD1  sing N N 171 
LEU CG  CD2  sing N N 172 
LEU CG  HG   sing N N 173 
LEU CD1 HD11 sing N N 174 
LEU CD1 HD12 sing N N 175 
LEU CD1 HD13 sing N N 176 
LEU CD2 HD21 sing N N 177 
LEU CD2 HD22 sing N N 178 
LEU CD2 HD23 sing N N 179 
LEU OXT HXT  sing N N 180 
LYS N   CA   sing N N 181 
LYS N   H    sing N N 182 
LYS N   H2   sing N N 183 
LYS CA  C    sing N N 184 
LYS CA  CB   sing N N 185 
LYS CA  HA   sing N N 186 
LYS C   O    doub N N 187 
LYS C   OXT  sing N N 188 
LYS CB  CG   sing N N 189 
LYS CB  HB2  sing N N 190 
LYS CB  HB3  sing N N 191 
LYS CG  CD   sing N N 192 
LYS CG  HG2  sing N N 193 
LYS CG  HG3  sing N N 194 
LYS CD  CE   sing N N 195 
LYS CD  HD2  sing N N 196 
LYS CD  HD3  sing N N 197 
LYS CE  NZ   sing N N 198 
LYS CE  HE2  sing N N 199 
LYS CE  HE3  sing N N 200 
LYS NZ  HZ1  sing N N 201 
LYS NZ  HZ2  sing N N 202 
LYS NZ  HZ3  sing N N 203 
LYS OXT HXT  sing N N 204 
MET N   CA   sing N N 205 
MET N   H    sing N N 206 
MET N   H2   sing N N 207 
MET CA  C    sing N N 208 
MET CA  CB   sing N N 209 
MET CA  HA   sing N N 210 
MET C   O    doub N N 211 
MET C   OXT  sing N N 212 
MET CB  CG   sing N N 213 
MET CB  HB2  sing N N 214 
MET CB  HB3  sing N N 215 
MET CG  SD   sing N N 216 
MET CG  HG2  sing N N 217 
MET CG  HG3  sing N N 218 
MET SD  CE   sing N N 219 
MET CE  HE1  sing N N 220 
MET CE  HE2  sing N N 221 
MET CE  HE3  sing N N 222 
MET OXT HXT  sing N N 223 
MPD C1  C2   sing N N 224 
MPD C1  H11  sing N N 225 
MPD C1  H12  sing N N 226 
MPD C1  H13  sing N N 227 
MPD C2  O2   sing N N 228 
MPD C2  CM   sing N N 229 
MPD C2  C3   sing N N 230 
MPD O2  HO2  sing N N 231 
MPD CM  HM1  sing N N 232 
MPD CM  HM2  sing N N 233 
MPD CM  HM3  sing N N 234 
MPD C3  C4   sing N N 235 
MPD C3  H31  sing N N 236 
MPD C3  H32  sing N N 237 
MPD C4  O4   sing N N 238 
MPD C4  C5   sing N N 239 
MPD C4  H4   sing N N 240 
MPD O4  HO4  sing N N 241 
MPD C5  H51  sing N N 242 
MPD C5  H52  sing N N 243 
MPD C5  H53  sing N N 244 
MSE N   CA   sing N N 245 
MSE N   H    sing N N 246 
MSE N   H2   sing N N 247 
MSE CA  C    sing N N 248 
MSE CA  CB   sing N N 249 
MSE CA  HA   sing N N 250 
MSE C   O    doub N N 251 
MSE C   OXT  sing N N 252 
MSE OXT HXT  sing N N 253 
MSE CB  CG   sing N N 254 
MSE CB  HB2  sing N N 255 
MSE CB  HB3  sing N N 256 
MSE CG  SE   sing N N 257 
MSE CG  HG2  sing N N 258 
MSE CG  HG3  sing N N 259 
MSE SE  CE   sing N N 260 
MSE CE  HE1  sing N N 261 
MSE CE  HE2  sing N N 262 
MSE CE  HE3  sing N N 263 
PHE N   CA   sing N N 264 
PHE N   H    sing N N 265 
PHE N   H2   sing N N 266 
PHE CA  C    sing N N 267 
PHE CA  CB   sing N N 268 
PHE CA  HA   sing N N 269 
PHE C   O    doub N N 270 
PHE C   OXT  sing N N 271 
PHE CB  CG   sing N N 272 
PHE CB  HB2  sing N N 273 
PHE CB  HB3  sing N N 274 
PHE CG  CD1  doub Y N 275 
PHE CG  CD2  sing Y N 276 
PHE CD1 CE1  sing Y N 277 
PHE CD1 HD1  sing N N 278 
PHE CD2 CE2  doub Y N 279 
PHE CD2 HD2  sing N N 280 
PHE CE1 CZ   doub Y N 281 
PHE CE1 HE1  sing N N 282 
PHE CE2 CZ   sing Y N 283 
PHE CE2 HE2  sing N N 284 
PHE CZ  HZ   sing N N 285 
PHE OXT HXT  sing N N 286 
PRO N   CA   sing N N 287 
PRO N   CD   sing N N 288 
PRO N   H    sing N N 289 
PRO CA  C    sing N N 290 
PRO CA  CB   sing N N 291 
PRO CA  HA   sing N N 292 
PRO C   O    doub N N 293 
PRO C   OXT  sing N N 294 
PRO CB  CG   sing N N 295 
PRO CB  HB2  sing N N 296 
PRO CB  HB3  sing N N 297 
PRO CG  CD   sing N N 298 
PRO CG  HG2  sing N N 299 
PRO CG  HG3  sing N N 300 
PRO CD  HD2  sing N N 301 
PRO CD  HD3  sing N N 302 
PRO OXT HXT  sing N N 303 
SER N   CA   sing N N 304 
SER N   H    sing N N 305 
SER N   H2   sing N N 306 
SER CA  C    sing N N 307 
SER CA  CB   sing N N 308 
SER CA  HA   sing N N 309 
SER C   O    doub N N 310 
SER C   OXT  sing N N 311 
SER CB  OG   sing N N 312 
SER CB  HB2  sing N N 313 
SER CB  HB3  sing N N 314 
SER OG  HG   sing N N 315 
SER OXT HXT  sing N N 316 
THR N   CA   sing N N 317 
THR N   H    sing N N 318 
THR N   H2   sing N N 319 
THR CA  C    sing N N 320 
THR CA  CB   sing N N 321 
THR CA  HA   sing N N 322 
THR C   O    doub N N 323 
THR C   OXT  sing N N 324 
THR CB  OG1  sing N N 325 
THR CB  CG2  sing N N 326 
THR CB  HB   sing N N 327 
THR OG1 HG1  sing N N 328 
THR CG2 HG21 sing N N 329 
THR CG2 HG22 sing N N 330 
THR CG2 HG23 sing N N 331 
THR OXT HXT  sing N N 332 
TYR N   CA   sing N N 333 
TYR N   H    sing N N 334 
TYR N   H2   sing N N 335 
TYR CA  C    sing N N 336 
TYR CA  CB   sing N N 337 
TYR CA  HA   sing N N 338 
TYR C   O    doub N N 339 
TYR C   OXT  sing N N 340 
TYR CB  CG   sing N N 341 
TYR CB  HB2  sing N N 342 
TYR CB  HB3  sing N N 343 
TYR CG  CD1  doub Y N 344 
TYR CG  CD2  sing Y N 345 
TYR CD1 CE1  sing Y N 346 
TYR CD1 HD1  sing N N 347 
TYR CD2 CE2  doub Y N 348 
TYR CD2 HD2  sing N N 349 
TYR CE1 CZ   doub Y N 350 
TYR CE1 HE1  sing N N 351 
TYR CE2 CZ   sing Y N 352 
TYR CE2 HE2  sing N N 353 
TYR CZ  OH   sing N N 354 
TYR OH  HH   sing N N 355 
TYR OXT HXT  sing N N 356 
VAL N   CA   sing N N 357 
VAL N   H    sing N N 358 
VAL N   H2   sing N N 359 
VAL CA  C    sing N N 360 
VAL CA  CB   sing N N 361 
VAL CA  HA   sing N N 362 
VAL C   O    doub N N 363 
VAL C   OXT  sing N N 364 
VAL CB  CG1  sing N N 365 
VAL CB  CG2  sing N N 366 
VAL CB  HB   sing N N 367 
VAL CG1 HG11 sing N N 368 
VAL CG1 HG12 sing N N 369 
VAL CG1 HG13 sing N N 370 
VAL CG2 HG21 sing N N 371 
VAL CG2 HG22 sing N N 372 
VAL CG2 HG23 sing N N 373 
VAL OXT HXT  sing N N 374 
# 
_atom_sites.entry_id                    2DU9 
_atom_sites.fract_transf_matrix[1][1]   0.01172381 
_atom_sites.fract_transf_matrix[1][2]   -0.01678667 
_atom_sites.fract_transf_matrix[1][3]   -0.00586578 
_atom_sites.fract_transf_matrix[2][1]   -0.00032035 
_atom_sites.fract_transf_matrix[2][2]   0.00682541 
_atom_sites.fract_transf_matrix[2][3]   -0.02017321 
_atom_sites.fract_transf_matrix[3][1]   0.00547422 
_atom_sites.fract_transf_matrix[3][2]   0.00344615 
_atom_sites.fract_transf_matrix[3][3]   0.00107904 
_atom_sites.fract_transf_vector[1]      0.609905 
_atom_sites.fract_transf_vector[2]      0.877218 
_atom_sites.fract_transf_vector[3]      0.311564 
# 
loop_
_atom_type.symbol 
C  
N  
O  
SE 
# 
loop_
_atom_site.group_PDB 
_atom_site.id 
_atom_site.type_symbol 
_atom_site.label_atom_id 
_atom_site.label_alt_id 
_atom_site.label_comp_id 
_atom_site.label_asym_id 
_atom_site.label_entity_id 
_atom_site.label_seq_id 
_atom_site.pdbx_PDB_ins_code 
_atom_site.Cartn_x 
_atom_site.Cartn_y 
_atom_site.Cartn_z 
_atom_site.occupancy 
_atom_site.B_iso_or_equiv 
_atom_site.pdbx_formal_charge 
_atom_site.auth_seq_id 
_atom_site.auth_comp_id 
_atom_site.auth_asym_id 
_atom_site.auth_atom_id 
_atom_site.pdbx_PDB_model_num 
ATOM   1   N  N   . VAL A 1 3   ? -6.966  9.557   -9.835  1.00 64.87 ? 3   VAL A N   1 
ATOM   2   C  CA  . VAL A 1 3   ? -7.152  9.037   -8.449  1.00 63.72 ? 3   VAL A CA  1 
ATOM   3   C  C   . VAL A 1 3   ? -7.393  10.188  -7.472  1.00 61.62 ? 3   VAL A C   1 
ATOM   4   O  O   . VAL A 1 3   ? -6.772  11.247  -7.581  1.00 60.83 ? 3   VAL A O   1 
ATOM   5   C  CB  . VAL A 1 3   ? -5.905  8.256   -7.965  1.00 64.20 ? 3   VAL A CB  1 
ATOM   6   C  CG1 . VAL A 1 3   ? -6.250  7.446   -6.721  1.00 64.03 ? 3   VAL A CG1 1 
ATOM   7   C  CG2 . VAL A 1 3   ? -5.377  7.364   -9.074  1.00 65.27 ? 3   VAL A CG2 1 
ATOM   8   N  N   . PRO A 1 4   ? -8.304  9.992   -6.506  1.00 59.37 ? 4   PRO A N   1 
ATOM   9   C  CA  . PRO A 1 4   ? -8.592  11.044  -5.526  1.00 58.67 ? 4   PRO A CA  1 
ATOM   10  C  C   . PRO A 1 4   ? -7.323  11.449  -4.770  1.00 57.53 ? 4   PRO A C   1 
ATOM   11  O  O   . PRO A 1 4   ? -6.543  10.591  -4.350  1.00 56.47 ? 4   PRO A O   1 
ATOM   12  C  CB  . PRO A 1 4   ? -9.622  10.388  -4.607  1.00 58.46 ? 4   PRO A CB  1 
ATOM   13  C  CG  . PRO A 1 4   ? -10.321 9.418   -5.522  1.00 58.53 ? 4   PRO A CG  1 
ATOM   14  C  CD  . PRO A 1 4   ? -9.175  8.823   -6.299  1.00 58.36 ? 4   PRO A CD  1 
ATOM   15  N  N   . LEU A 1 5   ? -7.120  12.752  -4.606  1.00 56.08 ? 5   LEU A N   1 
ATOM   16  C  CA  . LEU A 1 5   ? -5.944  13.258  -3.904  1.00 55.06 ? 5   LEU A CA  1 
ATOM   17  C  C   . LEU A 1 5   ? -5.766  12.679  -2.504  1.00 53.73 ? 5   LEU A C   1 
ATOM   18  O  O   . LEU A 1 5   ? -4.656  12.279  -2.132  1.00 52.06 ? 5   LEU A O   1 
ATOM   19  C  CB  . LEU A 1 5   ? -5.986  14.786  -3.834  1.00 55.36 ? 5   LEU A CB  1 
ATOM   20  C  CG  . LEU A 1 5   ? -5.259  15.506  -4.976  1.00 55.40 ? 5   LEU A CG  1 
ATOM   21  C  CD1 . LEU A 1 5   ? -5.602  14.870  -6.312  1.00 55.24 ? 5   LEU A CD1 1 
ATOM   22  C  CD2 . LEU A 1 5   ? -5.635  16.975  -4.964  1.00 55.54 ? 5   LEU A CD2 1 
ATOM   23  N  N   . TYR A 1 6   ? -6.851  12.625  -1.735  1.00 52.98 ? 6   TYR A N   1 
ATOM   24  C  CA  . TYR A 1 6   ? -6.770  12.090  -0.383  1.00 53.66 ? 6   TYR A CA  1 
ATOM   25  C  C   . TYR A 1 6   ? -6.207  10.664  -0.389  1.00 53.52 ? 6   TYR A C   1 
ATOM   26  O  O   . TYR A 1 6   ? -5.639  10.214  0.607   1.00 51.99 ? 6   TYR A O   1 
ATOM   27  C  CB  . TYR A 1 6   ? -8.145  12.120  0.307   1.00 54.40 ? 6   TYR A CB  1 
ATOM   28  C  CG  . TYR A 1 6   ? -9.060  10.957  -0.016  1.00 56.01 ? 6   TYR A CG  1 
ATOM   29  C  CD1 . TYR A 1 6   ? -9.792  10.919  -1.201  1.00 57.10 ? 6   TYR A CD1 1 
ATOM   30  C  CD2 . TYR A 1 6   ? -9.187  9.886   0.868   1.00 56.48 ? 6   TYR A CD2 1 
ATOM   31  C  CE1 . TYR A 1 6   ? -10.634 9.835   -1.493  1.00 57.26 ? 6   TYR A CE1 1 
ATOM   32  C  CE2 . TYR A 1 6   ? -10.021 8.801   0.585   1.00 56.60 ? 6   TYR A CE2 1 
ATOM   33  C  CZ  . TYR A 1 6   ? -10.739 8.781   -0.595  1.00 57.90 ? 6   TYR A CZ  1 
ATOM   34  O  OH  . TYR A 1 6   ? -11.561 7.709   -0.877  1.00 58.47 ? 6   TYR A OH  1 
ATOM   35  N  N   . LYS A 1 7   ? -6.357  9.958   -1.510  1.00 53.21 ? 7   LYS A N   1 
ATOM   36  C  CA  . LYS A 1 7   ? -5.845  8.593   -1.605  1.00 53.33 ? 7   LYS A CA  1 
ATOM   37  C  C   . LYS A 1 7   ? -4.383  8.589   -2.066  1.00 52.61 ? 7   LYS A C   1 
ATOM   38  O  O   . LYS A 1 7   ? -3.603  7.723   -1.662  1.00 51.04 ? 7   LYS A O   1 
ATOM   39  C  CB  . LYS A 1 7   ? -6.707  7.758   -2.556  1.00 54.84 ? 7   LYS A CB  1 
ATOM   40  C  CG  . LYS A 1 7   ? -6.710  6.265   -2.222  1.00 58.61 ? 7   LYS A CG  1 
ATOM   41  C  CD  . LYS A 1 7   ? -5.347  5.612   -2.450  1.00 60.08 ? 7   LYS A CD  1 
ATOM   42  C  CE  . LYS A 1 7   ? -5.257  4.239   -1.799  1.00 60.92 ? 7   LYS A CE  1 
ATOM   43  N  NZ  . LYS A 1 7   ? -5.167  4.322   -0.313  1.00 62.12 ? 7   LYS A NZ  1 
ATOM   44  N  N   . GLN A 1 8   ? -4.017  9.553   -2.910  1.00 51.59 ? 8   GLN A N   1 
ATOM   45  C  CA  . GLN A 1 8   ? -2.639  9.671   -3.381  1.00 51.67 ? 8   GLN A CA  1 
ATOM   46  C  C   . GLN A 1 8   ? -1.770  10.013  -2.178  1.00 51.55 ? 8   GLN A C   1 
ATOM   47  O  O   . GLN A 1 8   ? -0.643  9.530   -2.035  1.00 52.53 ? 8   GLN A O   1 
ATOM   48  C  CB  . GLN A 1 8   ? -2.532  10.776  -4.431  1.00 52.20 ? 8   GLN A CB  1 
ATOM   49  C  CG  . GLN A 1 8   ? -3.211  10.422  -5.741  1.00 54.44 ? 8   GLN A CG  1 
ATOM   50  C  CD  . GLN A 1 8   ? -3.163  11.548  -6.755  1.00 57.09 ? 8   GLN A CD  1 
ATOM   51  O  OE1 . GLN A 1 8   ? -2.107  12.154  -6.984  1.00 56.60 ? 8   GLN A OE1 1 
ATOM   52  N  NE2 . GLN A 1 8   ? -4.306  11.831  -7.380  1.00 57.09 ? 8   GLN A NE2 1 
ATOM   53  N  N   . ILE A 1 9   ? -2.319  10.853  -1.310  1.00 50.47 ? 9   ILE A N   1 
ATOM   54  C  CA  . ILE A 1 9   ? -1.643  11.270  -0.099  1.00 48.40 ? 9   ILE A CA  1 
ATOM   55  C  C   . ILE A 1 9   ? -1.387  10.032  0.741   1.00 46.24 ? 9   ILE A C   1 
ATOM   56  O  O   . ILE A 1 9   ? -0.245  9.713   1.058   1.00 46.15 ? 9   ILE A O   1 
ATOM   57  C  CB  . ILE A 1 9   ? -2.524  12.271  0.692   1.00 48.62 ? 9   ILE A CB  1 
ATOM   58  C  CG1 . ILE A 1 9   ? -2.534  13.607  -0.038  1.00 49.92 ? 9   ILE A CG1 1 
ATOM   59  C  CG2 . ILE A 1 9   ? -2.019  12.438  2.131   1.00 49.04 ? 9   ILE A CG2 1 
ATOM   60  C  CD1 . ILE A 1 9   ? -1.144  14.156  -0.289  1.00 51.29 ? 9   ILE A CD1 1 
ATOM   61  N  N   . ALA A 1 10  ? -2.464  9.336   1.086   1.00 44.37 ? 10  ALA A N   1 
ATOM   62  C  CA  . ALA A 1 10  ? -2.375  8.128   1.898   1.00 44.47 ? 10  ALA A CA  1 
ATOM   63  C  C   . ALA A 1 10  ? -1.352  7.143   1.331   1.00 44.17 ? 10  ALA A C   1 
ATOM   64  O  O   . ALA A 1 10  ? -0.566  6.562   2.069   1.00 46.04 ? 10  ALA A O   1 
ATOM   65  C  CB  . ALA A 1 10  ? -3.744  7.466   1.991   1.00 41.37 ? 10  ALA A CB  1 
ATOM   66  N  N   . SER A 1 11  ? -1.377  6.965   0.017   1.00 44.43 ? 11  SER A N   1 
ATOM   67  C  CA  . SER A 1 11  ? -0.480  6.054   -0.683  1.00 43.92 ? 11  SER A CA  1 
ATOM   68  C  C   . SER A 1 11  ? 0.979   6.508   -0.607  1.00 43.16 ? 11  SER A C   1 
ATOM   69  O  O   . SER A 1 11  ? 1.888   5.688   -0.495  1.00 40.55 ? 11  SER A O   1 
ATOM   70  C  CB  . SER A 1 11  ? -0.917  5.948   -2.147  1.00 44.02 ? 11  SER A CB  1 
ATOM   71  O  OG  . SER A 1 11  ? -0.125  5.016   -2.852  1.00 49.09 ? 11  SER A OG  1 
ATOM   72  N  N   . LEU A 1 12  ? 1.191   7.820   -0.682  1.00 43.58 ? 12  LEU A N   1 
ATOM   73  C  CA  . LEU A 1 12  ? 2.534   8.391   -0.613  1.00 43.63 ? 12  LEU A CA  1 
ATOM   74  C  C   . LEU A 1 12  ? 3.102   8.133   0.785   1.00 42.75 ? 12  LEU A C   1 
ATOM   75  O  O   . LEU A 1 12  ? 4.290   7.841   0.945   1.00 42.13 ? 12  LEU A O   1 
ATOM   76  C  CB  . LEU A 1 12  ? 2.471   9.893   -0.892  1.00 45.13 ? 12  LEU A CB  1 
ATOM   77  C  CG  . LEU A 1 12  ? 3.500   10.505  -1.850  1.00 46.42 ? 12  LEU A CG  1 
ATOM   78  C  CD1 . LEU A 1 12  ? 4.817   10.739  -1.143  1.00 48.60 ? 12  LEU A CD1 1 
ATOM   79  C  CD2 . LEU A 1 12  ? 3.685   9.585   -3.045  1.00 47.26 ? 12  LEU A CD2 1 
ATOM   80  N  N   . ILE A 1 13  ? 2.246   8.239   1.796   1.00 41.47 ? 13  ILE A N   1 
ATOM   81  C  CA  . ILE A 1 13  ? 2.671   7.985   3.170   1.00 41.37 ? 13  ILE A CA  1 
ATOM   82  C  C   . ILE A 1 13  ? 3.001   6.485   3.286   1.00 40.53 ? 13  ILE A C   1 
ATOM   83  O  O   . ILE A 1 13  ? 4.024   6.099   3.842   1.00 37.39 ? 13  ILE A O   1 
ATOM   84  C  CB  . ILE A 1 13  ? 1.552   8.369   4.189   1.00 41.43 ? 13  ILE A CB  1 
ATOM   85  C  CG1 . ILE A 1 13  ? 1.622   9.863   4.528   1.00 43.98 ? 13  ILE A CG1 1 
ATOM   86  C  CG2 . ILE A 1 13  ? 1.710   7.592   5.480   1.00 41.78 ? 13  ILE A CG2 1 
ATOM   87  C  CD1 . ILE A 1 13  ? 1.570   10.786  3.334   1.00 44.41 ? 13  ILE A CD1 1 
ATOM   88  N  N   . GLU A 1 14  ? 2.131   5.645   2.741   1.00 40.29 ? 14  GLU A N   1 
ATOM   89  C  CA  . GLU A 1 14  ? 2.338   4.206   2.784   1.00 40.54 ? 14  GLU A CA  1 
ATOM   90  C  C   . GLU A 1 14  ? 3.661   3.808   2.135   1.00 38.12 ? 14  GLU A C   1 
ATOM   91  O  O   . GLU A 1 14  ? 4.347   2.916   2.617   1.00 38.98 ? 14  GLU A O   1 
ATOM   92  C  CB  . GLU A 1 14  ? 1.172   3.496   2.101   1.00 42.04 ? 14  GLU A CB  1 
ATOM   93  C  CG  . GLU A 1 14  ? -0.132  3.651   2.846   1.00 43.86 ? 14  GLU A CG  1 
ATOM   94  C  CD  . GLU A 1 14  ? -1.297  3.044   2.107   1.00 47.91 ? 14  GLU A CD  1 
ATOM   95  O  OE1 . GLU A 1 14  ? -1.543  3.445   0.946   1.00 50.98 ? 14  GLU A OE1 1 
ATOM   96  O  OE2 . GLU A 1 14  ? -1.968  2.167   2.685   1.00 49.20 ? 14  GLU A OE2 1 
ATOM   97  N  N   . ASP A 1 15  ? 4.020   4.474   1.045   1.00 36.84 ? 15  ASP A N   1 
ATOM   98  C  CA  . ASP A 1 15  ? 5.277   4.186   0.366   1.00 35.88 ? 15  ASP A CA  1 
ATOM   99  C  C   . ASP A 1 15  ? 6.453   4.338   1.330   1.00 37.56 ? 15  ASP A C   1 
ATOM   100 O  O   . ASP A 1 15  ? 7.342   3.481   1.402   1.00 37.08 ? 15  ASP A O   1 
ATOM   101 C  CB  . ASP A 1 15  ? 5.474   5.145   -0.807  1.00 36.05 ? 15  ASP A CB  1 
ATOM   102 C  CG  . ASP A 1 15  ? 4.638   4.771   -2.033  1.00 38.27 ? 15  ASP A CG  1 
ATOM   103 O  OD1 . ASP A 1 15  ? 3.851   3.792   -1.996  1.00 36.43 ? 15  ASP A OD1 1 
ATOM   104 O  OD2 . ASP A 1 15  ? 4.783   5.474   -3.053  1.00 39.62 ? 15  ASP A OD2 1 
ATOM   105 N  N   . SER A 1 16  ? 6.451   5.447   2.063   1.00 37.53 ? 16  SER A N   1 
ATOM   106 C  CA  . SER A 1 16  ? 7.507   5.754   3.015   1.00 36.88 ? 16  SER A CA  1 
ATOM   107 C  C   . SER A 1 16  ? 7.564   4.817   4.195   1.00 36.47 ? 16  SER A C   1 
ATOM   108 O  O   . SER A 1 16  ? 8.640   4.603   4.744   1.00 39.86 ? 16  SER A O   1 
ATOM   109 C  CB  . SER A 1 16  ? 7.373   7.188   3.515   1.00 38.23 ? 16  SER A CB  1 
ATOM   110 O  OG  . SER A 1 16  ? 7.874   8.075   2.540   1.00 41.25 ? 16  SER A OG  1 
ATOM   111 N  N   . ILE A 1 17  ? 6.432   4.261   4.618   1.00 34.46 ? 17  ILE A N   1 
ATOM   112 C  CA  . ILE A 1 17  ? 6.518   3.338   5.728   1.00 35.24 ? 17  ILE A CA  1 
ATOM   113 C  C   . ILE A 1 17  ? 6.842   1.923   5.229   1.00 36.38 ? 17  ILE A C   1 
ATOM   114 O  O   . ILE A 1 17  ? 7.374   1.107   5.984   1.00 36.06 ? 17  ILE A O   1 
ATOM   115 C  CB  . ILE A 1 17  ? 5.231   3.321   6.639   1.00 34.25 ? 17  ILE A CB  1 
ATOM   116 C  CG1 . ILE A 1 17  ? 4.665   1.918   6.717   1.00 35.48 ? 17  ILE A CG1 1 
ATOM   117 C  CG2 . ILE A 1 17  ? 4.211   4.334   6.179   1.00 38.18 ? 17  ILE A CG2 1 
ATOM   118 C  CD1 . ILE A 1 17  ? 4.226   1.537   8.092   1.00 36.31 ? 17  ILE A CD1 1 
ATOM   119 N  N   . VAL A 1 18  ? 6.535   1.640   3.963   1.00 34.88 ? 18  VAL A N   1 
ATOM   120 C  CA  . VAL A 1 18  ? 6.819   0.326   3.399   1.00 37.30 ? 18  VAL A CA  1 
ATOM   121 C  C   . VAL A 1 18  ? 8.324   0.138   3.191   1.00 37.04 ? 18  VAL A C   1 
ATOM   122 O  O   . VAL A 1 18  ? 8.859   -0.932  3.489   1.00 37.45 ? 18  VAL A O   1 
ATOM   123 C  CB  . VAL A 1 18  ? 6.101   0.117   2.047   1.00 38.47 ? 18  VAL A CB  1 
ATOM   124 C  CG1 . VAL A 1 18  ? 6.631   -1.120  1.358   1.00 38.78 ? 18  VAL A CG1 1 
ATOM   125 C  CG2 . VAL A 1 18  ? 4.615   -0.050  2.280   1.00 40.47 ? 18  VAL A CG2 1 
ATOM   126 N  N   . ASP A 1 19  ? 8.998   1.180   2.703   1.00 36.44 ? 19  ASP A N   1 
ATOM   127 C  CA  . ASP A 1 19  ? 10.433  1.116   2.457   1.00 37.00 ? 19  ASP A CA  1 
ATOM   128 C  C   . ASP A 1 19  ? 11.312  1.535   3.638   1.00 37.62 ? 19  ASP A C   1 
ATOM   129 O  O   . ASP A 1 19  ? 12.524  1.651   3.500   1.00 38.26 ? 19  ASP A O   1 
ATOM   130 C  CB  . ASP A 1 19  ? 10.806  1.938   1.213   1.00 36.14 ? 19  ASP A CB  1 
ATOM   131 C  CG  . ASP A 1 19  ? 10.529  3.426   1.369   1.00 38.59 ? 19  ASP A CG  1 
ATOM   132 O  OD1 . ASP A 1 19  ? 10.367  3.898   2.515   1.00 38.00 ? 19  ASP A OD1 1 
ATOM   133 O  OD2 . ASP A 1 19  ? 10.490  4.127   0.327   1.00 38.65 ? 19  ASP A OD2 1 
ATOM   134 N  N   . GLY A 1 20  ? 10.704  1.772   4.795   1.00 38.51 ? 20  GLY A N   1 
ATOM   135 C  CA  . GLY A 1 20  ? 11.476  2.163   5.961   1.00 38.89 ? 20  GLY A CA  1 
ATOM   136 C  C   . GLY A 1 20  ? 11.731  3.651   6.178   1.00 39.87 ? 20  GLY A C   1 
ATOM   137 O  O   . GLY A 1 20  ? 12.159  4.036   7.264   1.00 40.94 ? 20  GLY A O   1 
ATOM   138 N  N   . THR A 1 21  ? 11.492  4.492   5.175   1.00 40.01 ? 21  THR A N   1 
ATOM   139 C  CA  . THR A 1 21  ? 11.701  5.936   5.337   1.00 40.51 ? 21  THR A CA  1 
ATOM   140 C  C   . THR A 1 21  ? 11.009  6.481   6.606   1.00 41.23 ? 21  THR A C   1 
ATOM   141 O  O   . THR A 1 21  ? 11.534  7.371   7.274   1.00 40.61 ? 21  THR A O   1 
ATOM   142 C  CB  . THR A 1 21  ? 11.184  6.717   4.106   1.00 41.09 ? 21  THR A CB  1 
ATOM   143 O  OG1 . THR A 1 21  ? 11.868  6.262   2.934   1.00 40.55 ? 21  THR A OG1 1 
ATOM   144 C  CG2 . THR A 1 21  ? 11.435  8.208   4.269   1.00 40.97 ? 21  THR A CG2 1 
ATOM   145 N  N   . LEU A 1 22  ? 9.826   5.953   6.918   1.00 40.86 ? 22  LEU A N   1 
ATOM   146 C  CA  . LEU A 1 22  ? 9.073   6.350   8.111   1.00 40.40 ? 22  LEU A CA  1 
ATOM   147 C  C   . LEU A 1 22  ? 9.012   5.132   9.027   1.00 41.01 ? 22  LEU A C   1 
ATOM   148 O  O   . LEU A 1 22  ? 8.549   4.059   8.621   1.00 42.33 ? 22  LEU A O   1 
ATOM   149 C  CB  . LEU A 1 22  ? 7.649   6.784   7.750   1.00 39.73 ? 22  LEU A CB  1 
ATOM   150 C  CG  . LEU A 1 22  ? 7.492   8.177   7.138   1.00 40.96 ? 22  LEU A CG  1 
ATOM   151 C  CD1 . LEU A 1 22  ? 6.056   8.386   6.681   1.00 39.43 ? 22  LEU A CD1 1 
ATOM   152 C  CD2 . LEU A 1 22  ? 7.900   9.227   8.165   1.00 39.29 ? 22  LEU A CD2 1 
ATOM   153 N  N   . SER A 1 23  ? 9.455   5.308   10.266  1.00 40.07 ? 23  SER A N   1 
ATOM   154 C  CA  . SER A 1 23  ? 9.501   4.210   11.223  1.00 40.29 ? 23  SER A CA  1 
ATOM   155 C  C   . SER A 1 23  ? 8.278   4.095   12.101  1.00 40.29 ? 23  SER A C   1 
ATOM   156 O  O   . SER A 1 23  ? 7.556   5.066   12.312  1.00 39.44 ? 23  SER A O   1 
ATOM   157 C  CB  . SER A 1 23  ? 10.737  4.359   12.110  1.00 41.01 ? 23  SER A CB  1 
ATOM   158 O  OG  . SER A 1 23  ? 11.884  4.581   11.314  1.00 42.81 ? 23  SER A OG  1 
ATOM   159 N  N   . ILE A 1 24  ? 8.060   2.891   12.617  1.00 40.55 ? 24  ILE A N   1 
ATOM   160 C  CA  . ILE A 1 24  ? 6.938   2.634   13.501  1.00 41.38 ? 24  ILE A CA  1 
ATOM   161 C  C   . ILE A 1 24  ? 7.020   3.581   14.692  1.00 41.69 ? 24  ILE A C   1 
ATOM   162 O  O   . ILE A 1 24  ? 8.085   3.774   15.278  1.00 41.78 ? 24  ILE A O   1 
ATOM   163 C  CB  . ILE A 1 24  ? 6.950   1.170   14.005  1.00 41.92 ? 24  ILE A CB  1 
ATOM   164 C  CG1 . ILE A 1 24  ? 6.391   0.251   12.920  1.00 43.41 ? 24  ILE A CG1 1 
ATOM   165 C  CG2 . ILE A 1 24  ? 6.134   1.034   15.296  1.00 40.85 ? 24  ILE A CG2 1 
ATOM   166 C  CD1 . ILE A 1 24  ? 6.432   -1.216  13.298  1.00 43.87 ? 24  ILE A CD1 1 
ATOM   167 N  N   . ASP A 1 25  ? 5.888   4.175   15.039  1.00 41.34 ? 25  ASP A N   1 
ATOM   168 C  CA  . ASP A 1 25  ? 5.819   5.088   16.167  1.00 40.47 ? 25  ASP A CA  1 
ATOM   169 C  C   . ASP A 1 25  ? 6.557   6.393   15.978  1.00 38.94 ? 25  ASP A C   1 
ATOM   170 O  O   . ASP A 1 25  ? 6.840   7.090   16.941  1.00 38.23 ? 25  ASP A O   1 
ATOM   171 C  CB  . ASP A 1 25  ? 6.305   4.397   17.435  1.00 41.34 ? 25  ASP A CB  1 
ATOM   172 C  CG  . ASP A 1 25  ? 5.352   3.322   17.894  1.00 43.14 ? 25  ASP A CG  1 
ATOM   173 O  OD1 . ASP A 1 25  ? 4.120   3.559   17.847  1.00 41.66 ? 25  ASP A OD1 1 
ATOM   174 O  OD2 . ASP A 1 25  ? 5.832   2.245   18.302  1.00 44.94 ? 25  ASP A OD2 1 
ATOM   175 N  N   . GLN A 1 26  ? 6.882   6.709   14.736  1.00 37.90 ? 26  GLN A N   1 
ATOM   176 C  CA  . GLN A 1 26  ? 7.534   7.963   14.428  1.00 38.14 ? 26  GLN A CA  1 
ATOM   177 C  C   . GLN A 1 26  ? 6.406   8.936   14.111  1.00 40.12 ? 26  GLN A C   1 
ATOM   178 O  O   . GLN A 1 26  ? 5.318   8.536   13.704  1.00 39.24 ? 26  GLN A O   1 
ATOM   179 C  CB  . GLN A 1 26  ? 8.419   7.839   13.199  1.00 38.93 ? 26  GLN A CB  1 
ATOM   180 C  CG  . GLN A 1 26  ? 9.057   9.145   12.815  1.00 38.81 ? 26  GLN A CG  1 
ATOM   181 C  CD  . GLN A 1 26  ? 9.567   9.157   11.396  1.00 39.05 ? 26  GLN A CD  1 
ATOM   182 O  OE1 . GLN A 1 26  ? 9.984   8.131   10.863  1.00 38.90 ? 26  GLN A OE1 1 
ATOM   183 N  NE2 . GLN A 1 26  ? 9.562   10.331  10.782  1.00 39.45 ? 26  GLN A NE2 1 
ATOM   184 N  N   . ARG A 1 27  ? 6.669   10.220  14.293  1.00 41.73 ? 27  ARG A N   1 
ATOM   185 C  CA  . ARG A 1 27  ? 5.675   11.241  14.028  1.00 44.73 ? 27  ARG A CA  1 
ATOM   186 C  C   . ARG A 1 27  ? 5.555   11.452  12.522  1.00 45.59 ? 27  ARG A C   1 
ATOM   187 O  O   . ARG A 1 27  ? 6.556   11.538  11.813  1.00 45.30 ? 27  ARG A O   1 
ATOM   188 C  CB  . ARG A 1 27  ? 6.097   12.543  14.718  1.00 47.95 ? 27  ARG A CB  1 
ATOM   189 C  CG  . ARG A 1 27  ? 5.125   13.707  14.627  1.00 50.44 ? 27  ARG A CG  1 
ATOM   190 C  CD  . ARG A 1 27  ? 5.747   14.935  15.294  1.00 55.11 ? 27  ARG A CD  1 
ATOM   191 N  NE  . ARG A 1 27  ? 7.024   15.298  14.669  1.00 58.36 ? 27  ARG A NE  1 
ATOM   192 C  CZ  . ARG A 1 27  ? 7.952   16.074  15.231  1.00 61.52 ? 27  ARG A CZ  1 
ATOM   193 N  NH1 . ARG A 1 27  ? 7.765   16.579  16.448  1.00 63.39 ? 27  ARG A NH1 1 
ATOM   194 N  NH2 . ARG A 1 27  ? 9.069   16.357  14.574  1.00 62.14 ? 27  ARG A NH2 1 
ATOM   195 N  N   . VAL A 1 28  ? 4.320   11.527  12.045  1.00 45.79 ? 28  VAL A N   1 
ATOM   196 C  CA  . VAL A 1 28  ? 4.035   11.737  10.632  1.00 47.27 ? 28  VAL A CA  1 
ATOM   197 C  C   . VAL A 1 28  ? 3.543   13.163  10.499  1.00 48.03 ? 28  VAL A C   1 
ATOM   198 O  O   . VAL A 1 28  ? 2.958   13.698  11.432  1.00 49.11 ? 28  VAL A O   1 
ATOM   199 C  CB  . VAL A 1 28  ? 2.910   10.792  10.157  1.00 47.50 ? 28  VAL A CB  1 
ATOM   200 C  CG1 . VAL A 1 28  ? 2.554   11.076  8.720   1.00 49.18 ? 28  VAL A CG1 1 
ATOM   201 C  CG2 . VAL A 1 28  ? 3.347   9.361   10.303  1.00 48.29 ? 28  VAL A CG2 1 
ATOM   202 N  N   . PRO A 1 29  ? 3.788   13.813  9.352   1.00 49.83 ? 29  PRO A N   1 
ATOM   203 C  CA  . PRO A 1 29  ? 3.289   15.192  9.252   1.00 51.44 ? 29  PRO A CA  1 
ATOM   204 C  C   . PRO A 1 29  ? 1.772   15.228  9.497   1.00 52.02 ? 29  PRO A C   1 
ATOM   205 O  O   . PRO A 1 29  ? 1.034   14.350  9.033   1.00 52.21 ? 29  PRO A O   1 
ATOM   206 C  CB  . PRO A 1 29  ? 3.670   15.590  7.829   1.00 50.20 ? 29  PRO A CB  1 
ATOM   207 C  CG  . PRO A 1 29  ? 4.956   14.852  7.628   1.00 51.29 ? 29  PRO A CG  1 
ATOM   208 C  CD  . PRO A 1 29  ? 4.643   13.478  8.201   1.00 50.55 ? 29  PRO A CD  1 
ATOM   209 N  N   . SER A 1 30  ? 1.310   16.228  10.246  1.00 51.94 ? 30  SER A N   1 
ATOM   210 C  CA  . SER A 1 30  ? -0.116  16.341  10.549  1.00 52.19 ? 30  SER A CA  1 
ATOM   211 C  C   . SER A 1 30  ? -0.910  16.825  9.342   1.00 51.70 ? 30  SER A C   1 
ATOM   212 O  O   . SER A 1 30  ? -0.349  17.140  8.289   1.00 49.81 ? 30  SER A O   1 
ATOM   213 C  CB  . SER A 1 30  ? -0.347  17.315  11.711  1.00 52.33 ? 30  SER A CB  1 
ATOM   214 O  OG  . SER A 1 30  ? -0.177  18.662  11.287  1.00 53.16 ? 30  SER A OG  1 
ATOM   215 N  N   . THR A 1 31  ? -2.225  16.884  9.519   1.00 53.01 ? 31  THR A N   1 
ATOM   216 C  CA  . THR A 1 31  ? -3.140  17.347  8.481   1.00 53.76 ? 31  THR A CA  1 
ATOM   217 C  C   . THR A 1 31  ? -2.697  18.714  7.976   1.00 53.91 ? 31  THR A C   1 
ATOM   218 O  O   . THR A 1 31  ? -2.672  18.977  6.771   1.00 52.33 ? 31  THR A O   1 
ATOM   219 C  CB  . THR A 1 31  ? -4.574  17.494  9.042   1.00 54.33 ? 31  THR A CB  1 
ATOM   220 O  OG1 . THR A 1 31  ? -5.161  16.194  9.217   1.00 54.16 ? 31  THR A OG1 1 
ATOM   221 C  CG2 . THR A 1 31  ? -5.434  18.348  8.106   1.00 55.34 ? 31  THR A CG2 1 
ATOM   222 N  N   . ASN A 1 32  ? -2.337  19.575  8.918   1.00 54.16 ? 32  ASN A N   1 
ATOM   223 C  CA  . ASN A 1 32  ? -1.923  20.928  8.590   1.00 56.10 ? 32  ASN A CA  1 
ATOM   224 C  C   . ASN A 1 32  ? -0.569  21.032  7.896   1.00 56.68 ? 32  ASN A C   1 
ATOM   225 O  O   . ASN A 1 32  ? -0.386  21.864  7.008   1.00 56.28 ? 32  ASN A O   1 
ATOM   226 C  CB  . ASN A 1 32  ? -1.965  21.790  9.857   1.00 56.42 ? 32  ASN A CB  1 
ATOM   227 C  CG  . ASN A 1 32  ? -3.345  21.790  10.501  1.00 57.69 ? 32  ASN A CG  1 
ATOM   228 O  OD1 . ASN A 1 32  ? -4.357  21.815  9.803   1.00 57.69 ? 32  ASN A OD1 1 
ATOM   229 N  ND2 . ASN A 1 32  ? -3.393  21.768  11.831  1.00 57.56 ? 32  ASN A ND2 1 
ATOM   230 N  N   . GLU A 1 33  ? 0.380   20.190  8.282   1.00 58.29 ? 33  GLU A N   1 
ATOM   231 C  CA  . GLU A 1 33  ? 1.695   20.235  7.656   1.00 59.94 ? 33  GLU A CA  1 
ATOM   232 C  C   . GLU A 1 33  ? 1.642   19.753  6.206   1.00 60.37 ? 33  GLU A C   1 
ATOM   233 O  O   . GLU A 1 33  ? 2.369   20.261  5.349   1.00 60.44 ? 33  GLU A O   1 
ATOM   234 C  CB  . GLU A 1 33  ? 2.677   19.409  8.478   1.00 60.41 ? 33  GLU A CB  1 
ATOM   235 C  CG  . GLU A 1 33  ? 2.774   19.916  9.906   1.00 62.32 ? 33  GLU A CG  1 
ATOM   236 C  CD  . GLU A 1 33  ? 3.799   19.174  10.721  1.00 63.94 ? 33  GLU A CD  1 
ATOM   237 O  OE1 . GLU A 1 33  ? 3.692   17.932  10.821  1.00 65.00 ? 33  GLU A OE1 1 
ATOM   238 O  OE2 . GLU A 1 33  ? 4.711   19.834  11.265  1.00 65.11 ? 33  GLU A OE2 1 
ATOM   239 N  N   . LEU A 1 34  ? 0.772   18.783  5.933   1.00 60.97 ? 34  LEU A N   1 
ATOM   240 C  CA  . LEU A 1 34  ? 0.606   18.257  4.580   1.00 61.48 ? 34  LEU A CA  1 
ATOM   241 C  C   . LEU A 1 34  ? -0.061  19.320  3.711   1.00 61.81 ? 34  LEU A C   1 
ATOM   242 O  O   . LEU A 1 34  ? 0.381   19.591  2.594   1.00 60.83 ? 34  LEU A O   1 
ATOM   243 C  CB  . LEU A 1 34  ? -0.269  16.997  4.594   1.00 61.66 ? 34  LEU A CB  1 
ATOM   244 C  CG  . LEU A 1 34  ? 0.317   15.716  5.190   1.00 62.44 ? 34  LEU A CG  1 
ATOM   245 C  CD1 . LEU A 1 34  ? -0.771  14.659  5.312   1.00 62.53 ? 34  LEU A CD1 1 
ATOM   246 C  CD2 . LEU A 1 34  ? 1.456   15.225  4.312   1.00 62.18 ? 34  LEU A CD2 1 
ATOM   247 N  N   . ALA A 1 35  ? -1.129  19.916  4.239   1.00 63.02 ? 35  ALA A N   1 
ATOM   248 C  CA  . ALA A 1 35  ? -1.875  20.957  3.534   1.00 65.11 ? 35  ALA A CA  1 
ATOM   249 C  C   . ALA A 1 35  ? -0.985  22.163  3.262   1.00 66.60 ? 35  ALA A C   1 
ATOM   250 O  O   . ALA A 1 35  ? -1.229  22.929  2.325   1.00 67.44 ? 35  ALA A O   1 
ATOM   251 C  CB  . ALA A 1 35  ? -3.086  21.380  4.357   1.00 63.74 ? 35  ALA A CB  1 
ATOM   252 N  N   . ALA A 1 36  ? 0.044   22.327  4.090   1.00 68.17 ? 36  ALA A N   1 
ATOM   253 C  CA  . ALA A 1 36  ? 0.982   23.428  3.952   1.00 69.14 ? 36  ALA A CA  1 
ATOM   254 C  C   . ALA A 1 36  ? 2.034   23.107  2.896   1.00 70.36 ? 36  ALA A C   1 
ATOM   255 O  O   . ALA A 1 36  ? 2.135   23.826  1.904   1.00 70.82 ? 36  ALA A O   1 
ATOM   256 C  CB  . ALA A 1 36  ? 1.641   23.721  5.284   1.00 68.71 ? 36  ALA A CB  1 
ATOM   257 N  N   . PHE A 1 37  ? 2.813   22.040  3.095   1.00 71.24 ? 37  PHE A N   1 
ATOM   258 C  CA  . PHE A 1 37  ? 3.838   21.680  2.108   1.00 72.30 ? 37  PHE A CA  1 
ATOM   259 C  C   . PHE A 1 37  ? 3.142   21.558  0.766   1.00 73.12 ? 37  PHE A C   1 
ATOM   260 O  O   . PHE A 1 37  ? 3.187   22.478  -0.051  1.00 73.57 ? 37  PHE A O   1 
ATOM   261 C  CB  . PHE A 1 37  ? 4.516   20.350  2.439   1.00 71.90 ? 37  PHE A CB  1 
ATOM   262 C  CG  . PHE A 1 37  ? 5.553   19.954  1.427   1.00 71.83 ? 37  PHE A CG  1 
ATOM   263 C  CD1 . PHE A 1 37  ? 6.733   20.682  1.308   1.00 72.85 ? 37  PHE A CD1 1 
ATOM   264 C  CD2 . PHE A 1 37  ? 5.334   18.888  0.564   1.00 71.72 ? 37  PHE A CD2 1 
ATOM   265 C  CE1 . PHE A 1 37  ? 7.674   20.367  0.332   1.00 72.84 ? 37  PHE A CE1 1 
ATOM   266 C  CE2 . PHE A 1 37  ? 6.267   18.562  -0.416  1.00 72.95 ? 37  PHE A CE2 1 
ATOM   267 C  CZ  . PHE A 1 37  ? 7.444   19.301  -0.529  1.00 73.57 ? 37  PHE A CZ  1 
ATOM   268 N  N   . HIS A 1 38  ? 2.510   20.411  0.527   1.00 74.24 ? 38  HIS A N   1 
ATOM   269 C  CA  . HIS A 1 38  ? 1.747   20.242  -0.701  1.00 75.09 ? 38  HIS A CA  1 
ATOM   270 C  C   . HIS A 1 38  ? 0.763   21.367  -0.451  1.00 75.35 ? 38  HIS A C   1 
ATOM   271 O  O   . HIS A 1 38  ? 0.535   21.732  0.703   1.00 76.14 ? 38  HIS A O   1 
ATOM   272 C  CB  . HIS A 1 38  ? 1.003   18.904  -0.716  1.00 75.67 ? 38  HIS A CB  1 
ATOM   273 C  CG  . HIS A 1 38  ? 1.877   17.716  -0.453  1.00 77.06 ? 38  HIS A CG  1 
ATOM   274 N  ND1 . HIS A 1 38  ? 2.892   17.333  -1.306  1.00 77.14 ? 38  HIS A ND1 1 
ATOM   275 C  CD2 . HIS A 1 38  ? 1.887   16.827  0.568   1.00 76.89 ? 38  HIS A CD2 1 
ATOM   276 C  CE1 . HIS A 1 38  ? 3.487   16.257  -0.820  1.00 77.28 ? 38  HIS A CE1 1 
ATOM   277 N  NE2 . HIS A 1 38  ? 2.897   15.929  0.315   1.00 76.85 ? 38  HIS A NE2 1 
ATOM   278 N  N   . ARG A 1 39  ? 0.179   21.939  -1.486  1.00 74.88 ? 39  ARG A N   1 
ATOM   279 C  CA  . ARG A 1 39  ? -0.738  23.031  -1.225  1.00 74.99 ? 39  ARG A CA  1 
ATOM   280 C  C   . ARG A 1 39  ? -2.162  22.626  -1.549  1.00 73.70 ? 39  ARG A C   1 
ATOM   281 O  O   . ARG A 1 39  ? -2.764  23.094  -2.515  1.00 74.02 ? 39  ARG A O   1 
ATOM   282 C  CB  . ARG A 1 39  ? -0.265  24.257  -1.998  1.00 76.57 ? 39  ARG A CB  1 
ATOM   283 C  CG  . ARG A 1 39  ? 1.157   24.626  -1.572  1.00 79.09 ? 39  ARG A CG  1 
ATOM   284 C  CD  . ARG A 1 39  ? 1.910   25.455  -2.592  1.00 81.96 ? 39  ARG A CD  1 
ATOM   285 N  NE  . ARG A 1 39  ? 1.513   26.860  -2.580  1.00 85.22 ? 39  ARG A NE  1 
ATOM   286 C  CZ  . ARG A 1 39  ? 2.129   27.813  -3.274  1.00 87.04 ? 39  ARG A CZ  1 
ATOM   287 N  NH1 . ARG A 1 39  ? 1.704   29.071  -3.207  1.00 88.05 ? 39  ARG A NH1 1 
ATOM   288 N  NH2 . ARG A 1 39  ? 3.176   27.513  -4.035  1.00 87.89 ? 39  ARG A NH2 1 
ATOM   289 N  N   . ILE A 1 40  ? -2.682  21.741  -0.699  1.00 71.78 ? 40  ILE A N   1 
ATOM   290 C  CA  . ILE A 1 40  ? -4.023  21.186  -0.815  1.00 69.97 ? 40  ILE A CA  1 
ATOM   291 C  C   . ILE A 1 40  ? -4.912  21.612  0.348   1.00 68.87 ? 40  ILE A C   1 
ATOM   292 O  O   . ILE A 1 40  ? -4.427  22.105  1.366   1.00 68.31 ? 40  ILE A O   1 
ATOM   293 C  CB  . ILE A 1 40  ? -3.969  19.642  -0.831  1.00 69.97 ? 40  ILE A CB  1 
ATOM   294 C  CG1 . ILE A 1 40  ? -3.257  19.139  0.433   1.00 70.46 ? 40  ILE A CG1 1 
ATOM   295 C  CG2 . ILE A 1 40  ? -3.248  19.158  -2.082  1.00 69.24 ? 40  ILE A CG2 1 
ATOM   296 C  CD1 . ILE A 1 40  ? -3.331  17.644  0.646   1.00 70.21 ? 40  ILE A CD1 1 
ATOM   297 N  N   . ASN A 1 41  ? -6.216  21.402  0.191   1.00 68.06 ? 41  ASN A N   1 
ATOM   298 C  CA  . ASN A 1 41  ? -7.184  21.756  1.219   1.00 66.89 ? 41  ASN A CA  1 
ATOM   299 C  C   . ASN A 1 41  ? -6.959  20.872  2.440   1.00 66.14 ? 41  ASN A C   1 
ATOM   300 O  O   . ASN A 1 41  ? -6.923  19.639  2.333   1.00 64.29 ? 41  ASN A O   1 
ATOM   301 C  CB  . ASN A 1 41  ? -8.619  21.559  0.701   1.00 68.14 ? 41  ASN A CB  1 
ATOM   302 C  CG  . ASN A 1 41  ? -9.664  22.260  1.567   1.00 68.86 ? 41  ASN A CG  1 
ATOM   303 O  OD1 . ASN A 1 41  ? -9.656  22.142  2.794   1.00 69.30 ? 41  ASN A OD1 1 
ATOM   304 N  ND2 . ASN A 1 41  ? -10.577 22.987  0.922   1.00 68.50 ? 41  ASN A ND2 1 
ATOM   305 N  N   . PRO A 1 42  ? -6.802  21.494  3.620   1.00 65.01 ? 42  PRO A N   1 
ATOM   306 C  CA  . PRO A 1 42  ? -6.582  20.754  4.864   1.00 63.88 ? 42  PRO A CA  1 
ATOM   307 C  C   . PRO A 1 42  ? -7.581  19.612  5.023   1.00 62.16 ? 42  PRO A C   1 
ATOM   308 O  O   . PRO A 1 42  ? -7.286  18.609  5.673   1.00 62.01 ? 42  PRO A O   1 
ATOM   309 C  CB  . PRO A 1 42  ? -6.761  21.827  5.937   1.00 63.98 ? 42  PRO A CB  1 
ATOM   310 C  CG  . PRO A 1 42  ? -6.248  23.059  5.259   1.00 65.03 ? 42  PRO A CG  1 
ATOM   311 C  CD  . PRO A 1 42  ? -6.852  22.947  3.873   1.00 65.17 ? 42  PRO A CD  1 
ATOM   312 N  N   . ALA A 1 43  ? -8.762  19.771  4.429   1.00 60.53 ? 43  ALA A N   1 
ATOM   313 C  CA  . ALA A 1 43  ? -9.809  18.757  4.520   1.00 58.93 ? 43  ALA A CA  1 
ATOM   314 C  C   . ALA A 1 43  ? -9.472  17.507  3.719   1.00 56.91 ? 43  ALA A C   1 
ATOM   315 O  O   . ALA A 1 43  ? -9.866  16.401  4.094   1.00 56.90 ? 43  ALA A O   1 
ATOM   316 C  CB  . ALA A 1 43  ? -11.151 19.331  4.054   1.00 58.82 ? 43  ALA A CB  1 
ATOM   317 N  N   . THR A 1 44  ? -8.745  17.675  2.619   1.00 54.29 ? 44  THR A N   1 
ATOM   318 C  CA  . THR A 1 44  ? -8.389  16.527  1.809   1.00 53.79 ? 44  THR A CA  1 
ATOM   319 C  C   . THR A 1 44  ? -7.219  15.790  2.455   1.00 52.22 ? 44  THR A C   1 
ATOM   320 O  O   . THR A 1 44  ? -7.154  14.563  2.401   1.00 50.96 ? 44  THR A O   1 
ATOM   321 C  CB  . THR A 1 44  ? -8.027  16.939  0.355   1.00 55.21 ? 44  THR A CB  1 
ATOM   322 O  OG1 . THR A 1 44  ? -6.620  17.191  0.244   1.00 56.78 ? 44  THR A OG1 1 
ATOM   323 C  CG2 . THR A 1 44  ? -8.801  18.187  -0.043  1.00 54.19 ? 44  THR A CG2 1 
ATOM   324 N  N   . ALA A 1 45  ? -6.310  16.540  3.078   1.00 50.96 ? 45  ALA A N   1 
ATOM   325 C  CA  . ALA A 1 45  ? -5.155  15.952  3.748   1.00 50.11 ? 45  ALA A CA  1 
ATOM   326 C  C   . ALA A 1 45  ? -5.670  15.135  4.919   1.00 50.22 ? 45  ALA A C   1 
ATOM   327 O  O   . ALA A 1 45  ? -5.218  14.017  5.166   1.00 50.36 ? 45  ALA A O   1 
ATOM   328 C  CB  . ALA A 1 45  ? -4.217  17.043  4.242   1.00 47.42 ? 45  ALA A CB  1 
ATOM   329 N  N   . ARG A 1 46  ? -6.641  15.701  5.626   1.00 50.57 ? 46  ARG A N   1 
ATOM   330 C  CA  . ARG A 1 46  ? -7.240  15.048  6.779   1.00 50.77 ? 46  ARG A CA  1 
ATOM   331 C  C   . ARG A 1 46  ? -7.965  13.772  6.363   1.00 49.70 ? 46  ARG A C   1 
ATOM   332 O  O   . ARG A 1 46  ? -8.066  12.829  7.148   1.00 49.36 ? 46  ARG A O   1 
ATOM   333 C  CB  . ARG A 1 46  ? -8.206  16.015  7.473   1.00 52.92 ? 46  ARG A CB  1 
ATOM   334 C  CG  . ARG A 1 46  ? -8.969  15.456  8.673   1.00 55.58 ? 46  ARG A CG  1 
ATOM   335 C  CD  . ARG A 1 46  ? -9.868  16.548  9.266   1.00 59.19 ? 46  ARG A CD  1 
ATOM   336 N  NE  . ARG A 1 46  ? -10.817 16.040  10.253  1.00 61.97 ? 46  ARG A NE  1 
ATOM   337 C  CZ  . ARG A 1 46  ? -10.526 15.790  11.524  1.00 63.61 ? 46  ARG A CZ  1 
ATOM   338 N  NH1 . ARG A 1 46  ? -9.300  16.004  11.989  1.00 64.88 ? 46  ARG A NH1 1 
ATOM   339 N  NH2 . ARG A 1 46  ? -11.467 15.320  12.333  1.00 66.31 ? 46  ARG A NH2 1 
ATOM   340 N  N   . ASN A 1 47  ? -8.482  13.749  5.138   1.00 47.72 ? 47  ASN A N   1 
ATOM   341 C  CA  . ASN A 1 47  ? -9.167  12.562  4.640   1.00 47.64 ? 47  ASN A CA  1 
ATOM   342 C  C   . ASN A 1 47  ? -8.097  11.500  4.398   1.00 46.81 ? 47  ASN A C   1 
ATOM   343 O  O   . ASN A 1 47  ? -8.289  10.325  4.710   1.00 47.73 ? 47  ASN A O   1 
ATOM   344 C  CB  . ASN A 1 47  ? -9.913  12.863  3.334   1.00 48.17 ? 47  ASN A CB  1 
ATOM   345 C  CG  . ASN A 1 47  ? -11.181 13.669  3.553   1.00 49.63 ? 47  ASN A CG  1 
ATOM   346 O  OD1 . ASN A 1 47  ? -11.490 14.576  2.780   1.00 50.57 ? 47  ASN A OD1 1 
ATOM   347 N  ND2 . ASN A 1 47  ? -11.928 13.335  4.599   1.00 48.83 ? 47  ASN A ND2 1 
ATOM   348 N  N   . GLY A 1 48  ? -6.966  11.924  3.841   1.00 44.56 ? 48  GLY A N   1 
ATOM   349 C  CA  . GLY A 1 48  ? -5.881  10.998  3.587   1.00 43.78 ? 48  GLY A CA  1 
ATOM   350 C  C   . GLY A 1 48  ? -5.526  10.300  4.884   1.00 43.26 ? 48  GLY A C   1 
ATOM   351 O  O   . GLY A 1 48  ? -5.585  9.068   4.982   1.00 41.27 ? 48  GLY A O   1 
ATOM   352 N  N   . LEU A 1 49  ? -5.190  11.094  5.897   1.00 43.14 ? 49  LEU A N   1 
ATOM   353 C  CA  . LEU A 1 49  ? -4.815  10.550  7.194   1.00 43.32 ? 49  LEU A CA  1 
ATOM   354 C  C   . LEU A 1 49  ? -5.950  9.771   7.844   1.00 43.53 ? 49  LEU A C   1 
ATOM   355 O  O   . LEU A 1 49  ? -5.718  8.729   8.461   1.00 43.06 ? 49  LEU A O   1 
ATOM   356 C  CB  . LEU A 1 49  ? -4.333  11.677  8.118   1.00 42.90 ? 49  LEU A CB  1 
ATOM   357 C  CG  . LEU A 1 49  ? -3.228  12.557  7.504   1.00 43.22 ? 49  LEU A CG  1 
ATOM   358 C  CD1 . LEU A 1 49  ? -2.751  13.614  8.491   1.00 42.41 ? 49  LEU A CD1 1 
ATOM   359 C  CD2 . LEU A 1 49  ? -2.062  11.679  7.093   1.00 44.67 ? 49  LEU A CD2 1 
ATOM   360 N  N   . THR A 1 50  ? -7.178  10.257  7.692   1.00 44.28 ? 50  THR A N   1 
ATOM   361 C  CA  . THR A 1 50  ? -8.321  9.572   8.289   1.00 45.55 ? 50  THR A CA  1 
ATOM   362 C  C   . THR A 1 50  ? -8.418  8.177   7.692   1.00 46.78 ? 50  THR A C   1 
ATOM   363 O  O   . THR A 1 50  ? -8.674  7.197   8.397   1.00 46.30 ? 50  THR A O   1 
ATOM   364 C  CB  . THR A 1 50  ? -9.650  10.341  8.034   1.00 46.17 ? 50  THR A CB  1 
ATOM   365 O  OG1 . THR A 1 50  ? -9.588  11.631  8.666   1.00 44.03 ? 50  THR A OG1 1 
ATOM   366 C  CG2 . THR A 1 50  ? -10.844 9.564   8.608   1.00 44.52 ? 50  THR A CG2 1 
ATOM   367 N  N   . LEU A 1 51  ? -8.195  8.088   6.387   1.00 47.17 ? 51  LEU A N   1 
ATOM   368 C  CA  . LEU A 1 51  ? -8.247  6.799   5.721   1.00 48.60 ? 51  LEU A CA  1 
ATOM   369 C  C   . LEU A 1 51  ? -7.265  5.877   6.440   1.00 48.78 ? 51  LEU A C   1 
ATOM   370 O  O   . LEU A 1 51  ? -7.616  4.761   6.833   1.00 47.77 ? 51  LEU A O   1 
ATOM   371 C  CB  . LEU A 1 51  ? -7.866  6.947   4.239   1.00 48.24 ? 51  LEU A CB  1 
ATOM   372 C  CG  . LEU A 1 51  ? -8.133  5.742   3.319   1.00 49.07 ? 51  LEU A CG  1 
ATOM   373 C  CD1 . LEU A 1 51  ? -9.624  5.407   3.326   1.00 48.16 ? 51  LEU A CD1 1 
ATOM   374 C  CD2 . LEU A 1 51  ? -7.670  6.054   1.898   1.00 46.70 ? 51  LEU A CD2 1 
ATOM   375 N  N   . LEU A 1 52  ? -6.036  6.363   6.631   1.00 51.01 ? 52  LEU A N   1 
ATOM   376 C  CA  . LEU A 1 52  ? -4.999  5.579   7.305   1.00 51.66 ? 52  LEU A CA  1 
ATOM   377 C  C   . LEU A 1 52  ? -5.337  5.238   8.749   1.00 52.79 ? 52  LEU A C   1 
ATOM   378 O  O   . LEU A 1 52  ? -5.021  4.142   9.227   1.00 53.40 ? 52  LEU A O   1 
ATOM   379 C  CB  . LEU A 1 52  ? -3.655  6.303   7.272   1.00 52.47 ? 52  LEU A CB  1 
ATOM   380 C  CG  . LEU A 1 52  ? -2.876  6.279   5.957   1.00 52.23 ? 52  LEU A CG  1 
ATOM   381 C  CD1 . LEU A 1 52  ? -3.130  4.970   5.223   1.00 51.31 ? 52  LEU A CD1 1 
ATOM   382 C  CD2 . LEU A 1 52  ? -3.289  7.446   5.117   1.00 52.90 ? 52  LEU A CD2 1 
ATOM   383 N  N   . VAL A 1 53  ? -5.970  6.178   9.445   1.00 53.42 ? 53  VAL A N   1 
ATOM   384 C  CA  . VAL A 1 53  ? -6.355  5.962   10.835  1.00 54.78 ? 53  VAL A CA  1 
ATOM   385 C  C   . VAL A 1 53  ? -7.308  4.782   10.933  1.00 55.77 ? 53  VAL A C   1 
ATOM   386 O  O   . VAL A 1 53  ? -7.104  3.877   11.737  1.00 56.21 ? 53  VAL A O   1 
ATOM   387 C  CB  . VAL A 1 53  ? -7.056  7.206   11.442  1.00 54.52 ? 53  VAL A CB  1 
ATOM   388 C  CG1 . VAL A 1 53  ? -7.558  6.885   12.853  1.00 54.56 ? 53  VAL A CG1 1 
ATOM   389 C  CG2 . VAL A 1 53  ? -6.090  8.386   11.485  1.00 53.95 ? 53  VAL A CG2 1 
ATOM   390 N  N   . GLU A 1 54  ? -8.348  4.798   10.105  1.00 56.42 ? 54  GLU A N   1 
ATOM   391 C  CA  . GLU A 1 54  ? -9.340  3.730   10.105  1.00 57.64 ? 54  GLU A CA  1 
ATOM   392 C  C   . GLU A 1 54  ? -8.773  2.415   9.568   1.00 57.45 ? 54  GLU A C   1 
ATOM   393 O  O   . GLU A 1 54  ? -9.326  1.343   9.813   1.00 57.17 ? 54  GLU A O   1 
ATOM   394 C  CB  . GLU A 1 54  ? -10.556 4.168   9.285   1.00 59.43 ? 54  GLU A CB  1 
ATOM   395 C  CG  . GLU A 1 54  ? -11.117 5.510   9.740   1.00 62.58 ? 54  GLU A CG  1 
ATOM   396 C  CD  . GLU A 1 54  ? -12.360 5.932   8.977   1.00 65.44 ? 54  GLU A CD  1 
ATOM   397 O  OE1 . GLU A 1 54  ? -12.344 5.880   7.728   1.00 66.93 ? 54  GLU A OE1 1 
ATOM   398 O  OE2 . GLU A 1 54  ? -13.349 6.331   9.629   1.00 66.07 ? 54  GLU A OE2 1 
ATOM   399 N  N   . ALA A 1 55  ? -7.665  2.499   8.840   1.00 57.28 ? 55  ALA A N   1 
ATOM   400 C  CA  . ALA A 1 55  ? -7.036  1.306   8.290   1.00 56.97 ? 55  ALA A CA  1 
ATOM   401 C  C   . ALA A 1 55  ? -6.064  0.716   9.312   1.00 56.81 ? 55  ALA A C   1 
ATOM   402 O  O   . ALA A 1 55  ? -5.442  -0.321  9.069   1.00 56.85 ? 55  ALA A O   1 
ATOM   403 C  CB  . ALA A 1 55  ? -6.307  1.650   7.001   1.00 56.65 ? 55  ALA A CB  1 
ATOM   404 N  N   . GLY A 1 56  ? -5.950  1.379   10.460  1.00 56.39 ? 56  GLY A N   1 
ATOM   405 C  CA  . GLY A 1 56  ? -5.048  0.913   11.499  1.00 54.82 ? 56  GLY A CA  1 
ATOM   406 C  C   . GLY A 1 56  ? -3.605  1.183   11.119  1.00 53.76 ? 56  GLY A C   1 
ATOM   407 O  O   . GLY A 1 56  ? -2.684  0.519   11.607  1.00 53.40 ? 56  GLY A O   1 
ATOM   408 N  N   . ILE A 1 57  ? -3.402  2.156   10.237  1.00 52.80 ? 57  ILE A N   1 
ATOM   409 C  CA  . ILE A 1 57  ? -2.057  2.498   9.797   1.00 53.09 ? 57  ILE A CA  1 
ATOM   410 C  C   . ILE A 1 57  ? -1.451  3.638   10.615  1.00 52.50 ? 57  ILE A C   1 
ATOM   411 O  O   . ILE A 1 57  ? -0.249  3.662   10.863  1.00 51.85 ? 57  ILE A O   1 
ATOM   412 C  CB  . ILE A 1 57  ? -2.041  2.862   8.288   1.00 53.63 ? 57  ILE A CB  1 
ATOM   413 C  CG1 . ILE A 1 57  ? -2.023  1.580   7.446   1.00 52.94 ? 57  ILE A CG1 1 
ATOM   414 C  CG2 . ILE A 1 57  ? -0.810  3.702   7.951   1.00 53.27 ? 57  ILE A CG2 1 
ATOM   415 C  CD1 . ILE A 1 57  ? -3.156  0.631   7.733   1.00 53.36 ? 57  ILE A CD1 1 
ATOM   416 N  N   . LEU A 1 58  ? -2.284  4.585   11.025  1.00 52.14 ? 58  LEU A N   1 
ATOM   417 C  CA  . LEU A 1 58  ? -1.808  5.707   11.821  1.00 51.86 ? 58  LEU A CA  1 
ATOM   418 C  C   . LEU A 1 58  ? -2.663  5.848   13.072  1.00 52.45 ? 58  LEU A C   1 
ATOM   419 O  O   . LEU A 1 58  ? -3.765  5.304   13.151  1.00 53.18 ? 58  LEU A O   1 
ATOM   420 C  CB  . LEU A 1 58  ? -1.882  7.015   11.022  1.00 50.17 ? 58  LEU A CB  1 
ATOM   421 C  CG  . LEU A 1 58  ? -1.063  7.184   9.745   1.00 48.49 ? 58  LEU A CG  1 
ATOM   422 C  CD1 . LEU A 1 58  ? -1.277  8.582   9.183   1.00 47.94 ? 58  LEU A CD1 1 
ATOM   423 C  CD2 . LEU A 1 58  ? 0.401   6.967   10.049  1.00 47.46 ? 58  LEU A CD2 1 
ATOM   424 N  N   . TYR A 1 59  ? -2.136  6.567   14.056  1.00 51.94 ? 59  TYR A N   1 
ATOM   425 C  CA  . TYR A 1 59  ? -2.860  6.830   15.283  1.00 50.45 ? 59  TYR A CA  1 
ATOM   426 C  C   . TYR A 1 59  ? -2.446  8.211   15.754  1.00 50.54 ? 59  TYR A C   1 
ATOM   427 O  O   . TYR A 1 59  ? -1.376  8.716   15.401  1.00 50.65 ? 59  TYR A O   1 
ATOM   428 C  CB  . TYR A 1 59  ? -2.588  5.749   16.344  1.00 50.44 ? 59  TYR A CB  1 
ATOM   429 C  CG  . TYR A 1 59  ? -1.201  5.718   16.933  1.00 50.26 ? 59  TYR A CG  1 
ATOM   430 C  CD1 . TYR A 1 59  ? -0.879  6.492   18.050  1.00 49.99 ? 59  TYR A CD1 1 
ATOM   431 C  CD2 . TYR A 1 59  ? -0.217  4.893   16.396  1.00 50.20 ? 59  TYR A CD2 1 
ATOM   432 C  CE1 . TYR A 1 59  ? 0.392   6.443   18.620  1.00 49.82 ? 59  TYR A CE1 1 
ATOM   433 C  CE2 . TYR A 1 59  ? 1.062   4.835   16.959  1.00 51.01 ? 59  TYR A CE2 1 
ATOM   434 C  CZ  . TYR A 1 59  ? 1.356   5.614   18.072  1.00 51.34 ? 59  TYR A CZ  1 
ATOM   435 O  OH  . TYR A 1 59  ? 2.606   5.561   18.637  1.00 53.09 ? 59  TYR A OH  1 
ATOM   436 N  N   . LYS A 1 60  ? -3.305  8.838   16.538  1.00 49.86 ? 60  LYS A N   1 
ATOM   437 C  CA  . LYS A 1 60  ? -3.024  10.175  17.008  1.00 48.05 ? 60  LYS A CA  1 
ATOM   438 C  C   . LYS A 1 60  ? -2.715  10.248  18.496  1.00 45.37 ? 60  LYS A C   1 
ATOM   439 O  O   . LYS A 1 60  ? -3.288  9.516   19.303  1.00 44.90 ? 60  LYS A O   1 
ATOM   440 C  CB  . LYS A 1 60  ? -4.221  11.064  16.682  1.00 51.01 ? 60  LYS A CB  1 
ATOM   441 C  CG  . LYS A 1 60  ? -4.023  12.541  16.968  1.00 53.56 ? 60  LYS A CG  1 
ATOM   442 C  CD  . LYS A 1 60  ? -5.246  13.336  16.519  1.00 55.65 ? 60  LYS A CD  1 
ATOM   443 C  CE  . LYS A 1 60  ? -6.465  13.031  17.377  1.00 56.44 ? 60  LYS A CE  1 
ATOM   444 N  NZ  . LYS A 1 60  ? -6.375  13.646  18.734  1.00 58.74 ? 60  LYS A NZ  1 
ATOM   445 N  N   . LYS A 1 61  ? -1.769  11.110  18.842  1.00 41.22 ? 61  LYS A N   1 
ATOM   446 C  CA  . LYS A 1 61  ? -1.426  11.351  20.233  1.00 39.26 ? 61  LYS A CA  1 
ATOM   447 C  C   . LYS A 1 61  ? -1.968  12.759  20.459  1.00 38.03 ? 61  LYS A C   1 
ATOM   448 O  O   . LYS A 1 61  ? -1.528  13.715  19.811  1.00 34.81 ? 61  LYS A O   1 
ATOM   449 C  CB  . LYS A 1 61  ? 0.088   11.338  20.472  1.00 37.81 ? 61  LYS A CB  1 
ATOM   450 C  CG  . LYS A 1 61  ? 0.697   9.959   20.647  1.00 39.70 ? 61  LYS A CG  1 
ATOM   451 C  CD  . LYS A 1 61  ? 2.132   10.058  21.167  1.00 39.60 ? 61  LYS A CD  1 
ATOM   452 C  CE  . LYS A 1 61  ? 2.795   8.697   21.299  1.00 39.36 ? 61  LYS A CE  1 
ATOM   453 N  NZ  . LYS A 1 61  ? 4.200   8.843   21.768  1.00 39.63 ? 61  LYS A NZ  1 
ATOM   454 N  N   . ARG A 1 62  ? -2.935  12.875  21.357  1.00 38.37 ? 62  ARG A N   1 
ATOM   455 C  CA  . ARG A 1 62  ? -3.542  14.163  21.644  1.00 42.00 ? 62  ARG A CA  1 
ATOM   456 C  C   . ARG A 1 62  ? -2.524  15.255  21.944  1.00 41.09 ? 62  ARG A C   1 
ATOM   457 O  O   . ARG A 1 62  ? -1.697  15.114  22.842  1.00 41.83 ? 62  ARG A O   1 
ATOM   458 C  CB  . ARG A 1 62  ? -4.504  14.032  22.824  1.00 45.80 ? 62  ARG A CB  1 
ATOM   459 C  CG  . ARG A 1 62  ? -5.127  15.354  23.232  1.00 51.46 ? 62  ARG A CG  1 
ATOM   460 C  CD  . ARG A 1 62  ? -5.934  15.228  24.512  1.00 56.64 ? 62  ARG A CD  1 
ATOM   461 N  NE  . ARG A 1 62  ? -7.018  14.264  24.370  1.00 62.06 ? 62  ARG A NE  1 
ATOM   462 C  CZ  . ARG A 1 62  ? -8.097  14.234  25.146  1.00 64.89 ? 62  ARG A CZ  1 
ATOM   463 N  NH1 . ARG A 1 62  ? -9.036  13.314  24.946  1.00 65.50 ? 62  ARG A NH1 1 
ATOM   464 N  NH2 . ARG A 1 62  ? -8.247  15.134  26.113  1.00 65.86 ? 62  ARG A NH2 1 
ATOM   465 N  N   . GLY A 1 63  ? -2.581  16.347  21.191  1.00 39.38 ? 63  GLY A N   1 
ATOM   466 C  CA  . GLY A 1 63  ? -1.670  17.446  21.443  1.00 38.70 ? 63  GLY A CA  1 
ATOM   467 C  C   . GLY A 1 63  ? -0.288  17.298  20.849  1.00 39.08 ? 63  GLY A C   1 
ATOM   468 O  O   . GLY A 1 63  ? 0.535   18.210  20.969  1.00 40.07 ? 63  GLY A O   1 
ATOM   469 N  N   . ILE A 1 64  ? -0.011  16.159  20.219  1.00 37.75 ? 64  ILE A N   1 
ATOM   470 C  CA  . ILE A 1 64  ? 1.297   15.963  19.608  1.00 35.70 ? 64  ILE A CA  1 
ATOM   471 C  C   . ILE A 1 64  ? 1.239   15.750  18.104  1.00 36.02 ? 64  ILE A C   1 
ATOM   472 O  O   . ILE A 1 64  ? 1.993   16.372  17.370  1.00 37.06 ? 64  ILE A O   1 
ATOM   473 C  CB  . ILE A 1 64  ? 2.075   14.784  20.254  1.00 36.50 ? 64  ILE A CB  1 
ATOM   474 C  CG1 . ILE A 1 64  ? 2.593   15.198  21.632  1.00 36.17 ? 64  ILE A CG1 1 
ATOM   475 C  CG2 . ILE A 1 64  ? 3.270   14.389  19.374  1.00 36.19 ? 64  ILE A CG2 1 
ATOM   476 C  CD1 . ILE A 1 64  ? 1.893   14.513  22.765  1.00 40.36 ? 64  ILE A CD1 1 
ATOM   477 N  N   . GLY A 1 65  ? 0.359   14.867  17.645  1.00 35.90 ? 65  GLY A N   1 
ATOM   478 C  CA  . GLY A 1 65  ? 0.263   14.623  16.222  1.00 35.49 ? 65  GLY A CA  1 
ATOM   479 C  C   . GLY A 1 65  ? -0.112  13.201  15.842  1.00 36.62 ? 65  GLY A C   1 
ATOM   480 O  O   . GLY A 1 65  ? -0.726  12.459  16.614  1.00 35.72 ? 65  GLY A O   1 
HETATM 481 N  N   . MSE A 1 66  ? 0.276   12.814  14.636  1.00 39.49 ? 66  MSE A N   1 
HETATM 482 C  CA  . MSE A 1 66  ? -0.034  11.480  14.123  1.00 41.83 ? 66  MSE A CA  1 
HETATM 483 C  C   . MSE A 1 66  ? 1.194   10.622  14.012  1.00 39.98 ? 66  MSE A C   1 
HETATM 484 O  O   . MSE A 1 66  ? 2.238   11.078  13.567  1.00 37.19 ? 66  MSE A O   1 
HETATM 485 C  CB  . MSE A 1 66  ? -0.701  11.660  12.793  1.00 48.92 ? 66  MSE A CB  1 
HETATM 486 C  CG  . MSE A 1 66  ? -1.605  12.766  13.009  1.00 57.80 ? 66  MSE A CG  1 
HETATM 487 SE SE  . MSE A 1 66  ? -3.430  12.338  13.089  1.00 71.34 ? 66  MSE A SE  1 
HETATM 488 C  CE  . MSE A 1 66  ? -3.621  10.442  13.514  1.00 64.85 ? 66  MSE A CE  1 
ATOM   489 N  N   . PHE A 1 67  ? 1.055   9.372   14.418  1.00 40.15 ? 67  PHE A N   1 
ATOM   490 C  CA  . PHE A 1 67  ? 2.172   8.448   14.419  1.00 41.76 ? 67  PHE A CA  1 
ATOM   491 C  C   . PHE A 1 67  ? 1.871   7.190   13.614  1.00 43.71 ? 67  PHE A C   1 
ATOM   492 O  O   . PHE A 1 67  ? 0.715   6.804   13.480  1.00 45.53 ? 67  PHE A O   1 
ATOM   493 C  CB  . PHE A 1 67  ? 2.505   8.068   15.872  1.00 40.59 ? 67  PHE A CB  1 
ATOM   494 C  CG  . PHE A 1 67  ? 2.961   9.231   16.720  1.00 39.95 ? 67  PHE A CG  1 
ATOM   495 C  CD1 . PHE A 1 67  ? 2.105   10.303  16.997  1.00 38.69 ? 67  PHE A CD1 1 
ATOM   496 C  CD2 . PHE A 1 67  ? 4.266   9.281   17.201  1.00 38.49 ? 67  PHE A CD2 1 
ATOM   497 C  CE1 . PHE A 1 67  ? 2.555   11.401  17.736  1.00 39.16 ? 67  PHE A CE1 1 
ATOM   498 C  CE2 . PHE A 1 67  ? 4.720   10.378  17.943  1.00 37.53 ? 67  PHE A CE2 1 
ATOM   499 C  CZ  . PHE A 1 67  ? 3.870   11.435  18.206  1.00 36.15 ? 67  PHE A CZ  1 
ATOM   500 N  N   . VAL A 1 68  ? 2.899   6.538   13.081  1.00 44.70 ? 68  VAL A N   1 
ATOM   501 C  CA  . VAL A 1 68  ? 2.661   5.324   12.312  1.00 45.12 ? 68  VAL A CA  1 
ATOM   502 C  C   . VAL A 1 68  ? 2.453   4.163   13.280  1.00 45.97 ? 68  VAL A C   1 
ATOM   503 O  O   . VAL A 1 68  ? 3.238   3.963   14.209  1.00 45.03 ? 68  VAL A O   1 
ATOM   504 C  CB  . VAL A 1 68  ? 3.838   4.996   11.343  1.00 44.83 ? 68  VAL A CB  1 
ATOM   505 C  CG1 . VAL A 1 68  ? 4.228   6.216   10.532  1.00 42.44 ? 68  VAL A CG1 1 
ATOM   506 C  CG2 . VAL A 1 68  ? 5.007   4.519   12.109  1.00 47.21 ? 68  VAL A CG2 1 
ATOM   507 N  N   . SER A 1 69  ? 1.377   3.413   13.067  1.00 47.32 ? 69  SER A N   1 
ATOM   508 C  CA  . SER A 1 69  ? 1.040   2.272   13.908  1.00 48.73 ? 69  SER A CA  1 
ATOM   509 C  C   . SER A 1 69  ? 2.056   1.168   13.723  1.00 50.17 ? 69  SER A C   1 
ATOM   510 O  O   . SER A 1 69  ? 2.642   1.034   12.654  1.00 49.83 ? 69  SER A O   1 
ATOM   511 C  CB  . SER A 1 69  ? -0.341  1.737   13.548  1.00 49.66 ? 69  SER A CB  1 
ATOM   512 O  OG  . SER A 1 69  ? -1.310  2.769   13.592  1.00 54.14 ? 69  SER A OG  1 
ATOM   513 N  N   . ALA A 1 70  ? 2.253   0.367   14.762  1.00 51.81 ? 70  ALA A N   1 
ATOM   514 C  CA  . ALA A 1 70  ? 3.216   -0.723  14.708  1.00 55.08 ? 70  ALA A CA  1 
ATOM   515 C  C   . ALA A 1 70  ? 2.845   -1.844  13.719  1.00 57.12 ? 70  ALA A C   1 
ATOM   516 O  O   . ALA A 1 70  ? 3.723   -2.541  13.203  1.00 57.04 ? 70  ALA A O   1 
ATOM   517 C  CB  . ALA A 1 70  ? 3.419   -1.298  16.113  1.00 54.88 ? 70  ALA A CB  1 
ATOM   518 N  N   . GLN A 1 71  ? 1.556   -2.029  13.452  1.00 58.96 ? 71  GLN A N   1 
ATOM   519 C  CA  . GLN A 1 71  ? 1.153   -3.074  12.518  1.00 61.73 ? 71  GLN A CA  1 
ATOM   520 C  C   . GLN A 1 71  ? 0.905   -2.533  11.115  1.00 62.39 ? 71  GLN A C   1 
ATOM   521 O  O   . GLN A 1 71  ? 0.553   -3.287  10.210  1.00 63.90 ? 71  GLN A O   1 
ATOM   522 C  CB  . GLN A 1 71  ? -0.091  -3.819  13.022  1.00 63.00 ? 71  GLN A CB  1 
ATOM   523 C  CG  . GLN A 1 71  ? -1.305  -2.954  13.315  1.00 65.14 ? 71  GLN A CG  1 
ATOM   524 C  CD  . GLN A 1 71  ? -1.081  -2.013  14.480  1.00 66.91 ? 71  GLN A CD  1 
ATOM   525 O  OE1 . GLN A 1 71  ? -0.455  -0.964  14.335  1.00 67.35 ? 71  GLN A OE1 1 
ATOM   526 N  NE2 . GLN A 1 71  ? -1.580  -2.395  15.652  1.00 67.81 ? 71  GLN A NE2 1 
ATOM   527 N  N   . ALA A 1 72  ? 1.105   -1.232  10.933  1.00 61.37 ? 72  ALA A N   1 
ATOM   528 C  CA  . ALA A 1 72  ? 0.914   -0.607  9.629   1.00 60.14 ? 72  ALA A CA  1 
ATOM   529 C  C   . ALA A 1 72  ? 1.758   -1.268  8.534   1.00 59.72 ? 72  ALA A C   1 
ATOM   530 O  O   . ALA A 1 72  ? 1.267   -1.526  7.438   1.00 58.41 ? 72  ALA A O   1 
ATOM   531 C  CB  . ALA A 1 72  ? 1.246   0.881   9.706   1.00 58.86 ? 72  ALA A CB  1 
ATOM   532 N  N   . PRO A 1 73  ? 3.043   -1.550  8.816   1.00 60.49 ? 73  PRO A N   1 
ATOM   533 C  CA  . PRO A 1 73  ? 3.895   -2.178  7.801   1.00 61.01 ? 73  PRO A CA  1 
ATOM   534 C  C   . PRO A 1 73  ? 3.419   -3.568  7.386   1.00 61.37 ? 73  PRO A C   1 
ATOM   535 O  O   . PRO A 1 73  ? 3.768   -4.053  6.310   1.00 61.75 ? 73  PRO A O   1 
ATOM   536 C  CB  . PRO A 1 73  ? 5.265   -2.202  8.471   1.00 61.13 ? 73  PRO A CB  1 
ATOM   537 C  CG  . PRO A 1 73  ? 4.922   -2.369  9.903   1.00 61.53 ? 73  PRO A CG  1 
ATOM   538 C  CD  . PRO A 1 73  ? 3.774   -1.404  10.086  1.00 60.23 ? 73  PRO A CD  1 
ATOM   539 N  N   . ALA A 1 74  ? 2.625   -4.199  8.245   1.00 61.47 ? 74  ALA A N   1 
ATOM   540 C  CA  . ALA A 1 74  ? 2.081   -5.523  7.965   1.00 61.09 ? 74  ALA A CA  1 
ATOM   541 C  C   . ALA A 1 74  ? 0.789   -5.353  7.175   1.00 60.82 ? 74  ALA A C   1 
ATOM   542 O  O   . ALA A 1 74  ? 0.613   -5.970  6.119   1.00 61.18 ? 74  ALA A O   1 
ATOM   543 C  CB  . ALA A 1 74  ? 1.802   -6.272  9.265   1.00 60.49 ? 74  ALA A CB  1 
ATOM   544 N  N   . LEU A 1 75  ? -0.109  -4.512  7.685   1.00 59.49 ? 75  LEU A N   1 
ATOM   545 C  CA  . LEU A 1 75  ? -1.377  -4.265  7.014   1.00 58.40 ? 75  LEU A CA  1 
ATOM   546 C  C   . LEU A 1 75  ? -1.147  -3.853  5.573   1.00 57.62 ? 75  LEU A C   1 
ATOM   547 O  O   . LEU A 1 75  ? -1.795  -4.367  4.671   1.00 58.46 ? 75  LEU A O   1 
ATOM   548 C  CB  . LEU A 1 75  ? -2.185  -3.167  7.716   1.00 59.31 ? 75  LEU A CB  1 
ATOM   549 C  CG  . LEU A 1 75  ? -3.070  -3.470  8.936   1.00 59.58 ? 75  LEU A CG  1 
ATOM   550 C  CD1 . LEU A 1 75  ? -3.698  -4.853  8.797   1.00 58.99 ? 75  LEU A CD1 1 
ATOM   551 C  CD2 . LEU A 1 75  ? -2.256  -3.389  10.206  1.00 59.19 ? 75  LEU A CD2 1 
ATOM   552 N  N   . ILE A 1 76  ? -0.217  -2.927  5.362   1.00 56.26 ? 76  ILE A N   1 
ATOM   553 C  CA  . ILE A 1 76  ? 0.086   -2.437  4.020   1.00 55.92 ? 76  ILE A CA  1 
ATOM   554 C  C   . ILE A 1 76  ? 0.678   -3.497  3.093   1.00 56.41 ? 76  ILE A C   1 
ATOM   555 O  O   . ILE A 1 76  ? 0.362   -3.525  1.903   1.00 55.96 ? 76  ILE A O   1 
ATOM   556 C  CB  . ILE A 1 76  ? 1.070   -1.264  4.060   1.00 55.11 ? 76  ILE A CB  1 
ATOM   557 C  CG1 . ILE A 1 76  ? 0.551   -0.176  5.001   1.00 55.40 ? 76  ILE A CG1 1 
ATOM   558 C  CG2 . ILE A 1 76  ? 1.256   -0.706  2.659   1.00 53.64 ? 76  ILE A CG2 1 
ATOM   559 C  CD1 . ILE A 1 76  ? 1.538   0.946   5.233   1.00 53.83 ? 76  ILE A CD1 1 
ATOM   560 N  N   . ARG A 1 77  ? 1.559   -4.341  3.628   1.00 57.42 ? 77  ARG A N   1 
ATOM   561 C  CA  . ARG A 1 77  ? 2.179   -5.408  2.848   1.00 59.04 ? 77  ARG A CA  1 
ATOM   562 C  C   . ARG A 1 77  ? 1.039   -6.301  2.356   1.00 58.75 ? 77  ARG A C   1 
ATOM   563 O  O   . ARG A 1 77  ? 0.999   -6.734  1.203   1.00 57.71 ? 77  ARG A O   1 
ATOM   564 C  CB  . ARG A 1 77  ? 3.132   -6.222  3.733   1.00 61.62 ? 77  ARG A CB  1 
ATOM   565 C  CG  . ARG A 1 77  ? 3.899   -7.317  2.995   1.00 65.79 ? 77  ARG A CG  1 
ATOM   566 C  CD  . ARG A 1 77  ? 4.864   -6.727  1.966   1.00 69.99 ? 77  ARG A CD  1 
ATOM   567 N  NE  . ARG A 1 77  ? 6.102   -6.236  2.574   1.00 73.55 ? 77  ARG A NE  1 
ATOM   568 C  CZ  . ARG A 1 77  ? 6.938   -5.380  1.988   1.00 75.35 ? 77  ARG A CZ  1 
ATOM   569 N  NH1 . ARG A 1 77  ? 8.046   -4.993  2.612   1.00 77.13 ? 77  ARG A NH1 1 
ATOM   570 N  NH2 . ARG A 1 77  ? 6.660   -4.895  0.785   1.00 75.78 ? 77  ARG A NH2 1 
ATOM   571 N  N   . GLU A 1 78  ? 0.108   -6.541  3.270   1.00 58.15 ? 78  GLU A N   1 
ATOM   572 C  CA  . GLU A 1 78  ? -1.071  -7.355  3.053   1.00 58.04 ? 78  GLU A CA  1 
ATOM   573 C  C   . GLU A 1 78  ? -1.958  -6.815  1.925   1.00 57.11 ? 78  GLU A C   1 
ATOM   574 O  O   . GLU A 1 78  ? -2.278  -7.537  0.981   1.00 56.90 ? 78  GLU A O   1 
ATOM   575 C  CB  . GLU A 1 78  ? -1.843  -7.404  4.369   1.00 60.46 ? 78  GLU A CB  1 
ATOM   576 C  CG  . GLU A 1 78  ? -2.984  -8.377  4.453   1.00 64.56 ? 78  GLU A CG  1 
ATOM   577 C  CD  . GLU A 1 78  ? -3.614  -8.366  5.836   1.00 67.47 ? 78  GLU A CD  1 
ATOM   578 O  OE1 . GLU A 1 78  ? -2.884  -8.611  6.825   1.00 68.07 ? 78  GLU A OE1 1 
ATOM   579 O  OE2 . GLU A 1 78  ? -4.835  -8.110  5.932   1.00 69.47 ? 78  GLU A OE2 1 
ATOM   580 N  N   . ARG A 1 79  ? -2.355  -5.549  2.023   1.00 54.58 ? 79  ARG A N   1 
ATOM   581 C  CA  . ARG A 1 79  ? -3.210  -4.933  1.004   1.00 53.09 ? 79  ARG A CA  1 
ATOM   582 C  C   . ARG A 1 79  ? -2.536  -4.856  -0.367  1.00 50.62 ? 79  ARG A C   1 
ATOM   583 O  O   . ARG A 1 79  ? -3.199  -4.941  -1.400  1.00 50.71 ? 79  ARG A O   1 
ATOM   584 C  CB  . ARG A 1 79  ? -3.620  -3.522  1.438   1.00 54.37 ? 79  ARG A CB  1 
ATOM   585 C  CG  . ARG A 1 79  ? -4.361  -3.462  2.763   1.00 57.26 ? 79  ARG A CG  1 
ATOM   586 C  CD  . ARG A 1 79  ? -4.205  -2.094  3.424   1.00 59.96 ? 79  ARG A CD  1 
ATOM   587 N  NE  . ARG A 1 79  ? -4.843  -1.008  2.680   1.00 60.87 ? 79  ARG A NE  1 
ATOM   588 C  CZ  . ARG A 1 79  ? -4.656  0.281   2.949   1.00 61.78 ? 79  ARG A CZ  1 
ATOM   589 N  NH1 . ARG A 1 79  ? -5.272  1.219   2.238   1.00 61.93 ? 79  ARG A NH1 1 
ATOM   590 N  NH2 . ARG A 1 79  ? -3.839  0.634   3.928   1.00 62.37 ? 79  ARG A NH2 1 
ATOM   591 N  N   . ARG A 1 80  ? -1.220  -4.682  -0.381  1.00 47.90 ? 80  ARG A N   1 
ATOM   592 C  CA  . ARG A 1 80  ? -0.500  -4.586  -1.643  1.00 45.93 ? 80  ARG A CA  1 
ATOM   593 C  C   . ARG A 1 80  ? -0.284  -5.967  -2.272  1.00 45.07 ? 80  ARG A C   1 
ATOM   594 O  O   . ARG A 1 80  ? -0.199  -6.098  -3.492  1.00 45.19 ? 80  ARG A O   1 
ATOM   595 C  CB  . ARG A 1 80  ? 0.833   -3.861  -1.438  1.00 44.83 ? 80  ARG A CB  1 
ATOM   596 C  CG  . ARG A 1 80  ? 0.661   -2.408  -1.002  1.00 45.38 ? 80  ARG A CG  1 
ATOM   597 C  CD  . ARG A 1 80  ? 1.923   -1.565  -1.233  1.00 44.83 ? 80  ARG A CD  1 
ATOM   598 N  NE  . ARG A 1 80  ? 1.660   -0.136  -1.048  1.00 45.73 ? 80  ARG A NE  1 
ATOM   599 C  CZ  . ARG A 1 80  ? 2.540   0.832   -1.294  1.00 46.44 ? 80  ARG A CZ  1 
ATOM   600 N  NH1 . ARG A 1 80  ? 3.751   0.530   -1.738  1.00 47.01 ? 80  ARG A NH1 1 
ATOM   601 N  NH2 . ARG A 1 80  ? 2.207   2.103   -1.094  1.00 46.48 ? 80  ARG A NH2 1 
ATOM   602 N  N   . ASP A 1 81  ? -0.206  -6.999  -1.440  1.00 43.10 ? 81  ASP A N   1 
ATOM   603 C  CA  . ASP A 1 81  ? -0.033  -8.352  -1.950  1.00 43.20 ? 81  ASP A CA  1 
ATOM   604 C  C   . ASP A 1 81  ? -1.359  -8.799  -2.560  1.00 41.34 ? 81  ASP A C   1 
ATOM   605 O  O   . ASP A 1 81  ? -1.394  -9.449  -3.605  1.00 39.77 ? 81  ASP A O   1 
ATOM   606 C  CB  . ASP A 1 81  ? 0.386   -9.302  -0.823  1.00 44.04 ? 81  ASP A CB  1 
ATOM   607 C  CG  . ASP A 1 81  ? 1.879   -9.234  -0.532  1.00 48.07 ? 81  ASP A CG  1 
ATOM   608 O  OD1 . ASP A 1 81  ? 2.544   -8.316  -1.057  1.00 47.51 ? 81  ASP A OD1 1 
ATOM   609 O  OD2 . ASP A 1 81  ? 2.393   -10.096 0.219   1.00 50.46 ? 81  ASP A OD2 1 
ATOM   610 N  N   . ALA A 1 82  ? -2.449  -8.427  -1.903  1.00 39.82 ? 82  ALA A N   1 
ATOM   611 C  CA  . ALA A 1 82  ? -3.765  -8.786  -2.387  1.00 39.09 ? 82  ALA A CA  1 
ATOM   612 C  C   . ALA A 1 82  ? -3.997  -8.114  -3.731  1.00 38.17 ? 82  ALA A C   1 
ATOM   613 O  O   . ALA A 1 82  ? -4.586  -8.705  -4.639  1.00 38.88 ? 82  ALA A O   1 
ATOM   614 C  CB  . ALA A 1 82  ? -4.825  -8.351  -1.392  1.00 39.81 ? 82  ALA A CB  1 
ATOM   615 N  N   . ALA A 1 83  ? -3.520  -6.881  -3.860  1.00 35.95 ? 83  ALA A N   1 
ATOM   616 C  CA  . ALA A 1 83  ? -3.697  -6.131  -5.100  1.00 35.77 ? 83  ALA A CA  1 
ATOM   617 C  C   . ALA A 1 83  ? -2.884  -6.761  -6.211  1.00 34.96 ? 83  ALA A C   1 
ATOM   618 O  O   . ALA A 1 83  ? -3.371  -6.929  -7.320  1.00 35.07 ? 83  ALA A O   1 
ATOM   619 C  CB  . ALA A 1 83  ? -3.286  -4.668  -4.913  1.00 36.43 ? 83  ALA A CB  1 
ATOM   620 N  N   . PHE A 1 84  ? -1.637  -7.099  -5.906  1.00 33.17 ? 84  PHE A N   1 
ATOM   621 C  CA  . PHE A 1 84  ? -0.753  -7.745  -6.870  1.00 31.53 ? 84  PHE A CA  1 
ATOM   622 C  C   . PHE A 1 84  ? -1.402  -9.034  -7.390  1.00 31.40 ? 84  PHE A C   1 
ATOM   623 O  O   . PHE A 1 84  ? -1.368  -9.321  -8.578  1.00 31.73 ? 84  PHE A O   1 
ATOM   624 C  CB  . PHE A 1 84  ? 0.578   -8.072  -6.192  1.00 29.95 ? 84  PHE A CB  1 
ATOM   625 C  CG  . PHE A 1 84  ? 1.493   -8.925  -7.026  1.00 27.89 ? 84  PHE A CG  1 
ATOM   626 C  CD1 . PHE A 1 84  ? 2.254   -8.364  -8.043  1.00 28.03 ? 84  PHE A CD1 1 
ATOM   627 C  CD2 . PHE A 1 84  ? 1.609   -10.292 -6.773  1.00 27.95 ? 84  PHE A CD2 1 
ATOM   628 C  CE1 . PHE A 1 84  ? 3.114   -9.157  -8.821  1.00 27.02 ? 84  PHE A CE1 1 
ATOM   629 C  CE2 . PHE A 1 84  ? 2.465   -11.095 -7.543  1.00 27.49 ? 84  PHE A CE2 1 
ATOM   630 C  CZ  . PHE A 1 84  ? 3.225   -10.523 -8.564  1.00 25.23 ? 84  PHE A CZ  1 
ATOM   631 N  N   . ALA A 1 85  ? -1.990  -9.804  -6.485  1.00 32.50 ? 85  ALA A N   1 
ATOM   632 C  CA  . ALA A 1 85  ? -2.631  -11.059 -6.841  1.00 36.15 ? 85  ALA A CA  1 
ATOM   633 C  C   . ALA A 1 85  ? -3.790  -10.822 -7.798  1.00 37.76 ? 85  ALA A C   1 
ATOM   634 O  O   . ALA A 1 85  ? -3.920  -11.508 -8.813  1.00 37.81 ? 85  ALA A O   1 
ATOM   635 C  CB  . ALA A 1 85  ? -3.130  -11.756 -5.589  1.00 34.21 ? 85  ALA A CB  1 
ATOM   636 N  N   . ALA A 1 86  ? -4.616  -9.829  -7.476  1.00 39.27 ? 86  ALA A N   1 
ATOM   637 C  CA  . ALA A 1 86  ? -5.790  -9.497  -8.282  1.00 39.55 ? 86  ALA A CA  1 
ATOM   638 C  C   . ALA A 1 86  ? -5.454  -9.013  -9.677  1.00 38.54 ? 86  ALA A C   1 
ATOM   639 O  O   . ALA A 1 86  ? -6.181  -9.280  -10.629 1.00 40.66 ? 86  ALA A O   1 
ATOM   640 C  CB  . ALA A 1 86  ? -6.631  -8.452  -7.569  1.00 39.96 ? 86  ALA A CB  1 
ATOM   641 N  N   . THR A 1 87  ? -4.347  -8.311  -9.808  1.00 38.26 ? 87  THR A N   1 
ATOM   642 C  CA  . THR A 1 87  ? -3.977  -7.802  -11.106 1.00 36.78 ? 87  THR A CA  1 
ATOM   643 C  C   . THR A 1 87  ? -3.048  -8.722  -11.899 1.00 36.66 ? 87  THR A C   1 
ATOM   644 O  O   . THR A 1 87  ? -3.127  -8.773  -13.128 1.00 36.95 ? 87  THR A O   1 
ATOM   645 C  CB  . THR A 1 87  ? -3.377  -6.373  -10.968 1.00 35.68 ? 87  THR A CB  1 
ATOM   646 O  OG1 . THR A 1 87  ? -2.364  -6.161  -11.958 1.00 36.89 ? 87  THR A OG1 1 
ATOM   647 C  CG2 . THR A 1 87  ? -2.797  -6.169  -9.609  1.00 35.90 ? 87  THR A CG2 1 
ATOM   648 N  N   . TYR A 1 88  ? -2.201  -9.489  -11.218 1.00 37.15 ? 88  TYR A N   1 
ATOM   649 C  CA  . TYR A 1 88  ? -1.277  -10.369 -11.937 1.00 36.51 ? 88  TYR A CA  1 
ATOM   650 C  C   . TYR A 1 88  ? -1.511  -11.866 -11.805 1.00 35.99 ? 88  TYR A C   1 
ATOM   651 O  O   . TYR A 1 88  ? -1.211  -12.624 -12.716 1.00 37.97 ? 88  TYR A O   1 
ATOM   652 C  CB  . TYR A 1 88  ? 0.167   -10.073 -11.531 1.00 36.23 ? 88  TYR A CB  1 
ATOM   653 C  CG  . TYR A 1 88  ? 0.621   -8.673  -11.853 1.00 36.89 ? 88  TYR A CG  1 
ATOM   654 C  CD1 . TYR A 1 88  ? 0.385   -7.622  -10.966 1.00 37.72 ? 88  TYR A CD1 1 
ATOM   655 C  CD2 . TYR A 1 88  ? 1.254   -8.393  -13.059 1.00 37.22 ? 88  TYR A CD2 1 
ATOM   656 C  CE1 . TYR A 1 88  ? 0.774   -6.328  -11.272 1.00 38.25 ? 88  TYR A CE1 1 
ATOM   657 C  CE2 . TYR A 1 88  ? 1.644   -7.107  -13.382 1.00 38.54 ? 88  TYR A CE2 1 
ATOM   658 C  CZ  . TYR A 1 88  ? 1.401   -6.075  -12.486 1.00 39.95 ? 88  TYR A CZ  1 
ATOM   659 O  OH  . TYR A 1 88  ? 1.782   -4.793  -12.812 1.00 40.95 ? 88  TYR A OH  1 
ATOM   660 N  N   . VAL A 1 89  ? -2.050  -12.306 -10.684 1.00 36.05 ? 89  VAL A N   1 
ATOM   661 C  CA  . VAL A 1 89  ? -2.247  -13.729 -10.489 1.00 36.46 ? 89  VAL A CA  1 
ATOM   662 C  C   . VAL A 1 89  ? -3.602  -14.257 -10.928 1.00 36.40 ? 89  VAL A C   1 
ATOM   663 O  O   . VAL A 1 89  ? -3.678  -15.288 -11.596 1.00 36.05 ? 89  VAL A O   1 
ATOM   664 C  CB  . VAL A 1 89  ? -1.992  -14.094 -9.015  1.00 37.23 ? 89  VAL A CB  1 
ATOM   665 C  CG1 . VAL A 1 89  ? -2.130  -15.593 -8.807  1.00 34.79 ? 89  VAL A CG1 1 
ATOM   666 C  CG2 . VAL A 1 89  ? -0.593  -13.615 -8.620  1.00 36.18 ? 89  VAL A CG2 1 
ATOM   667 N  N   . ALA A 1 90  ? -4.662  -13.545 -10.564 1.00 36.38 ? 90  ALA A N   1 
ATOM   668 C  CA  . ALA A 1 90  ? -6.027  -13.940 -10.916 1.00 38.97 ? 90  ALA A CA  1 
ATOM   669 C  C   . ALA A 1 90  ? -6.223  -14.209 -12.413 1.00 38.19 ? 90  ALA A C   1 
ATOM   670 O  O   . ALA A 1 90  ? -6.723  -15.256 -12.800 1.00 38.13 ? 90  ALA A O   1 
ATOM   671 C  CB  . ALA A 1 90  ? -7.022  -12.871 -10.445 1.00 38.14 ? 90  ALA A CB  1 
ATOM   672 N  N   . PRO A 1 91  ? -5.831  -13.261 -13.270 1.00 38.12 ? 91  PRO A N   1 
ATOM   673 C  CA  . PRO A 1 91  ? -5.973  -13.412 -14.721 1.00 37.95 ? 91  PRO A CA  1 
ATOM   674 C  C   . PRO A 1 91  ? -5.239  -14.639 -15.246 1.00 38.99 ? 91  PRO A C   1 
ATOM   675 O  O   . PRO A 1 91  ? -5.702  -15.303 -16.175 1.00 39.95 ? 91  PRO A O   1 
ATOM   676 C  CB  . PRO A 1 91  ? -5.357  -12.129 -15.269 1.00 39.00 ? 91  PRO A CB  1 
ATOM   677 C  CG  . PRO A 1 91  ? -5.493  -11.156 -14.153 1.00 39.92 ? 91  PRO A CG  1 
ATOM   678 C  CD  . PRO A 1 91  ? -5.173  -11.988 -12.942 1.00 38.85 ? 91  PRO A CD  1 
ATOM   679 N  N   . LEU A 1 92  ? -4.079  -14.918 -14.658 1.00 37.86 ? 92  LEU A N   1 
ATOM   680 C  CA  . LEU A 1 92  ? -3.269  -16.059 -15.057 1.00 35.88 ? 92  LEU A CA  1 
ATOM   681 C  C   . LEU A 1 92  ? -4.012  -17.335 -14.681 1.00 34.93 ? 92  LEU A C   1 
ATOM   682 O  O   . LEU A 1 92  ? -4.091  -18.274 -15.471 1.00 34.40 ? 92  LEU A O   1 
ATOM   683 C  CB  . LEU A 1 92  ? -1.917  -16.029 -14.335 1.00 37.74 ? 92  LEU A CB  1 
ATOM   684 C  CG  . LEU A 1 92  ? -0.714  -16.742 -14.965 1.00 39.94 ? 92  LEU A CG  1 
ATOM   685 C  CD1 . LEU A 1 92  ? 0.443   -16.725 -13.988 1.00 41.97 ? 92  LEU A CD1 1 
ATOM   686 C  CD2 . LEU A 1 92  ? -1.063  -18.174 -15.317 1.00 42.67 ? 92  LEU A CD2 1 
ATOM   687 N  N   . ILE A 1 93  ? -4.559  -17.359 -13.470 1.00 31.09 ? 93  ILE A N   1 
ATOM   688 C  CA  . ILE A 1 93  ? -5.272  -18.525 -13.009 1.00 31.30 ? 93  ILE A CA  1 
ATOM   689 C  C   . ILE A 1 93  ? -6.513  -18.814 -13.833 1.00 31.23 ? 93  ILE A C   1 
ATOM   690 O  O   . ILE A 1 93  ? -6.704  -19.945 -14.268 1.00 31.49 ? 93  ILE A O   1 
ATOM   691 C  CB  . ILE A 1 93  ? -5.665  -18.403 -11.508 1.00 31.84 ? 93  ILE A CB  1 
ATOM   692 C  CG1 . ILE A 1 93  ? -4.400  -18.433 -10.638 1.00 32.28 ? 93  ILE A CG1 1 
ATOM   693 C  CG2 . ILE A 1 93  ? -6.610  -19.550 -11.110 1.00 30.42 ? 93  ILE A CG2 1 
ATOM   694 C  CD1 . ILE A 1 93  ? -3.579  -19.715 -10.748 1.00 34.74 ? 93  ILE A CD1 1 
ATOM   695 N  N   . ASP A 1 94  ? -7.354  -17.807 -14.041 1.00 32.16 ? 94  ASP A N   1 
ATOM   696 C  CA  . ASP A 1 94  ? -8.581  -17.987 -14.813 1.00 32.68 ? 94  ASP A CA  1 
ATOM   697 C  C   . ASP A 1 94  ? -8.316  -18.439 -16.234 1.00 32.19 ? 94  ASP A C   1 
ATOM   698 O  O   . ASP A 1 94  ? -9.051  -19.243 -16.780 1.00 32.05 ? 94  ASP A O   1 
ATOM   699 C  CB  . ASP A 1 94  ? -9.386  -16.695 -14.851 1.00 35.00 ? 94  ASP A CB  1 
ATOM   700 C  CG  . ASP A 1 94  ? -9.979  -16.348 -13.507 1.00 38.07 ? 94  ASP A CG  1 
ATOM   701 O  OD1 . ASP A 1 94  ? -10.199 -17.281 -12.712 1.00 39.44 ? 94  ASP A OD1 1 
ATOM   702 O  OD2 . ASP A 1 94  ? -10.240 -15.152 -13.249 1.00 41.73 ? 94  ASP A OD2 1 
ATOM   703 N  N   . GLU A 1 95  ? -7.273  -17.906 -16.849 1.00 31.63 ? 95  GLU A N   1 
ATOM   704 C  CA  . GLU A 1 95  ? -6.974  -18.311 -18.203 1.00 32.62 ? 95  GLU A CA  1 
ATOM   705 C  C   . GLU A 1 95  ? -6.377  -19.729 -18.218 1.00 33.86 ? 95  GLU A C   1 
ATOM   706 O  O   . GLU A 1 95  ? -6.622  -20.504 -19.157 1.00 31.42 ? 95  GLU A O   1 
ATOM   707 C  CB  . GLU A 1 95  ? -5.997  -17.338 -18.849 1.00 33.38 ? 95  GLU A CB  1 
ATOM   708 C  CG  . GLU A 1 95  ? -5.742  -17.654 -20.314 1.00 38.67 ? 95  GLU A CG  1 
ATOM   709 C  CD  . GLU A 1 95  ? -6.957  -17.367 -21.202 1.00 41.90 ? 95  GLU A CD  1 
ATOM   710 O  OE1 . GLU A 1 95  ? -8.061  -17.103 -20.672 1.00 41.98 ? 95  GLU A OE1 1 
ATOM   711 O  OE2 . GLU A 1 95  ? -6.803  -17.409 -22.441 1.00 44.04 ? 95  GLU A OE2 1 
ATOM   712 N  N   . SER A 1 96  ? -5.577  -20.046 -17.195 1.00 30.85 ? 96  SER A N   1 
ATOM   713 C  CA  . SER A 1 96  ? -4.959  -21.358 -17.071 1.00 31.61 ? 96  SER A CA  1 
ATOM   714 C  C   . SER A 1 96  ? -6.035  -22.430 -16.905 1.00 29.95 ? 96  SER A C   1 
ATOM   715 O  O   . SER A 1 96  ? -5.896  -23.524 -17.421 1.00 28.22 ? 96  SER A O   1 
ATOM   716 C  CB  . SER A 1 96  ? -4.030  -21.414 -15.857 1.00 32.25 ? 96  SER A CB  1 
ATOM   717 O  OG  . SER A 1 96  ? -2.882  -20.615 -16.051 1.00 39.91 ? 96  SER A OG  1 
ATOM   718 N  N   . ILE A 1 97  ? -7.095  -22.113 -16.170 1.00 30.20 ? 97  ILE A N   1 
ATOM   719 C  CA  . ILE A 1 97  ? -8.171  -23.068 -15.939 1.00 31.75 ? 97  ILE A CA  1 
ATOM   720 C  C   . ILE A 1 97  ? -8.907  -23.249 -17.248 1.00 32.44 ? 97  ILE A C   1 
ATOM   721 O  O   . ILE A 1 97  ? -9.168  -24.364 -17.690 1.00 31.59 ? 97  ILE A O   1 
ATOM   722 C  CB  . ILE A 1 97  ? -9.141  -22.545 -14.866 1.00 32.94 ? 97  ILE A CB  1 
ATOM   723 C  CG1 . ILE A 1 97  ? -8.504  -22.699 -13.481 1.00 33.60 ? 97  ILE A CG1 1 
ATOM   724 C  CG2 . ILE A 1 97  ? -10.474 -23.284 -14.928 1.00 33.95 ? 97  ILE A CG2 1 
ATOM   725 C  CD1 . ILE A 1 97  ? -9.318  -22.030 -12.358 1.00 30.80 ? 97  ILE A CD1 1 
ATOM   726 N  N   . HIS A 1 98  ? -9.216  -22.120 -17.862 1.00 33.66 ? 98  HIS A N   1 
ATOM   727 C  CA  . HIS A 1 98  ? -9.906  -22.078 -19.131 1.00 34.06 ? 98  HIS A CA  1 
ATOM   728 C  C   . HIS A 1 98  ? -9.195  -22.916 -20.186 1.00 33.34 ? 98  HIS A C   1 
ATOM   729 O  O   . HIS A 1 98  ? -9.842  -23.609 -20.953 1.00 36.10 ? 98  HIS A O   1 
ATOM   730 C  CB  . HIS A 1 98  ? -10.013 -20.633 -19.596 1.00 35.19 ? 98  HIS A CB  1 
ATOM   731 C  CG  . HIS A 1 98  ? -10.564 -20.484 -20.980 1.00 38.70 ? 98  HIS A CG  1 
ATOM   732 N  ND1 . HIS A 1 98  ? -9.777  -20.184 -22.062 1.00 39.35 ? 98  HIS A ND1 1 
ATOM   733 C  CD2 . HIS A 1 98  ? -11.835 -20.599 -21.445 1.00 39.67 ? 98  HIS A CD2 1 
ATOM   734 C  CE1 . HIS A 1 98  ? -10.536 -20.114 -23.149 1.00 39.48 ? 98  HIS A CE1 1 
ATOM   735 N  NE2 . HIS A 1 98  ? -11.779 -20.360 -22.798 1.00 40.22 ? 98  HIS A NE2 1 
ATOM   736 N  N   . LEU A 1 99  ? -7.872  -22.857 -20.222 1.00 32.67 ? 99  LEU A N   1 
ATOM   737 C  CA  . LEU A 1 99  ? -7.099  -23.614 -21.201 1.00 32.15 ? 99  LEU A CA  1 
ATOM   738 C  C   . LEU A 1 99  ? -6.709  -25.010 -20.704 1.00 31.96 ? 99  LEU A C   1 
ATOM   739 O  O   . LEU A 1 99  ? -6.007  -25.753 -21.394 1.00 30.25 ? 99  LEU A O   1 
ATOM   740 C  CB  . LEU A 1 99  ? -5.840  -22.837 -21.598 1.00 31.72 ? 99  LEU A CB  1 
ATOM   741 C  CG  . LEU A 1 99  ? -6.030  -21.420 -22.160 1.00 33.89 ? 99  LEU A CG  1 
ATOM   742 C  CD1 . LEU A 1 99  ? -4.669  -20.816 -22.450 1.00 35.29 ? 99  LEU A CD1 1 
ATOM   743 C  CD2 . LEU A 1 99  ? -6.852  -21.438 -23.429 1.00 34.94 ? 99  LEU A CD2 1 
ATOM   744 N  N   . GLY A 1 100 ? -7.160  -25.360 -19.502 1.00 33.10 ? 100 GLY A N   1 
ATOM   745 C  CA  . GLY A 1 100 ? -6.862  -26.670 -18.954 1.00 31.80 ? 100 GLY A CA  1 
ATOM   746 C  C   . GLY A 1 100 ? -5.405  -26.993 -18.662 1.00 33.05 ? 100 GLY A C   1 
ATOM   747 O  O   . GLY A 1 100 ? -4.976  -28.137 -18.858 1.00 32.42 ? 100 GLY A O   1 
ATOM   748 N  N   . PHE A 1 101 ? -4.640  -26.005 -18.195 1.00 33.19 ? 101 PHE A N   1 
ATOM   749 C  CA  . PHE A 1 101 ? -3.232  -26.225 -17.848 1.00 35.52 ? 101 PHE A CA  1 
ATOM   750 C  C   . PHE A 1 101 ? -3.168  -26.890 -16.476 1.00 35.44 ? 101 PHE A C   1 
ATOM   751 O  O   . PHE A 1 101 ? -4.112  -26.807 -15.687 1.00 34.14 ? 101 PHE A O   1 
ATOM   752 C  CB  . PHE A 1 101 ? -2.469  -24.901 -17.756 1.00 38.64 ? 101 PHE A CB  1 
ATOM   753 C  CG  . PHE A 1 101 ? -2.007  -24.363 -19.079 1.00 40.39 ? 101 PHE A CG  1 
ATOM   754 C  CD1 . PHE A 1 101 ? -0.905  -24.907 -19.715 1.00 43.14 ? 101 PHE A CD1 1 
ATOM   755 C  CD2 . PHE A 1 101 ? -2.622  -23.255 -19.643 1.00 41.43 ? 101 PHE A CD2 1 
ATOM   756 C  CE1 . PHE A 1 101 ? -0.432  -24.365 -20.913 1.00 44.75 ? 101 PHE A CE1 1 
ATOM   757 C  CE2 . PHE A 1 101 ? -2.161  -22.706 -20.836 1.00 45.06 ? 101 PHE A CE2 1 
ATOM   758 C  CZ  . PHE A 1 101 ? -1.053  -23.254 -21.468 1.00 43.37 ? 101 PHE A CZ  1 
ATOM   759 N  N   . THR A 1 102 ? -2.041  -27.531 -16.202 1.00 34.86 ? 102 THR A N   1 
ATOM   760 C  CA  . THR A 1 102 ? -1.816  -28.209 -14.933 1.00 36.66 ? 102 THR A CA  1 
ATOM   761 C  C   . THR A 1 102 ? -0.958  -27.301 -14.066 1.00 35.64 ? 102 THR A C   1 
ATOM   762 O  O   . THR A 1 102 ? -0.275  -26.415 -14.577 1.00 33.97 ? 102 THR A O   1 
ATOM   763 C  CB  . THR A 1 102 ? -1.035  -29.521 -15.135 1.00 37.91 ? 102 THR A CB  1 
ATOM   764 O  OG1 . THR A 1 102 ? 0.256   -29.220 -15.686 1.00 39.12 ? 102 THR A OG1 1 
ATOM   765 C  CG2 . THR A 1 102 ? -1.769  -30.438 -16.102 1.00 41.14 ? 102 THR A CG2 1 
ATOM   766 N  N   . ARG A 1 103 ? -0.984  -27.534 -12.758 1.00 35.79 ? 103 ARG A N   1 
ATOM   767 C  CA  . ARG A 1 103 ? -0.172  -26.749 -11.842 1.00 36.06 ? 103 ARG A CA  1 
ATOM   768 C  C   . ARG A 1 103 ? 1.300   -26.900 -12.204 1.00 35.37 ? 103 ARG A C   1 
ATOM   769 O  O   . ARG A 1 103 ? 2.057   -25.939 -12.158 1.00 36.64 ? 103 ARG A O   1 
ATOM   770 C  CB  . ARG A 1 103 ? -0.402  -27.219 -10.408 1.00 35.78 ? 103 ARG A CB  1 
ATOM   771 C  CG  . ARG A 1 103 ? 0.476   -26.566 -9.355  1.00 34.74 ? 103 ARG A CG  1 
ATOM   772 C  CD  . ARG A 1 103 ? 0.007   -27.041 -7.988  1.00 36.88 ? 103 ARG A CD  1 
ATOM   773 N  NE  . ARG A 1 103 ? 0.551   -26.263 -6.880  1.00 35.29 ? 103 ARG A NE  1 
ATOM   774 C  CZ  . ARG A 1 103 ? 1.704   -26.517 -6.271  1.00 38.14 ? 103 ARG A CZ  1 
ATOM   775 N  NH1 . ARG A 1 103 ? 2.453   -27.547 -6.657  1.00 37.68 ? 103 ARG A NH1 1 
ATOM   776 N  NH2 . ARG A 1 103 ? 2.110   -25.736 -5.274  1.00 35.93 ? 103 ARG A NH2 1 
ATOM   777 N  N   . ALA A 1 104 ? 1.706   -28.108 -12.573 1.00 35.08 ? 104 ALA A N   1 
ATOM   778 C  CA  . ALA A 1 104 ? 3.098   -28.356 -12.923 1.00 35.26 ? 104 ALA A CA  1 
ATOM   779 C  C   . ALA A 1 104 ? 3.507   -27.597 -14.179 1.00 35.17 ? 104 ALA A C   1 
ATOM   780 O  O   . ALA A 1 104 ? 4.629   -27.098 -14.272 1.00 35.46 ? 104 ALA A O   1 
ATOM   781 C  CB  . ALA A 1 104 ? 3.336   -29.863 -13.119 1.00 35.83 ? 104 ALA A CB  1 
ATOM   782 N  N   . ARG A 1 105 ? 2.591   -27.515 -15.141 1.00 35.43 ? 105 ARG A N   1 
ATOM   783 C  CA  . ARG A 1 105 ? 2.856   -26.827 -16.405 1.00 35.13 ? 105 ARG A CA  1 
ATOM   784 C  C   . ARG A 1 105 ? 2.967   -25.325 -16.205 1.00 34.12 ? 105 ARG A C   1 
ATOM   785 O  O   . ARG A 1 105 ? 3.712   -24.659 -16.911 1.00 33.75 ? 105 ARG A O   1 
ATOM   786 C  CB  . ARG A 1 105 ? 1.750   -27.136 -17.416 1.00 35.93 ? 105 ARG A CB  1 
ATOM   787 C  CG  . ARG A 1 105 ? 1.937   -26.476 -18.756 1.00 39.81 ? 105 ARG A CG  1 
ATOM   788 C  CD  . ARG A 1 105 ? 3.320   -26.761 -19.323 1.00 43.72 ? 105 ARG A CD  1 
ATOM   789 N  NE  . ARG A 1 105 ? 3.453   -26.264 -20.687 1.00 48.48 ? 105 ARG A NE  1 
ATOM   790 C  CZ  . ARG A 1 105 ? 4.605   -25.901 -21.247 1.00 51.12 ? 105 ARG A CZ  1 
ATOM   791 N  NH1 . ARG A 1 105 ? 5.737   -25.979 -20.553 1.00 52.30 ? 105 ARG A NH1 1 
ATOM   792 N  NH2 . ARG A 1 105 ? 4.622   -25.450 -22.500 1.00 51.20 ? 105 ARG A NH2 1 
ATOM   793 N  N   . ILE A 1 106 ? 2.215   -24.792 -15.246 1.00 32.54 ? 106 ILE A N   1 
ATOM   794 C  CA  . ILE A 1 106 ? 2.277   -23.362 -14.970 1.00 32.06 ? 106 ILE A CA  1 
ATOM   795 C  C   . ILE A 1 106 ? 3.592   -23.048 -14.282 1.00 31.40 ? 106 ILE A C   1 
ATOM   796 O  O   . ILE A 1 106 ? 4.258   -22.075 -14.621 1.00 32.86 ? 106 ILE A O   1 
ATOM   797 C  CB  . ILE A 1 106 ? 1.126   -22.895 -14.074 1.00 31.13 ? 106 ILE A CB  1 
ATOM   798 C  CG1 . ILE A 1 106 ? -0.201  -23.054 -14.821 1.00 32.65 ? 106 ILE A CG1 1 
ATOM   799 C  CG2 . ILE A 1 106 ? 1.365   -21.451 -13.632 1.00 29.72 ? 106 ILE A CG2 1 
ATOM   800 C  CD1 . ILE A 1 106 ? -0.204  -22.473 -16.230 1.00 32.65 ? 106 ILE A CD1 1 
ATOM   801 N  N   . HIS A 1 107 ? 3.970   -23.881 -13.321 1.00 30.72 ? 107 HIS A N   1 
ATOM   802 C  CA  . HIS A 1 107 ? 5.223   -23.673 -12.619 1.00 32.89 ? 107 HIS A CA  1 
ATOM   803 C  C   . HIS A 1 107 ? 6.403   -23.736 -13.577 1.00 34.18 ? 107 HIS A C   1 
ATOM   804 O  O   . HIS A 1 107 ? 7.337   -22.948 -13.458 1.00 35.73 ? 107 HIS A O   1 
ATOM   805 C  CB  . HIS A 1 107 ? 5.401   -24.700 -11.492 1.00 32.07 ? 107 HIS A CB  1 
ATOM   806 C  CG  . HIS A 1 107 ? 4.517   -24.456 -10.309 1.00 33.07 ? 107 HIS A CG  1 
ATOM   807 N  ND1 . HIS A 1 107 ? 4.593   -25.204 -9.148  1.00 32.43 ? 107 HIS A ND1 1 
ATOM   808 C  CD2 . HIS A 1 107 ? 3.514   -23.565 -10.106 1.00 32.45 ? 107 HIS A CD2 1 
ATOM   809 C  CE1 . HIS A 1 107 ? 3.681   -24.791 -8.296  1.00 33.36 ? 107 HIS A CE1 1 
ATOM   810 N  NE2 . HIS A 1 107 ? 3.008   -23.794 -8.848  1.00 31.39 ? 107 HIS A NE2 1 
ATOM   811 N  N   . ALA A 1 108 ? 6.356   -24.663 -14.531 1.00 34.23 ? 108 ALA A N   1 
ATOM   812 C  CA  . ALA A 1 108 ? 7.439   -24.814 -15.503 1.00 34.03 ? 108 ALA A CA  1 
ATOM   813 C  C   . ALA A 1 108 ? 7.562   -23.584 -16.390 1.00 32.75 ? 108 ALA A C   1 
ATOM   814 O  O   . ALA A 1 108 ? 8.670   -23.126 -16.658 1.00 32.74 ? 108 ALA A O   1 
ATOM   815 C  CB  . ALA A 1 108 ? 7.215   -26.062 -16.370 1.00 33.25 ? 108 ALA A CB  1 
ATOM   816 N  N   . LEU A 1 109 ? 6.430   -23.063 -16.852 1.00 33.51 ? 109 LEU A N   1 
ATOM   817 C  CA  . LEU A 1 109 ? 6.430   -21.865 -17.690 1.00 35.69 ? 109 LEU A CA  1 
ATOM   818 C  C   . LEU A 1 109 ? 6.981   -20.688 -16.891 1.00 36.37 ? 109 LEU A C   1 
ATOM   819 O  O   . LEU A 1 109 ? 7.773   -19.897 -17.393 1.00 37.74 ? 109 LEU A O   1 
ATOM   820 C  CB  . LEU A 1 109 ? 5.014   -21.532 -18.159 1.00 35.37 ? 109 LEU A CB  1 
ATOM   821 C  CG  . LEU A 1 109 ? 4.438   -22.389 -19.279 1.00 37.75 ? 109 LEU A CG  1 
ATOM   822 C  CD1 . LEU A 1 109 ? 2.983   -22.002 -19.493 1.00 35.42 ? 109 LEU A CD1 1 
ATOM   823 C  CD2 . LEU A 1 109 ? 5.248   -22.190 -20.555 1.00 36.70 ? 109 LEU A CD2 1 
ATOM   824 N  N   . LEU A 1 110 ? 6.551   -20.577 -15.641 1.00 35.75 ? 110 LEU A N   1 
ATOM   825 C  CA  . LEU A 1 110 ? 7.031   -19.508 -14.775 1.00 37.42 ? 110 LEU A CA  1 
ATOM   826 C  C   . LEU A 1 110 ? 8.553   -19.570 -14.723 1.00 36.36 ? 110 LEU A C   1 
ATOM   827 O  O   . LEU A 1 110 ? 9.238   -18.567 -14.900 1.00 33.71 ? 110 LEU A O   1 
ATOM   828 C  CB  . LEU A 1 110 ? 6.466   -19.675 -13.367 1.00 36.31 ? 110 LEU A CB  1 
ATOM   829 C  CG  . LEU A 1 110 ? 5.613   -18.565 -12.764 1.00 36.78 ? 110 LEU A CG  1 
ATOM   830 C  CD1 . LEU A 1 110 ? 4.692   -17.952 -13.764 1.00 37.07 ? 110 LEU A CD1 1 
ATOM   831 C  CD2 . LEU A 1 110 ? 4.800   -19.177 -11.654 1.00 38.40 ? 110 LEU A CD2 1 
ATOM   832 N  N   . ASP A 1 111 ? 9.074   -20.767 -14.481 1.00 37.84 ? 111 ASP A N   1 
ATOM   833 C  CA  . ASP A 1 111 ? 10.512  -20.953 -14.400 1.00 40.11 ? 111 ASP A CA  1 
ATOM   834 C  C   . ASP A 1 111 ? 11.220  -20.642 -15.711 1.00 41.01 ? 111 ASP A C   1 
ATOM   835 O  O   . ASP A 1 111 ? 12.270  -20.005 -15.709 1.00 40.87 ? 111 ASP A O   1 
ATOM   836 C  CB  . ASP A 1 111 ? 10.840  -22.373 -13.946 1.00 41.32 ? 111 ASP A CB  1 
ATOM   837 C  CG  . ASP A 1 111 ? 10.530  -22.594 -12.480 1.00 44.15 ? 111 ASP A CG  1 
ATOM   838 O  OD1 . ASP A 1 111 ? 10.767  -21.662 -11.676 1.00 46.54 ? 111 ASP A OD1 1 
ATOM   839 O  OD2 . ASP A 1 111 ? 10.063  -23.697 -12.126 1.00 45.58 ? 111 ASP A OD2 1 
ATOM   840 N  N   . GLN A 1 112 ? 10.635  -21.069 -16.828 1.00 41.40 ? 112 GLN A N   1 
ATOM   841 C  CA  . GLN A 1 112 ? 11.238  -20.824 -18.136 1.00 43.35 ? 112 GLN A CA  1 
ATOM   842 C  C   . GLN A 1 112 ? 11.373  -19.335 -18.381 1.00 42.57 ? 112 GLN A C   1 
ATOM   843 O  O   . GLN A 1 112 ? 12.446  -18.853 -18.732 1.00 42.85 ? 112 GLN A O   1 
ATOM   844 C  CB  . GLN A 1 112 ? 10.397  -21.436 -19.261 1.00 45.57 ? 112 GLN A CB  1 
ATOM   845 C  CG  . GLN A 1 112 ? 10.316  -22.953 -19.239 1.00 50.34 ? 112 GLN A CG  1 
ATOM   846 C  CD  . GLN A 1 112 ? 9.379   -23.510 -20.311 1.00 53.50 ? 112 GLN A CD  1 
ATOM   847 O  OE1 . GLN A 1 112 ? 8.940   -24.660 -20.229 1.00 55.23 ? 112 GLN A OE1 1 
ATOM   848 N  NE2 . GLN A 1 112 ? 9.080   -22.697 -21.326 1.00 53.26 ? 112 GLN A NE2 1 
ATOM   849 N  N   . VAL A 1 113 ? 10.273  -18.610 -18.212 1.00 41.57 ? 113 VAL A N   1 
ATOM   850 C  CA  . VAL A 1 113 ? 10.286  -17.170 -18.406 1.00 42.82 ? 113 VAL A CA  1 
ATOM   851 C  C   . VAL A 1 113 ? 11.283  -16.523 -17.452 1.00 44.09 ? 113 VAL A C   1 
ATOM   852 O  O   . VAL A 1 113 ? 12.031  -15.633 -17.840 1.00 44.49 ? 113 VAL A O   1 
ATOM   853 C  CB  . VAL A 1 113 ? 8.905   -16.558 -18.150 1.00 42.46 ? 113 VAL A CB  1 
ATOM   854 C  CG1 . VAL A 1 113 ? 8.965   -15.052 -18.323 1.00 41.10 ? 113 VAL A CG1 1 
ATOM   855 C  CG2 . VAL A 1 113 ? 7.891   -17.169 -19.097 1.00 41.86 ? 113 VAL A CG2 1 
ATOM   856 N  N   . ALA A 1 114 ? 11.302  -16.974 -16.205 1.00 45.70 ? 114 ALA A N   1 
ATOM   857 C  CA  . ALA A 1 114 ? 12.227  -16.401 -15.240 1.00 49.14 ? 114 ALA A CA  1 
ATOM   858 C  C   . ALA A 1 114 ? 13.671  -16.572 -15.681 1.00 51.75 ? 114 ALA A C   1 
ATOM   859 O  O   . ALA A 1 114 ? 14.507  -15.724 -15.381 1.00 52.89 ? 114 ALA A O   1 
ATOM   860 C  CB  . ALA A 1 114 ? 12.039  -17.027 -13.900 1.00 47.13 ? 114 ALA A CB  1 
ATOM   861 N  N   . GLU A 1 115 ? 13.975  -17.666 -16.374 1.00 54.36 ? 115 GLU A N   1 
ATOM   862 C  CA  . GLU A 1 115 ? 15.343  -17.886 -16.832 1.00 58.74 ? 115 GLU A CA  1 
ATOM   863 C  C   . GLU A 1 115 ? 15.706  -16.979 -18.002 1.00 60.57 ? 115 GLU A C   1 
ATOM   864 O  O   . GLU A 1 115 ? 16.848  -16.533 -18.105 1.00 60.80 ? 115 GLU A O   1 
ATOM   865 C  CB  . GLU A 1 115 ? 15.582  -19.350 -17.237 1.00 59.34 ? 115 GLU A CB  1 
ATOM   866 C  CG  . GLU A 1 115 ? 15.868  -20.298 -16.076 1.00 62.44 ? 115 GLU A CG  1 
ATOM   867 C  CD  . GLU A 1 115 ? 16.276  -21.702 -16.529 1.00 64.79 ? 115 GLU A CD  1 
ATOM   868 O  OE1 . GLU A 1 115 ? 16.271  -21.971 -17.751 1.00 66.23 ? 115 GLU A OE1 1 
ATOM   869 O  OE2 . GLU A 1 115 ? 16.599  -22.544 -15.660 1.00 64.13 ? 115 GLU A OE2 1 
ATOM   870 N  N   . SER A 1 116 ? 14.744  -16.706 -18.882 1.00 62.84 ? 116 SER A N   1 
ATOM   871 C  CA  . SER A 1 116 ? 15.004  -15.846 -20.036 1.00 66.18 ? 116 SER A CA  1 
ATOM   872 C  C   . SER A 1 116 ? 15.285  -14.435 -19.543 1.00 68.34 ? 116 SER A C   1 
ATOM   873 O  O   . SER A 1 116 ? 15.758  -13.576 -20.289 1.00 68.99 ? 116 SER A O   1 
ATOM   874 C  CB  . SER A 1 116 ? 13.808  -15.829 -20.983 1.00 65.67 ? 116 SER A CB  1 
ATOM   875 O  OG  . SER A 1 116 ? 12.712  -15.153 -20.397 1.00 69.64 ? 116 SER A OG  1 
ATOM   876 N  N   . ARG A 1 117 ? 14.990  -14.203 -18.271 1.00 70.84 ? 117 ARG A N   1 
ATOM   877 C  CA  . ARG A 1 117 ? 15.221  -12.903 -17.656 1.00 72.60 ? 117 ARG A CA  1 
ATOM   878 C  C   . ARG A 1 117 ? 16.373  -13.020 -16.694 1.00 74.27 ? 117 ARG A C   1 
ATOM   879 O  O   . ARG A 1 117 ? 16.288  -13.607 -15.625 1.00 74.66 ? 117 ARG A O   1 
ATOM   880 C  CB  . ARG A 1 117 ? 13.951  -12.411 -16.981 1.00 71.65 ? 117 ARG A CB  1 
ATOM   881 C  CG  . ARG A 1 117 ? 12.963  -11.865 -17.994 1.00 70.75 ? 117 ARG A CG  1 
ATOM   882 C  CD  . ARG A 1 117 ? 11.541  -11.882 -17.498 1.00 70.16 ? 117 ARG A CD  1 
ATOM   883 N  NE  . ARG A 1 117 ? 10.636  -11.239 -18.447 1.00 68.19 ? 117 ARG A NE  1 
ATOM   884 C  CZ  . ARG A 1 117 ? 10.481  -11.607 -19.713 1.00 68.79 ? 117 ARG A CZ  1 
ATOM   885 N  NH1 . ARG A 1 117 ? 9.629   -10.948 -20.484 1.00 68.04 ? 117 ARG A NH1 1 
ATOM   886 N  NH2 . ARG A 1 117 ? 11.169  -12.632 -20.211 1.00 68.89 ? 117 ARG A NH2 1 
ATOM   887 N  N   . GLY A 1 118 ? 17.464  -12.433 -17.148 1.00 76.09 ? 118 GLY A N   1 
ATOM   888 C  CA  . GLY A 1 118 ? 18.736  -12.483 -16.477 1.00 77.68 ? 118 GLY A CA  1 
ATOM   889 C  C   . GLY A 1 118 ? 19.620  -13.030 -17.594 1.00 79.29 ? 118 GLY A C   1 
ATOM   890 O  O   . GLY A 1 118 ? 20.351  -12.237 -18.193 1.00 80.37 ? 118 GLY A O   1 
HETATM 891 C  C1  . MPD B 2 .   ? -5.425  -24.089 -11.623 1.00 59.91 ? 130 MPD A C1  1 
HETATM 892 C  C2  . MPD B 2 .   ? -4.097  -24.379 -12.144 1.00 60.22 ? 130 MPD A C2  1 
HETATM 893 O  O2  . MPD B 2 .   ? -4.016  -25.866 -11.952 1.00 58.54 ? 130 MPD A O2  1 
HETATM 894 C  CM  . MPD B 2 .   ? -4.010  -24.040 -13.537 1.00 59.87 ? 130 MPD A CM  1 
HETATM 895 C  C3  . MPD B 2 .   ? -3.220  -23.337 -11.365 1.00 61.43 ? 130 MPD A C3  1 
HETATM 896 C  C4  . MPD B 2 .   ? -3.056  -23.853 -9.889  1.00 62.77 ? 130 MPD A C4  1 
HETATM 897 O  O4  . MPD B 2 .   ? -1.688  -24.737 -9.840  1.00 64.86 ? 130 MPD A O4  1 
HETATM 898 C  C5  . MPD B 2 .   ? -2.483  -22.801 -9.072  1.00 64.50 ? 130 MPD A C5  1 
HETATM 899 O  O   . HOH C 3 .   ? -8.780  -10.244 -9.528  1.00 48.43 ? 131 HOH A O   1 
HETATM 900 O  O   . HOH C 3 .   ? 4.719   21.784  5.833   1.00 52.42 ? 132 HOH A O   1 
HETATM 901 O  O   . HOH C 3 .   ? 1.962   1.569   18.165  1.00 53.13 ? 133 HOH A O   1 
HETATM 902 O  O   . HOH C 3 .   ? 10.964  6.941   15.105  1.00 44.73 ? 134 HOH A O   1 
HETATM 903 O  O   . HOH C 3 .   ? 0.214   -30.436 -11.452 1.00 41.82 ? 135 HOH A O   1 
HETATM 904 O  O   . HOH C 3 .   ? -3.487  25.284  2.390   1.00 50.19 ? 136 HOH A O   1 
HETATM 905 O  O   . HOH C 3 .   ? -11.818 -19.468 -15.959 1.00 46.74 ? 137 HOH A O   1 
HETATM 906 O  O   . HOH C 3 .   ? 21.498  -16.249 -18.263 1.00 52.05 ? 138 HOH A O   1 
HETATM 907 O  O   . HOH C 3 .   ? -7.979  -14.030 -17.537 1.00 43.06 ? 139 HOH A O   1 
HETATM 908 O  O   . HOH C 3 .   ? 1.825   -30.718 -9.128  1.00 40.65 ? 140 HOH A O   1 
HETATM 909 O  O   . HOH C 3 .   ? 1.055   -22.891 -7.280  1.00 42.42 ? 141 HOH A O   1 
HETATM 910 O  O   . HOH C 3 .   ? 5.202   -2.185  -1.810  1.00 51.27 ? 142 HOH A O   1 
HETATM 911 O  O   . HOH C 3 .   ? 13.036  -20.089 -11.362 1.00 54.69 ? 143 HOH A O   1 
HETATM 912 O  O   . HOH C 3 .   ? -5.313  3.516   13.819  1.00 52.49 ? 144 HOH A O   1 
HETATM 913 O  O   . HOH C 3 .   ? -9.618  -26.258 -16.199 1.00 46.49 ? 145 HOH A O   1 
HETATM 914 O  O   . HOH C 3 .   ? 10.644  18.230  14.126  1.00 74.94 ? 146 HOH A O   1 
HETATM 915 O  O   . HOH C 3 .   ? 0.263   -2.697  -11.237 1.00 45.82 ? 147 HOH A O   1 
HETATM 916 O  O   . HOH C 3 .   ? 9.313   -7.241  2.802   1.00 62.45 ? 148 HOH A O   1 
HETATM 917 O  O   . HOH C 3 .   ? -1.305  2.362   -2.461  1.00 57.72 ? 149 HOH A O   1 
HETATM 918 O  O   . HOH C 3 .   ? -4.709  -7.460  -15.008 1.00 52.85 ? 150 HOH A O   1 
HETATM 919 O  O   . HOH C 3 .   ? 4.225   2.611   -4.670  1.00 72.70 ? 151 HOH A O   1 
HETATM 920 O  O   . HOH C 3 .   ? -3.716  10.658  23.170  1.00 53.89 ? 152 HOH A O   1 
HETATM 921 O  O   . HOH C 3 .   ? 0.404   -32.800 -12.892 1.00 53.03 ? 153 HOH A O   1 
HETATM 922 O  O   . HOH C 3 .   ? 6.719   -28.235 -12.972 1.00 54.83 ? 154 HOH A O   1 
HETATM 923 O  O   . HOH C 3 .   ? -13.161 -21.722 -17.483 1.00 54.32 ? 155 HOH A O   1 
HETATM 924 O  O   . HOH C 3 .   ? 3.129   -5.099  11.490  1.00 62.68 ? 156 HOH A O   1 
HETATM 925 O  O   . HOH C 3 .   ? -4.224  -17.088 -24.236 1.00 59.95 ? 157 HOH A O   1 
HETATM 926 O  O   . HOH C 3 .   ? -8.958  0.300   13.797  1.00 81.36 ? 158 HOH A O   1 
HETATM 927 O  O   . HOH C 3 .   ? -8.022  12.498  21.056  1.00 77.59 ? 159 HOH A O   1 
HETATM 928 O  O   . HOH C 3 .   ? -11.869 -17.443 -18.232 1.00 71.88 ? 160 HOH A O   1 
HETATM 929 O  O   . HOH C 3 .   ? -12.597 13.193  -3.579  1.00 48.28 ? 161 HOH A O   1 
HETATM 930 O  O   . HOH C 3 .   ? 6.219   11.366  3.058   1.00 52.97 ? 162 HOH A O   1 
HETATM 931 O  O   . HOH C 3 .   ? 2.105   0.470   -5.192  1.00 73.05 ? 163 HOH A O   1 
HETATM 932 O  O   . HOH C 3 .   ? -7.181  13.486  13.047  1.00 60.87 ? 164 HOH A O   1 
HETATM 933 O  O   . HOH C 3 .   ? -10.984 15.213  15.222  1.00 61.27 ? 165 HOH A O   1 
HETATM 934 O  O   . HOH C 3 .   ? -13.589 -24.883 -16.169 1.00 58.78 ? 166 HOH A O   1 
HETATM 935 O  O   . HOH C 3 .   ? -2.048  1.991   18.864  1.00 77.66 ? 167 HOH A O   1 
HETATM 936 O  O   . HOH C 3 .   ? 7.300   19.063  7.038   1.00 63.70 ? 168 HOH A O   1 
HETATM 937 O  O   . HOH C 3 .   ? 11.522  15.810  10.638  1.00 61.05 ? 169 HOH A O   1 
HETATM 938 O  O   . HOH C 3 .   ? 7.895   24.324  5.643   1.00 66.10 ? 170 HOH A O   1 
HETATM 939 O  O   . HOH C 3 .   ? -6.427  -6.857  9.615   1.00 57.92 ? 171 HOH A O   1 
HETATM 940 O  O   . HOH C 3 .   ? -1.579  -3.693  -8.824  1.00 53.74 ? 172 HOH A O   1 
HETATM 941 O  O   . HOH C 3 .   ? -15.867 -20.641 -23.174 1.00 60.25 ? 173 HOH A O   1 
HETATM 942 O  O   . HOH C 3 .   ? 5.020   -29.695 -16.893 1.00 62.68 ? 174 HOH A O   1 
HETATM 943 O  O   . HOH C 3 .   ? 15.193  -9.076  -14.960 1.00 58.98 ? 175 HOH A O   1 
HETATM 944 O  O   . HOH C 3 .   ? 21.071  -10.166 -19.210 1.00 79.15 ? 176 HOH A O   1 
HETATM 945 O  O   . HOH C 3 .   ? -1.249  12.809  -10.644 1.00 65.11 ? 177 HOH A O   1 
# 
